data_3TUI
#
_entry.id   3TUI
#
_cell.length_a   83.430
_cell.length_b   140.080
_cell.length_c   150.070
_cell.angle_alpha   90.00
_cell.angle_beta   96.39
_cell.angle_gamma   90.00
#
_symmetry.space_group_name_H-M   'P 1 21 1'
#
loop_
_entity.id
_entity.type
_entity.pdbx_description
1 polymer 'D-methionine transport system permease protein metI'
2 polymer 'Methionine import ATP-binding protein MetN'
3 non-polymer "ADENOSINE-5'-DIPHOSPHATE"
4 water water
#
loop_
_entity_poly.entity_id
_entity_poly.type
_entity_poly.pdbx_seq_one_letter_code
_entity_poly.pdbx_strand_id
1 'polypeptide(L)'
;MSEPMMWLLVRGVWETLAMTFVSGFFGFVIGLPVGVLLYVTRPGQIIANAKLYRTVSAIVNIFRSIPFIILLVWMIPFTR
VIVGTSIGLQAAIVPLTVGAAPFIARMVENALLEIPTGLIEASRAMGATPMQIVRKVLLPEALPGLVNAATITLITLVGY
SAMGGAVGAGGLGQIGYQYGYIGYNATVMNTVLVLLVILVYLIQFAGDRIVRAVTRK
;
A,B,E,F
2 'polypeptide(L)'
;MGHHHHHHHHHHSSGHIDDDDKHMIKLSNITKVFHQGTRTIQALNNVSLHVPAGQIYGVIGASGAGKSTLIRCVNLLERP
TEGSVLVDGQELTTLSESELTKARRQIGMIFQHFNLLSSRTVFGNVALPLELDNTPKDEVKRRVTELLSLVGLGDKHDSY
PSNLSGGQKQRVAIARALASNPKVLLCDQATSALDPATTRSILELLKDINRRLGLTILLITHEMDVVKRICDCVAVISNG
ELIEQDTVSEVFSHPKTPLAQKFIQSTLHLDIPEDYQERLQAEPFTDCVPMLRLEFTGQSVDAPLLSETARRFNVNNNII
SAQMDYAGGVKFGIMLTEMHGTQQDTQAAIAWLQEHHVKVEVLGYV
;
C,D,G,H
#
loop_
_chem_comp.id
_chem_comp.type
_chem_comp.name
_chem_comp.formula
ADP non-polymer ADENOSINE-5'-DIPHOSPHATE 'C10 H15 N5 O10 P2'
#
# COMPACT_ATOMS: atom_id res chain seq x y z
N MET A 1 73.17 -15.30 -38.49
CA MET A 1 73.65 -14.50 -37.36
C MET A 1 75.17 -14.54 -37.14
N SER A 2 75.76 -13.40 -36.80
CA SER A 2 77.19 -13.33 -36.51
C SER A 2 77.48 -13.92 -35.17
N GLU A 3 78.56 -14.69 -35.09
CA GLU A 3 78.99 -15.24 -33.82
C GLU A 3 79.27 -14.18 -32.74
N PRO A 4 79.74 -12.99 -33.14
CA PRO A 4 79.89 -11.99 -32.07
C PRO A 4 78.53 -11.51 -31.55
N MET A 5 77.48 -11.68 -32.35
CA MET A 5 76.12 -11.35 -31.91
C MET A 5 75.52 -12.36 -30.93
N MET A 6 75.56 -13.63 -31.31
CA MET A 6 75.05 -14.68 -30.45
C MET A 6 75.61 -14.48 -29.04
N TRP A 7 76.90 -14.22 -28.95
CA TRP A 7 77.52 -14.03 -27.65
C TRP A 7 77.01 -12.76 -26.95
N LEU A 8 76.49 -11.82 -27.74
CA LEU A 8 76.05 -10.52 -27.22
C LEU A 8 74.64 -10.60 -26.64
N LEU A 9 73.79 -11.30 -27.37
CA LEU A 9 72.49 -11.73 -26.90
C LEU A 9 72.52 -12.37 -25.51
N VAL A 10 73.45 -13.29 -25.36
CA VAL A 10 73.64 -14.01 -24.11
C VAL A 10 74.08 -13.08 -22.96
N ARG A 11 74.73 -11.97 -23.26
CA ARG A 11 74.85 -10.97 -22.21
C ARG A 11 73.45 -10.44 -21.88
N GLY A 12 72.73 -9.98 -22.90
CA GLY A 12 71.43 -9.35 -22.69
C GLY A 12 70.40 -10.21 -21.98
N VAL A 13 70.25 -11.43 -22.47
CA VAL A 13 69.45 -12.44 -21.79
C VAL A 13 69.84 -12.44 -20.32
N TRP A 14 71.13 -12.35 -20.04
CA TRP A 14 71.58 -12.26 -18.67
C TRP A 14 71.30 -10.90 -18.08
N GLU A 15 71.73 -9.86 -18.79
CA GLU A 15 71.57 -8.49 -18.30
C GLU A 15 70.08 -8.17 -18.11
N THR A 16 69.22 -8.91 -18.82
CA THR A 16 67.77 -8.82 -18.61
C THR A 16 67.29 -9.55 -17.34
N LEU A 17 67.72 -10.79 -17.17
CA LEU A 17 67.32 -11.56 -16.01
C LEU A 17 67.82 -10.84 -14.77
N ALA A 18 69.02 -10.29 -14.92
CA ALA A 18 69.71 -9.54 -13.89
C ALA A 18 68.84 -8.41 -13.35
N MET A 19 68.62 -7.43 -14.21
CA MET A 19 67.84 -6.24 -13.93
C MET A 19 66.49 -6.62 -13.33
N THR A 20 65.76 -7.45 -14.09
CA THR A 20 64.38 -7.81 -13.79
C THR A 20 64.28 -8.43 -12.40
N PHE A 21 65.04 -9.50 -12.16
CA PHE A 21 65.00 -10.20 -10.87
C PHE A 21 65.53 -9.40 -9.69
N VAL A 22 66.65 -8.70 -9.87
CA VAL A 22 67.18 -7.81 -8.85
C VAL A 22 66.23 -6.63 -8.51
N SER A 23 65.78 -5.90 -9.52
CA SER A 23 64.81 -4.85 -9.29
C SER A 23 63.63 -5.42 -8.54
N GLY A 24 63.20 -6.62 -8.91
CA GLY A 24 62.05 -7.22 -8.29
C GLY A 24 62.27 -7.30 -6.80
N PHE A 25 63.37 -7.97 -6.44
CA PHE A 25 63.75 -8.21 -5.06
C PHE A 25 63.73 -6.92 -4.23
N PHE A 26 64.43 -5.92 -4.69
CA PHE A 26 64.50 -4.68 -3.95
C PHE A 26 63.12 -4.05 -3.83
N GLY A 27 62.36 -4.15 -4.90
CA GLY A 27 61.02 -3.58 -4.93
C GLY A 27 60.09 -4.18 -3.89
N PHE A 28 60.31 -5.46 -3.59
CA PHE A 28 59.53 -6.13 -2.58
C PHE A 28 60.06 -5.80 -1.18
N VAL A 29 61.38 -5.79 -1.02
CA VAL A 29 61.96 -5.40 0.26
C VAL A 29 61.34 -4.06 0.70
N ILE A 30 60.94 -3.24 -0.27
CA ILE A 30 60.24 -1.99 0.02
C ILE A 30 58.70 -2.13 -0.05
N GLY A 31 58.13 -2.36 -1.23
CA GLY A 31 56.67 -2.41 -1.37
C GLY A 31 55.94 -3.31 -0.37
N LEU A 32 56.61 -4.40 0.03
CA LEU A 32 56.03 -5.40 0.93
C LEU A 32 55.67 -4.82 2.31
N PRO A 33 56.65 -4.24 3.00
CA PRO A 33 56.39 -3.48 4.23
C PRO A 33 55.50 -2.28 3.96
N VAL A 34 55.63 -1.67 2.79
CA VAL A 34 54.75 -0.54 2.48
C VAL A 34 53.32 -1.04 2.41
N GLY A 35 53.13 -2.15 1.67
CA GLY A 35 51.82 -2.74 1.50
C GLY A 35 51.19 -3.11 2.82
N VAL A 36 51.91 -3.89 3.61
CA VAL A 36 51.48 -4.27 4.94
C VAL A 36 51.02 -3.07 5.76
N LEU A 37 51.81 -2.01 5.71
CA LEU A 37 51.52 -0.88 6.57
C LEU A 37 50.47 0.03 5.92
N LEU A 38 50.12 -0.26 4.66
CA LEU A 38 48.93 0.29 3.99
C LEU A 38 47.64 -0.42 4.36
N TYR A 39 47.75 -1.72 4.67
CA TYR A 39 46.62 -2.57 5.02
C TYR A 39 46.15 -2.22 6.41
N VAL A 40 47.10 -2.23 7.35
CA VAL A 40 46.78 -1.96 8.76
C VAL A 40 46.09 -0.60 8.96
N THR A 41 46.59 0.44 8.30
CA THR A 41 46.17 1.80 8.63
C THR A 41 44.73 2.15 8.22
N ARG A 42 44.12 1.30 7.39
CA ARG A 42 42.74 1.51 6.97
C ARG A 42 41.76 1.50 8.15
N PRO A 43 40.60 2.15 7.99
CA PRO A 43 39.61 2.07 9.08
C PRO A 43 39.26 0.64 9.50
N GLY A 44 39.26 0.41 10.81
CA GLY A 44 38.84 -0.85 11.36
C GLY A 44 39.97 -1.81 11.69
N GLN A 45 41.12 -1.59 11.05
CA GLN A 45 42.21 -2.55 11.20
C GLN A 45 43.04 -2.27 12.45
N ILE A 46 44.06 -3.11 12.68
CA ILE A 46 44.78 -3.20 13.96
C ILE A 46 45.23 -1.83 14.46
N ILE A 47 45.98 -1.10 13.63
CA ILE A 47 46.23 0.29 13.91
C ILE A 47 45.58 1.15 12.82
N ALA A 48 44.46 1.78 13.15
CA ALA A 48 43.72 2.54 12.16
C ALA A 48 44.09 4.03 12.17
N ASN A 49 44.77 4.47 11.12
CA ASN A 49 45.10 5.88 10.91
C ASN A 49 44.42 6.43 9.67
N ALA A 50 43.42 7.28 9.85
CA ALA A 50 42.77 7.89 8.70
C ALA A 50 43.79 8.63 7.84
N LYS A 51 44.59 9.46 8.50
CA LYS A 51 45.50 10.41 7.83
C LYS A 51 46.81 9.80 7.33
N LEU A 52 47.44 8.97 8.17
CA LEU A 52 48.66 8.27 7.77
C LEU A 52 48.41 7.48 6.48
N TYR A 53 47.29 6.78 6.43
CA TYR A 53 46.92 6.04 5.24
C TYR A 53 46.89 7.00 4.05
N ARG A 54 46.07 8.05 4.13
CA ARG A 54 45.88 8.99 3.02
C ARG A 54 47.20 9.47 2.39
N THR A 55 48.17 9.77 3.25
CA THR A 55 49.48 10.24 2.81
C THR A 55 50.25 9.15 2.03
N VAL A 56 50.43 7.99 2.66
CA VAL A 56 51.12 6.89 2.02
C VAL A 56 50.36 6.44 0.75
N SER A 57 49.03 6.52 0.76
CA SER A 57 48.24 6.06 -0.38
C SER A 57 48.31 7.00 -1.59
N ALA A 58 48.39 8.31 -1.32
CA ALA A 58 48.47 9.30 -2.39
C ALA A 58 49.83 9.25 -3.09
N ILE A 59 50.89 9.05 -2.30
CA ILE A 59 52.26 9.09 -2.81
C ILE A 59 52.54 7.85 -3.67
N VAL A 60 52.08 6.69 -3.20
CA VAL A 60 52.20 5.48 -4.01
C VAL A 60 51.44 5.70 -5.31
N ASN A 61 50.32 6.40 -5.23
CA ASN A 61 49.52 6.67 -6.42
C ASN A 61 50.24 7.63 -7.35
N ILE A 62 50.88 8.63 -6.74
CA ILE A 62 51.75 9.55 -7.48
C ILE A 62 52.89 8.80 -8.15
N PHE A 63 53.65 8.05 -7.36
CA PHE A 63 54.76 7.30 -7.92
C PHE A 63 54.30 6.32 -9.00
N ARG A 64 53.16 5.70 -8.77
CA ARG A 64 52.65 4.68 -9.68
C ARG A 64 52.15 5.32 -10.96
N SER A 65 51.78 6.59 -10.86
CA SER A 65 51.15 7.30 -11.98
C SER A 65 52.17 7.93 -12.95
N ILE A 66 53.46 7.80 -12.65
CA ILE A 66 54.54 8.30 -13.53
C ILE A 66 55.06 7.28 -14.53
N PRO A 67 54.73 7.43 -15.83
CA PRO A 67 55.10 6.36 -16.79
C PRO A 67 56.58 6.02 -16.70
N PHE A 68 56.94 4.73 -16.61
CA PHE A 68 58.28 4.36 -16.17
C PHE A 68 59.40 5.09 -16.88
N ILE A 69 59.30 5.20 -18.20
CA ILE A 69 60.37 5.84 -18.93
C ILE A 69 60.60 7.22 -18.32
N ILE A 70 59.54 8.03 -18.23
CA ILE A 70 59.59 9.33 -17.53
C ILE A 70 60.12 9.24 -16.10
N LEU A 71 59.81 8.15 -15.41
CA LEU A 71 60.41 7.98 -14.11
C LEU A 71 61.92 7.90 -14.27
N LEU A 72 62.38 7.05 -15.19
CA LEU A 72 63.81 6.81 -15.38
C LEU A 72 64.62 8.09 -15.69
N VAL A 73 64.14 8.79 -16.72
CA VAL A 73 64.75 10.04 -17.20
C VAL A 73 64.79 11.12 -16.13
N TRP A 74 63.67 11.31 -15.45
CA TRP A 74 63.60 12.28 -14.35
C TRP A 74 64.52 11.89 -13.21
N MET A 75 64.92 10.63 -13.21
CA MET A 75 65.71 10.07 -12.12
C MET A 75 67.19 10.05 -12.41
N ILE A 76 67.57 10.54 -13.59
CA ILE A 76 68.97 10.50 -14.00
C ILE A 76 69.94 11.05 -12.93
N PRO A 77 69.71 12.29 -12.48
CA PRO A 77 70.49 12.85 -11.37
C PRO A 77 70.54 11.99 -10.12
N PHE A 78 69.39 11.51 -9.65
CA PHE A 78 69.32 10.61 -8.51
C PHE A 78 70.34 9.48 -8.65
N THR A 79 70.31 8.85 -9.83
CA THR A 79 71.01 7.60 -10.07
C THR A 79 72.50 7.78 -9.90
N ARG A 80 73.01 8.82 -10.55
CA ARG A 80 74.42 9.12 -10.55
C ARG A 80 74.85 9.40 -9.11
N VAL A 81 74.13 10.28 -8.44
CA VAL A 81 74.41 10.59 -7.04
C VAL A 81 74.53 9.33 -6.19
N ILE A 82 73.60 8.40 -6.33
CA ILE A 82 73.68 7.16 -5.56
C ILE A 82 74.65 6.12 -6.13
N VAL A 83 74.55 5.89 -7.44
CA VAL A 83 75.39 4.89 -8.09
C VAL A 83 76.78 5.46 -8.41
N GLY A 84 76.81 6.69 -8.91
CA GLY A 84 78.02 7.26 -9.48
C GLY A 84 77.99 7.13 -10.99
N THR A 85 76.85 6.69 -11.49
CA THR A 85 76.64 6.46 -12.92
C THR A 85 75.16 6.59 -13.29
N SER A 86 74.90 7.10 -14.48
CA SER A 86 73.57 7.00 -15.08
C SER A 86 73.53 5.85 -16.09
N ILE A 87 74.65 5.18 -16.26
CA ILE A 87 74.77 4.21 -17.33
C ILE A 87 74.88 2.79 -16.80
N GLY A 88 74.22 1.87 -17.50
CA GLY A 88 74.49 0.45 -17.33
C GLY A 88 73.52 -0.38 -16.52
N LEU A 89 74.02 -1.58 -16.20
CA LEU A 89 73.25 -2.68 -15.67
C LEU A 89 72.80 -2.36 -14.26
N GLN A 90 73.72 -1.91 -13.42
CA GLN A 90 73.38 -1.65 -12.02
C GLN A 90 72.75 -0.26 -11.84
N ALA A 91 73.02 0.63 -12.77
CA ALA A 91 72.39 1.94 -12.75
C ALA A 91 70.89 1.82 -13.00
N ALA A 92 70.54 0.93 -13.92
CA ALA A 92 69.15 0.63 -14.27
C ALA A 92 68.31 0.30 -13.05
N ILE A 93 68.88 -0.53 -12.18
CA ILE A 93 68.23 -1.06 -10.98
C ILE A 93 67.67 -0.01 -10.02
N VAL A 94 68.25 1.17 -9.97
CA VAL A 94 67.72 2.19 -9.09
C VAL A 94 66.29 2.66 -9.45
N PRO A 95 66.10 3.18 -10.69
CA PRO A 95 64.80 3.61 -11.23
C PRO A 95 63.81 2.43 -11.34
N LEU A 96 64.38 1.30 -11.73
CA LEU A 96 63.65 0.11 -12.07
C LEU A 96 62.96 -0.41 -10.80
N THR A 97 63.61 -0.27 -9.65
CA THR A 97 62.94 -0.61 -8.39
C THR A 97 62.04 0.50 -7.89
N VAL A 98 62.41 1.74 -8.14
CA VAL A 98 61.53 2.80 -7.71
C VAL A 98 60.23 2.66 -8.48
N GLY A 99 60.34 2.06 -9.67
CA GLY A 99 59.18 1.92 -10.56
C GLY A 99 58.31 0.74 -10.18
N ALA A 100 58.93 -0.21 -9.49
CA ALA A 100 58.28 -1.41 -8.95
C ALA A 100 57.61 -1.29 -7.59
N ALA A 101 58.07 -0.39 -6.72
CA ALA A 101 57.53 -0.37 -5.34
C ALA A 101 56.02 -0.09 -5.27
N PRO A 102 55.57 0.97 -5.95
CA PRO A 102 54.13 1.25 -5.97
C PRO A 102 53.29 0.07 -6.50
N PHE A 103 53.61 -0.53 -7.65
CA PHE A 103 52.93 -1.77 -8.06
C PHE A 103 52.86 -2.76 -6.93
N ILE A 104 54.02 -3.00 -6.33
CA ILE A 104 54.10 -4.08 -5.38
C ILE A 104 53.25 -3.76 -4.13
N ALA A 105 53.48 -2.59 -3.51
CA ALA A 105 52.74 -2.27 -2.28
C ALA A 105 51.23 -2.31 -2.47
N ARG A 106 50.74 -1.66 -3.52
CA ARG A 106 49.32 -1.74 -3.82
C ARG A 106 48.83 -3.18 -3.91
N MET A 107 49.58 -4.03 -4.61
CA MET A 107 49.19 -5.43 -4.72
C MET A 107 49.18 -6.15 -3.41
N VAL A 108 50.24 -5.95 -2.64
CA VAL A 108 50.34 -6.62 -1.34
C VAL A 108 49.12 -6.35 -0.45
N GLU A 109 48.75 -5.07 -0.33
CA GLU A 109 47.56 -4.68 0.43
C GLU A 109 46.29 -5.28 -0.17
N ASN A 110 46.16 -5.24 -1.48
CA ASN A 110 45.02 -5.87 -2.08
C ASN A 110 45.01 -7.37 -1.79
N ALA A 111 46.19 -7.99 -1.77
CA ALA A 111 46.25 -9.40 -1.39
C ALA A 111 45.85 -9.56 0.08
N LEU A 112 46.44 -8.76 0.97
CA LEU A 112 46.05 -8.87 2.35
C LEU A 112 44.52 -8.70 2.48
N LEU A 113 43.91 -7.80 1.71
CA LEU A 113 42.46 -7.53 1.87
C LEU A 113 41.54 -8.75 1.54
N GLU A 114 42.12 -9.75 0.86
CA GLU A 114 41.48 -11.05 0.57
C GLU A 114 41.28 -11.93 1.79
N ILE A 115 42.07 -11.67 2.83
CA ILE A 115 42.01 -12.42 4.10
C ILE A 115 40.89 -11.95 5.00
N PRO A 116 39.98 -12.87 5.35
CA PRO A 116 38.78 -12.62 6.16
C PRO A 116 39.13 -12.08 7.53
N THR A 117 38.48 -10.99 7.92
CA THR A 117 38.92 -10.21 9.07
C THR A 117 38.81 -10.98 10.39
N GLY A 118 38.04 -12.07 10.36
CA GLY A 118 37.82 -12.88 11.54
C GLY A 118 39.06 -13.66 11.90
N LEU A 119 40.04 -13.62 11.01
CA LEU A 119 41.29 -14.30 11.23
C LEU A 119 42.12 -13.49 12.19
N ILE A 120 42.16 -12.18 11.95
CA ILE A 120 42.74 -11.23 12.91
C ILE A 120 42.17 -11.47 14.30
N GLU A 121 40.84 -11.52 14.33
CA GLU A 121 40.07 -11.58 15.56
C GLU A 121 40.50 -12.82 16.34
N ALA A 122 40.55 -13.96 15.67
CA ALA A 122 41.03 -15.20 16.29
C ALA A 122 42.40 -15.01 16.91
N SER A 123 43.29 -14.34 16.16
CA SER A 123 44.68 -14.09 16.52
C SER A 123 44.83 -13.21 17.75
N ARG A 124 44.13 -12.09 17.79
CA ARG A 124 44.20 -11.24 18.97
C ARG A 124 43.69 -12.01 20.18
N ALA A 125 42.65 -12.80 19.95
CA ALA A 125 42.05 -13.66 20.95
C ALA A 125 43.02 -14.68 21.56
N MET A 126 44.07 -15.06 20.83
CA MET A 126 45.01 -16.01 21.37
C MET A 126 46.12 -15.31 22.13
N GLY A 127 46.04 -13.98 22.14
CA GLY A 127 47.09 -13.14 22.73
C GLY A 127 48.29 -12.99 21.83
N ALA A 128 48.02 -12.73 20.55
CA ALA A 128 49.08 -12.56 19.56
C ALA A 128 49.34 -11.07 19.29
N THR A 129 50.61 -10.76 19.11
CA THR A 129 51.09 -9.39 18.95
C THR A 129 51.09 -8.98 17.48
N PRO A 130 50.83 -7.69 17.20
CA PRO A 130 50.68 -7.19 15.83
C PRO A 130 51.80 -7.61 14.88
N MET A 131 52.99 -7.87 15.40
CA MET A 131 54.06 -8.41 14.57
C MET A 131 53.78 -9.89 14.30
N GLN A 132 53.45 -10.59 15.36
CA GLN A 132 53.12 -12.01 15.29
C GLN A 132 52.01 -12.27 14.27
N ILE A 133 50.99 -11.41 14.28
CA ILE A 133 49.84 -11.60 13.43
C ILE A 133 50.18 -11.46 11.94
N VAL A 134 51.18 -10.64 11.66
CA VAL A 134 51.63 -10.44 10.29
C VAL A 134 52.38 -11.67 9.79
N ARG A 135 53.53 -11.95 10.40
CA ARG A 135 54.42 -12.99 9.92
C ARG A 135 53.89 -14.38 10.20
N LYS A 136 53.15 -14.51 11.30
CA LYS A 136 52.52 -15.78 11.68
C LYS A 136 51.18 -16.07 10.97
N VAL A 137 50.40 -15.02 10.75
CA VAL A 137 49.08 -15.19 10.14
C VAL A 137 48.90 -14.53 8.76
N LEU A 138 48.86 -13.20 8.69
CA LEU A 138 48.51 -12.52 7.45
C LEU A 138 49.31 -12.90 6.20
N LEU A 139 50.63 -12.84 6.27
CA LEU A 139 51.43 -13.13 5.08
C LEU A 139 51.22 -14.55 4.56
N PRO A 140 51.32 -15.54 5.46
CA PRO A 140 51.07 -16.94 5.09
C PRO A 140 49.75 -17.10 4.30
N GLU A 141 48.71 -16.39 4.73
CA GLU A 141 47.40 -16.51 4.13
C GLU A 141 47.29 -15.94 2.71
N ALA A 142 48.06 -14.90 2.41
CA ALA A 142 48.08 -14.33 1.05
C ALA A 142 49.22 -14.87 0.19
N LEU A 143 49.96 -15.84 0.72
CA LEU A 143 51.13 -16.37 0.00
C LEU A 143 50.80 -16.65 -1.48
N PRO A 144 49.67 -17.33 -1.73
CA PRO A 144 49.23 -17.44 -3.12
C PRO A 144 49.06 -16.07 -3.76
N GLY A 145 48.38 -15.17 -3.07
CA GLY A 145 48.18 -13.83 -3.59
C GLY A 145 49.51 -13.15 -3.89
N LEU A 146 50.42 -13.24 -2.91
CA LEU A 146 51.69 -12.55 -2.98
C LEU A 146 52.57 -13.15 -4.04
N VAL A 147 52.53 -14.47 -4.14
CA VAL A 147 53.32 -15.12 -5.15
C VAL A 147 52.73 -14.78 -6.50
N ASN A 148 51.41 -14.71 -6.55
CA ASN A 148 50.86 -14.19 -7.78
C ASN A 148 51.41 -12.78 -8.15
N ALA A 149 51.43 -11.84 -7.19
CA ALA A 149 51.96 -10.48 -7.43
C ALA A 149 53.39 -10.47 -7.93
N ALA A 150 54.19 -11.39 -7.40
CA ALA A 150 55.61 -11.50 -7.77
C ALA A 150 55.76 -11.85 -9.25
N THR A 151 55.04 -12.91 -9.62
CA THR A 151 54.91 -13.26 -11.01
C THR A 151 54.56 -11.96 -11.70
N ILE A 152 53.40 -11.41 -11.42
CA ILE A 152 53.00 -10.24 -12.16
C ILE A 152 54.00 -9.06 -12.09
N THR A 153 54.78 -8.94 -11.00
CA THR A 153 55.78 -7.87 -10.89
C THR A 153 57.03 -8.06 -11.80
N LEU A 154 57.64 -9.25 -11.69
CA LEU A 154 58.77 -9.64 -12.53
C LEU A 154 58.47 -9.50 -14.01
N ILE A 155 57.31 -9.97 -14.45
CA ILE A 155 56.91 -9.71 -15.82
C ILE A 155 56.87 -8.22 -16.06
N THR A 156 56.18 -7.46 -15.22
CA THR A 156 56.16 -6.02 -15.47
C THR A 156 57.62 -5.54 -15.60
N LEU A 157 58.48 -5.95 -14.67
CA LEU A 157 59.88 -5.49 -14.76
C LEU A 157 60.62 -5.80 -16.06
N VAL A 158 60.31 -6.93 -16.73
CA VAL A 158 60.88 -7.14 -18.06
C VAL A 158 60.60 -5.99 -19.02
N GLY A 159 59.32 -5.70 -19.25
CA GLY A 159 58.98 -4.56 -20.08
C GLY A 159 59.69 -3.28 -19.65
N TYR A 160 59.83 -3.10 -18.33
CA TYR A 160 60.47 -1.94 -17.74
C TYR A 160 61.95 -1.89 -18.05
N SER A 161 62.62 -3.03 -17.82
CA SER A 161 64.03 -3.19 -18.13
C SER A 161 64.24 -3.08 -19.65
N ALA A 162 63.36 -3.66 -20.45
CA ALA A 162 63.51 -3.46 -21.88
C ALA A 162 63.46 -1.97 -22.28
N MET A 163 62.49 -1.23 -21.78
CA MET A 163 62.43 0.18 -22.14
C MET A 163 63.66 0.92 -21.57
N GLY A 164 64.38 0.28 -20.66
CA GLY A 164 65.61 0.86 -20.14
C GLY A 164 66.77 0.82 -21.13
N GLY A 165 66.63 0.00 -22.17
CA GLY A 165 67.65 -0.13 -23.22
C GLY A 165 67.55 0.93 -24.29
N ALA A 166 66.57 1.81 -24.20
CA ALA A 166 66.58 3.01 -25.01
C ALA A 166 67.46 4.03 -24.33
N VAL A 167 67.44 4.03 -23.00
CA VAL A 167 68.25 4.91 -22.17
C VAL A 167 69.53 4.25 -21.62
N GLY A 168 69.90 3.13 -22.23
CA GLY A 168 71.17 2.48 -21.95
C GLY A 168 71.23 1.82 -20.59
N ALA A 169 70.29 0.92 -20.34
CA ALA A 169 70.39 0.02 -19.21
C ALA A 169 71.13 -1.21 -19.68
N GLY A 170 71.26 -1.32 -21.00
CA GLY A 170 71.78 -2.52 -21.61
C GLY A 170 70.68 -3.54 -21.59
N GLY A 171 71.05 -4.82 -21.60
CA GLY A 171 70.07 -5.88 -21.68
C GLY A 171 69.45 -6.03 -23.07
N LEU A 172 68.59 -7.03 -23.17
CA LEU A 172 68.02 -7.40 -24.44
C LEU A 172 67.26 -6.20 -25.03
N GLY A 173 66.98 -5.23 -24.16
CA GLY A 173 66.22 -4.06 -24.58
C GLY A 173 67.11 -3.14 -25.39
N GLN A 174 68.36 -3.04 -24.95
CA GLN A 174 69.35 -2.25 -25.67
C GLN A 174 69.51 -2.90 -27.04
N ILE A 175 69.79 -4.19 -27.05
CA ILE A 175 69.97 -4.89 -28.30
C ILE A 175 68.83 -4.72 -29.29
N GLY A 176 67.62 -4.53 -28.81
CA GLY A 176 66.50 -4.42 -29.74
C GLY A 176 66.41 -3.03 -30.34
N TYR A 177 66.74 -2.07 -29.47
CA TYR A 177 66.65 -0.66 -29.77
C TYR A 177 67.64 -0.34 -30.87
N GLN A 178 68.85 -0.91 -30.75
CA GLN A 178 69.93 -0.66 -31.70
C GLN A 178 69.65 -1.37 -33.02
N TYR A 179 69.39 -2.67 -32.97
CA TYR A 179 69.32 -3.49 -34.17
C TYR A 179 67.94 -3.68 -34.75
N GLY A 180 66.93 -3.12 -34.06
CA GLY A 180 65.60 -2.97 -34.64
C GLY A 180 65.19 -1.56 -35.03
N TYR A 181 65.88 -0.56 -34.50
CA TYR A 181 65.49 0.85 -34.67
C TYR A 181 66.62 1.73 -35.21
N ILE A 182 67.68 1.91 -34.44
CA ILE A 182 68.82 2.71 -34.88
C ILE A 182 69.28 2.26 -36.26
N GLY A 183 69.59 0.98 -36.39
CA GLY A 183 69.83 0.39 -37.69
C GLY A 183 69.42 -1.05 -37.59
N TYR A 184 69.04 -1.66 -38.70
CA TYR A 184 68.19 -2.80 -38.63
C TYR A 184 68.78 -4.08 -39.22
N ASN A 185 68.81 -5.16 -38.44
CA ASN A 185 69.07 -6.52 -38.94
C ASN A 185 67.84 -7.35 -38.60
N ALA A 186 67.21 -7.96 -39.59
CA ALA A 186 65.95 -8.64 -39.31
C ALA A 186 66.16 -9.75 -38.29
N THR A 187 67.12 -10.62 -38.57
CA THR A 187 67.43 -11.71 -37.66
C THR A 187 67.60 -11.23 -36.22
N VAL A 188 68.50 -10.29 -35.97
CA VAL A 188 68.69 -9.88 -34.59
C VAL A 188 67.40 -9.40 -33.89
N MET A 189 66.59 -8.56 -34.54
CA MET A 189 65.30 -8.10 -33.96
C MET A 189 64.41 -9.27 -33.59
N ASN A 190 64.28 -10.18 -34.56
CA ASN A 190 63.36 -11.28 -34.46
C ASN A 190 63.74 -12.23 -33.33
N THR A 191 65.04 -12.37 -33.05
CA THR A 191 65.38 -13.25 -31.93
C THR A 191 65.34 -12.45 -30.63
N VAL A 192 65.26 -11.14 -30.73
CA VAL A 192 65.05 -10.37 -29.53
C VAL A 192 63.62 -10.54 -29.11
N LEU A 193 62.73 -10.44 -30.09
CA LEU A 193 61.32 -10.64 -29.81
C LEU A 193 61.10 -12.00 -29.14
N VAL A 194 61.36 -13.05 -29.91
CA VAL A 194 61.32 -14.39 -29.39
C VAL A 194 62.05 -14.65 -28.06
N LEU A 195 63.26 -14.17 -27.88
CA LEU A 195 63.78 -14.29 -26.53
C LEU A 195 62.83 -13.66 -25.51
N LEU A 196 62.45 -12.40 -25.70
CA LEU A 196 61.62 -11.81 -24.66
C LEU A 196 60.30 -12.60 -24.39
N VAL A 197 59.55 -12.92 -25.43
CA VAL A 197 58.31 -13.69 -25.22
C VAL A 197 58.59 -14.93 -24.32
N ILE A 198 59.58 -15.75 -24.67
CA ILE A 198 59.93 -16.93 -23.86
C ILE A 198 60.26 -16.53 -22.39
N LEU A 199 61.14 -15.55 -22.18
CA LEU A 199 61.38 -15.10 -20.82
C LEU A 199 60.09 -14.80 -20.05
N VAL A 200 59.06 -14.32 -20.74
CA VAL A 200 57.81 -14.01 -20.05
C VAL A 200 56.97 -15.29 -19.78
N TYR A 201 56.74 -16.09 -20.82
CA TYR A 201 56.05 -17.35 -20.63
C TYR A 201 56.75 -18.12 -19.53
N LEU A 202 58.07 -18.19 -19.56
CA LEU A 202 58.78 -18.91 -18.51
C LEU A 202 58.54 -18.26 -17.16
N ILE A 203 58.69 -16.96 -17.07
CA ILE A 203 58.32 -16.32 -15.83
C ILE A 203 56.85 -16.57 -15.42
N GLN A 204 55.93 -16.57 -16.37
CA GLN A 204 54.53 -16.82 -16.01
C GLN A 204 54.37 -18.25 -15.56
N PHE A 205 54.59 -19.21 -16.46
CA PHE A 205 54.46 -20.62 -16.14
C PHE A 205 55.05 -20.99 -14.78
N ALA A 206 56.24 -20.50 -14.47
CA ALA A 206 56.88 -20.85 -13.21
C ALA A 206 56.06 -20.35 -12.01
N GLY A 207 55.72 -19.07 -12.00
CA GLY A 207 54.88 -18.51 -10.94
C GLY A 207 53.61 -19.31 -10.70
N ASP A 208 52.83 -19.52 -11.76
CA ASP A 208 51.65 -20.35 -11.65
C ASP A 208 52.00 -21.67 -10.99
N ARG A 209 53.06 -22.31 -11.44
CA ARG A 209 53.52 -23.56 -10.84
C ARG A 209 53.69 -23.43 -9.34
N ILE A 210 54.20 -22.29 -8.89
CA ILE A 210 54.32 -22.07 -7.45
C ILE A 210 52.96 -21.82 -6.78
N VAL A 211 52.12 -21.00 -7.40
CA VAL A 211 50.84 -20.65 -6.80
C VAL A 211 49.89 -21.86 -6.71
N ARG A 212 49.84 -22.63 -7.79
CA ARG A 212 49.15 -23.91 -7.85
C ARG A 212 49.67 -24.88 -6.77
N ALA A 213 50.89 -24.64 -6.32
CA ALA A 213 51.51 -25.48 -5.30
C ALA A 213 51.06 -25.20 -3.85
N VAL A 214 50.48 -24.02 -3.61
CA VAL A 214 49.98 -23.65 -2.27
C VAL A 214 48.62 -24.31 -1.94
N THR A 215 48.45 -24.75 -0.69
CA THR A 215 47.36 -25.67 -0.29
C THR A 215 45.98 -25.03 0.01
N ARG A 216 44.94 -25.65 -0.54
CA ARG A 216 43.69 -24.97 -0.89
C ARG A 216 42.87 -24.43 0.27
N MET B 1 61.80 28.82 -19.57
CA MET B 1 60.52 29.59 -19.72
C MET B 1 60.27 30.26 -21.12
N SER B 2 61.05 29.85 -22.12
CA SER B 2 60.89 30.35 -23.48
C SER B 2 59.46 30.20 -24.01
N GLU B 3 58.87 31.30 -24.45
CA GLU B 3 57.65 31.28 -25.24
C GLU B 3 57.82 30.39 -26.48
N PRO B 4 59.05 30.32 -27.04
CA PRO B 4 59.27 29.42 -28.18
C PRO B 4 59.04 27.99 -27.74
N MET B 5 59.64 27.68 -26.59
CA MET B 5 59.73 26.32 -26.07
C MET B 5 58.39 25.83 -25.55
N MET B 6 57.74 26.64 -24.73
CA MET B 6 56.50 26.26 -24.10
C MET B 6 55.48 25.77 -25.13
N TRP B 7 55.40 26.45 -26.27
CA TRP B 7 54.40 26.12 -27.29
C TRP B 7 54.62 24.76 -27.93
N LEU B 8 55.87 24.34 -28.10
CA LEU B 8 56.14 22.97 -28.55
C LEU B 8 55.70 21.98 -27.48
N LEU B 9 56.09 22.25 -26.24
CA LEU B 9 55.70 21.44 -25.09
C LEU B 9 54.17 21.36 -24.96
N VAL B 10 53.50 22.44 -25.30
CA VAL B 10 52.06 22.49 -25.31
C VAL B 10 51.50 21.90 -26.62
N ARG B 11 52.33 21.79 -27.65
CA ARG B 11 51.95 20.99 -28.79
C ARG B 11 52.04 19.53 -28.39
N GLY B 12 52.93 19.24 -27.45
CA GLY B 12 53.13 17.88 -26.96
C GLY B 12 51.94 17.34 -26.21
N VAL B 13 51.41 18.13 -25.28
CA VAL B 13 50.19 17.74 -24.58
C VAL B 13 49.11 17.31 -25.54
N TRP B 14 49.00 17.98 -26.67
CA TRP B 14 48.08 17.54 -27.69
C TRP B 14 48.53 16.22 -28.28
N GLU B 15 49.84 15.99 -28.29
CA GLU B 15 50.40 14.81 -28.97
C GLU B 15 50.06 13.50 -28.27
N THR B 16 50.17 13.52 -26.94
CA THR B 16 49.70 12.41 -26.11
C THR B 16 48.20 12.14 -26.28
N LEU B 17 47.41 13.19 -26.04
CA LEU B 17 45.97 13.09 -26.07
C LEU B 17 45.52 12.43 -27.33
N ALA B 18 45.88 13.00 -28.47
CA ALA B 18 45.54 12.39 -29.74
C ALA B 18 45.99 10.93 -29.73
N MET B 19 47.27 10.70 -29.43
CA MET B 19 47.80 9.33 -29.35
C MET B 19 47.05 8.42 -28.36
N THR B 20 46.83 8.88 -27.13
CA THR B 20 46.13 8.05 -26.14
C THR B 20 44.73 7.57 -26.56
N PHE B 21 43.87 8.53 -26.86
CA PHE B 21 42.49 8.28 -27.18
C PHE B 21 42.29 7.67 -28.56
N VAL B 22 43.03 8.10 -29.58
CA VAL B 22 42.71 7.51 -30.86
C VAL B 22 43.00 6.00 -30.84
N SER B 23 44.07 5.63 -30.13
CA SER B 23 44.45 4.23 -29.94
C SER B 23 43.41 3.52 -29.07
N GLY B 24 43.07 4.19 -27.98
CA GLY B 24 42.07 3.71 -27.04
C GLY B 24 40.82 3.39 -27.80
N PHE B 25 40.40 4.34 -28.62
CA PHE B 25 39.26 4.14 -29.50
C PHE B 25 39.42 2.93 -30.42
N PHE B 26 40.48 2.87 -31.21
CA PHE B 26 40.61 1.75 -32.13
C PHE B 26 40.86 0.46 -31.42
N GLY B 27 41.51 0.56 -30.26
CA GLY B 27 41.77 -0.61 -29.45
C GLY B 27 40.48 -1.34 -29.14
N PHE B 28 39.51 -0.56 -28.66
CA PHE B 28 38.21 -1.09 -28.30
C PHE B 28 37.49 -1.63 -29.52
N VAL B 29 37.47 -0.87 -30.63
CA VAL B 29 36.86 -1.38 -31.87
C VAL B 29 37.26 -2.85 -32.14
N ILE B 30 38.54 -3.16 -31.95
CA ILE B 30 39.03 -4.54 -32.02
C ILE B 30 38.85 -5.29 -30.71
N GLY B 31 39.14 -4.62 -29.59
CA GLY B 31 39.13 -5.26 -28.29
C GLY B 31 37.77 -5.73 -27.81
N LEU B 32 36.74 -4.92 -28.09
CA LEU B 32 35.38 -5.17 -27.60
C LEU B 32 34.70 -6.37 -28.25
N PRO B 33 34.65 -6.42 -29.60
CA PRO B 33 34.20 -7.64 -30.31
C PRO B 33 34.99 -8.90 -29.94
N VAL B 34 36.30 -8.80 -29.89
CA VAL B 34 37.11 -9.95 -29.56
C VAL B 34 36.79 -10.42 -28.12
N GLY B 35 36.65 -9.48 -27.20
CA GLY B 35 36.25 -9.77 -25.83
C GLY B 35 34.95 -10.55 -25.64
N VAL B 36 33.89 -10.16 -26.36
CA VAL B 36 32.64 -10.91 -26.28
C VAL B 36 32.84 -12.24 -26.95
N LEU B 37 33.69 -12.29 -27.96
CA LEU B 37 33.94 -13.57 -28.62
C LEU B 37 34.55 -14.54 -27.63
N LEU B 38 35.56 -14.09 -26.88
CA LEU B 38 36.15 -14.96 -25.87
C LEU B 38 35.06 -15.43 -24.88
N TYR B 39 34.42 -14.48 -24.20
CA TYR B 39 33.44 -14.75 -23.13
C TYR B 39 32.42 -15.79 -23.49
N VAL B 40 31.66 -15.48 -24.53
CA VAL B 40 30.57 -16.29 -24.96
C VAL B 40 31.08 -17.65 -25.44
N THR B 41 32.34 -17.72 -25.85
CA THR B 41 32.86 -18.96 -26.42
C THR B 41 33.41 -19.92 -25.35
N ARG B 42 33.60 -19.40 -24.14
CA ARG B 42 33.99 -20.20 -22.96
C ARG B 42 33.00 -21.38 -22.74
N PRO B 43 33.46 -22.44 -22.04
CA PRO B 43 32.68 -23.70 -21.92
C PRO B 43 31.21 -23.56 -21.47
N GLY B 44 30.94 -22.84 -20.39
CA GLY B 44 29.59 -22.72 -19.90
C GLY B 44 28.68 -21.87 -20.78
N GLN B 45 29.30 -21.01 -21.59
CA GLN B 45 28.59 -19.88 -22.20
C GLN B 45 27.87 -20.22 -23.51
N ILE B 46 27.33 -19.20 -24.16
CA ILE B 46 26.51 -19.33 -25.38
C ILE B 46 27.06 -20.17 -26.57
N ILE B 47 28.07 -19.66 -27.26
CA ILE B 47 28.60 -20.34 -28.46
C ILE B 47 29.48 -21.55 -28.12
N ALA B 48 30.29 -21.41 -27.08
CA ALA B 48 31.01 -22.52 -26.46
C ALA B 48 31.85 -23.43 -27.40
N ASN B 49 32.76 -22.87 -28.18
CA ASN B 49 33.81 -23.68 -28.80
C ASN B 49 35.05 -23.65 -27.95
N ALA B 50 35.38 -24.74 -27.28
CA ALA B 50 36.60 -24.74 -26.47
C ALA B 50 37.83 -24.77 -27.38
N LYS B 51 37.61 -25.18 -28.63
CA LYS B 51 38.68 -25.16 -29.63
C LYS B 51 38.89 -23.75 -30.22
N LEU B 52 37.81 -23.01 -30.43
CA LEU B 52 37.92 -21.61 -30.88
C LEU B 52 38.45 -20.66 -29.78
N TYR B 53 38.04 -20.91 -28.55
CA TYR B 53 38.52 -20.12 -27.41
C TYR B 53 39.99 -20.40 -27.14
N ARG B 54 40.42 -21.63 -27.38
CA ARG B 54 41.84 -21.95 -27.21
C ARG B 54 42.69 -21.14 -28.19
N THR B 55 42.30 -21.12 -29.45
CA THR B 55 42.94 -20.31 -30.49
C THR B 55 42.98 -18.80 -30.19
N VAL B 56 41.81 -18.19 -30.01
CA VAL B 56 41.73 -16.75 -29.80
C VAL B 56 42.41 -16.26 -28.52
N SER B 57 42.31 -17.06 -27.47
CA SER B 57 42.91 -16.70 -26.21
C SER B 57 44.46 -16.79 -26.32
N ALA B 58 44.94 -17.71 -27.16
CA ALA B 58 46.37 -17.77 -27.51
C ALA B 58 46.85 -16.52 -28.27
N ILE B 59 46.20 -16.21 -29.40
CA ILE B 59 46.52 -14.96 -30.09
C ILE B 59 46.53 -13.84 -29.06
N VAL B 60 45.43 -13.68 -28.33
CA VAL B 60 45.37 -12.65 -27.30
C VAL B 60 46.61 -12.65 -26.39
N ASN B 61 47.02 -13.82 -25.92
CA ASN B 61 48.10 -13.93 -24.95
C ASN B 61 49.49 -13.62 -25.48
N ILE B 62 49.85 -14.21 -26.62
CA ILE B 62 51.21 -13.99 -27.09
C ILE B 62 51.41 -12.50 -27.35
N PHE B 63 50.36 -11.82 -27.79
CA PHE B 63 50.45 -10.38 -28.04
C PHE B 63 50.59 -9.60 -26.76
N ARG B 64 49.95 -10.07 -25.70
CA ARG B 64 50.04 -9.37 -24.43
C ARG B 64 51.41 -9.55 -23.85
N SER B 65 52.06 -10.67 -24.17
CA SER B 65 53.38 -10.98 -23.63
C SER B 65 54.48 -10.03 -24.11
N ILE B 66 54.46 -9.70 -25.41
CA ILE B 66 55.44 -8.78 -26.02
C ILE B 66 55.44 -7.47 -25.30
N PRO B 67 56.60 -7.09 -24.73
CA PRO B 67 56.63 -5.77 -24.06
C PRO B 67 56.40 -4.71 -25.11
N PHE B 68 55.94 -3.53 -24.72
CA PHE B 68 55.46 -2.62 -25.75
C PHE B 68 56.55 -2.05 -26.69
N ILE B 69 57.63 -1.47 -26.16
CA ILE B 69 58.70 -1.07 -27.08
C ILE B 69 59.18 -2.16 -28.01
N ILE B 70 59.34 -3.35 -27.50
CA ILE B 70 59.77 -4.40 -28.39
C ILE B 70 58.74 -4.58 -29.50
N LEU B 71 57.45 -4.42 -29.16
CA LEU B 71 56.38 -4.49 -30.16
C LEU B 71 56.36 -3.30 -31.09
N LEU B 72 56.71 -2.15 -30.54
CA LEU B 72 56.69 -0.88 -31.26
C LEU B 72 57.77 -0.86 -32.36
N VAL B 73 58.99 -1.21 -31.93
CA VAL B 73 60.16 -1.38 -32.78
C VAL B 73 60.01 -2.48 -33.82
N TRP B 74 59.64 -3.66 -33.35
CA TRP B 74 59.50 -4.81 -34.21
C TRP B 74 58.47 -4.50 -35.27
N MET B 75 57.55 -3.58 -34.97
CA MET B 75 56.41 -3.29 -35.85
C MET B 75 56.63 -2.29 -37.01
N ILE B 76 57.71 -1.53 -36.93
CA ILE B 76 58.04 -0.43 -37.86
C ILE B 76 57.82 -0.72 -39.36
N PRO B 77 58.39 -1.83 -39.87
CA PRO B 77 58.11 -2.15 -41.26
C PRO B 77 56.61 -2.14 -41.54
N PHE B 78 55.85 -2.77 -40.65
CA PHE B 78 54.41 -2.89 -40.82
C PHE B 78 53.75 -1.53 -40.63
N THR B 79 54.15 -0.83 -39.57
CA THR B 79 53.61 0.51 -39.29
C THR B 79 53.71 1.33 -40.56
N ARG B 80 54.90 1.25 -41.16
CA ARG B 80 55.25 1.97 -42.37
C ARG B 80 54.38 1.55 -43.55
N VAL B 81 54.42 0.27 -43.88
CA VAL B 81 53.60 -0.25 -44.97
C VAL B 81 52.14 0.20 -44.83
N ILE B 82 51.73 0.45 -43.60
CA ILE B 82 50.39 0.96 -43.33
C ILE B 82 50.25 2.48 -43.56
N VAL B 83 50.95 3.26 -42.74
CA VAL B 83 50.84 4.72 -42.77
C VAL B 83 51.69 5.33 -43.90
N GLY B 84 52.76 4.63 -44.26
CA GLY B 84 53.73 5.14 -45.20
C GLY B 84 54.89 5.82 -44.50
N THR B 85 54.69 6.12 -43.22
CA THR B 85 55.69 6.82 -42.41
C THR B 85 56.05 5.92 -41.23
N SER B 86 56.96 6.39 -40.38
CA SER B 86 57.22 5.74 -39.12
C SER B 86 57.22 6.77 -38.00
N ILE B 87 58.11 7.75 -38.08
CA ILE B 87 58.09 8.82 -37.08
C ILE B 87 56.75 9.55 -37.10
N GLY B 88 56.32 10.06 -35.94
CA GLY B 88 55.11 10.85 -35.84
C GLY B 88 53.91 10.06 -35.36
N LEU B 89 52.93 10.76 -34.78
CA LEU B 89 51.81 10.10 -34.12
C LEU B 89 50.97 9.20 -35.03
N GLN B 90 50.50 9.74 -36.15
CA GLN B 90 49.61 8.95 -37.01
C GLN B 90 50.20 7.56 -37.32
N ALA B 91 51.52 7.44 -37.29
CA ALA B 91 52.15 6.13 -37.40
C ALA B 91 52.19 5.40 -36.05
N ALA B 92 52.42 6.15 -34.99
CA ALA B 92 52.50 5.61 -33.63
C ALA B 92 51.21 4.92 -33.14
N ILE B 93 50.06 5.44 -33.57
CA ILE B 93 48.80 4.88 -33.13
C ILE B 93 48.56 3.51 -33.74
N VAL B 94 49.39 3.07 -34.68
CA VAL B 94 49.28 1.68 -35.13
C VAL B 94 49.77 0.66 -34.08
N PRO B 95 51.02 0.81 -33.64
CA PRO B 95 51.53 -0.09 -32.62
C PRO B 95 50.92 0.21 -31.28
N LEU B 96 50.37 1.43 -31.10
CA LEU B 96 49.72 1.74 -29.83
C LEU B 96 48.31 1.11 -29.75
N THR B 97 47.69 0.96 -30.90
CA THR B 97 46.41 0.25 -30.98
C THR B 97 46.59 -1.24 -30.77
N VAL B 98 47.56 -1.83 -31.48
CA VAL B 98 47.87 -3.24 -31.30
C VAL B 98 48.40 -3.52 -29.86
N GLY B 99 49.00 -2.50 -29.23
CA GLY B 99 49.46 -2.64 -27.88
C GLY B 99 48.30 -2.88 -26.94
N ALA B 100 47.22 -2.14 -27.20
CA ALA B 100 46.02 -2.12 -26.35
C ALA B 100 45.03 -3.29 -26.59
N ALA B 101 44.79 -3.62 -27.86
CA ALA B 101 43.65 -4.46 -28.20
C ALA B 101 43.57 -5.74 -27.39
N PRO B 102 44.60 -6.59 -27.48
CA PRO B 102 44.61 -7.88 -26.77
C PRO B 102 44.49 -7.69 -25.26
N PHE B 103 45.16 -6.66 -24.79
CA PHE B 103 45.15 -6.23 -23.42
C PHE B 103 43.70 -5.91 -23.05
N ILE B 104 43.02 -5.15 -23.91
CA ILE B 104 41.57 -4.85 -23.77
C ILE B 104 40.66 -6.09 -23.66
N ALA B 105 40.68 -6.94 -24.69
CA ALA B 105 39.71 -8.03 -24.87
C ALA B 105 39.55 -8.91 -23.64
N ARG B 106 40.70 -9.27 -23.07
CA ARG B 106 40.81 -9.96 -21.80
C ARG B 106 40.08 -9.15 -20.71
N MET B 107 40.15 -7.83 -20.76
CA MET B 107 39.36 -7.06 -19.81
C MET B 107 37.89 -7.26 -20.12
N VAL B 108 37.49 -7.07 -21.39
CA VAL B 108 36.08 -7.31 -21.79
C VAL B 108 35.53 -8.63 -21.30
N GLU B 109 36.21 -9.71 -21.70
CA GLU B 109 35.88 -11.05 -21.27
C GLU B 109 35.81 -11.03 -19.74
N ASN B 110 36.87 -10.62 -19.06
CA ASN B 110 36.75 -10.56 -17.61
C ASN B 110 35.55 -9.73 -17.12
N ALA B 111 35.18 -8.65 -17.80
CA ALA B 111 34.04 -7.82 -17.36
C ALA B 111 32.67 -8.47 -17.58
N LEU B 112 32.61 -9.36 -18.58
CA LEU B 112 31.43 -10.15 -18.85
C LEU B 112 31.27 -11.35 -17.92
N LEU B 113 32.38 -11.96 -17.55
CA LEU B 113 32.29 -13.01 -16.57
C LEU B 113 31.89 -12.43 -15.20
N GLU B 114 31.77 -11.11 -15.11
CA GLU B 114 31.39 -10.49 -13.85
C GLU B 114 29.87 -10.52 -13.61
N ILE B 115 29.07 -10.59 -14.66
CA ILE B 115 27.61 -10.50 -14.51
C ILE B 115 26.97 -11.86 -14.35
N PRO B 116 26.10 -12.03 -13.31
CA PRO B 116 25.59 -13.35 -12.90
C PRO B 116 24.89 -14.10 -14.01
N THR B 117 25.37 -15.30 -14.33
CA THR B 117 24.70 -16.17 -15.32
C THR B 117 23.32 -16.48 -14.78
N GLY B 118 22.36 -16.65 -15.66
CA GLY B 118 21.03 -16.80 -15.12
C GLY B 118 20.26 -15.51 -15.22
N LEU B 119 20.94 -14.39 -15.48
CA LEU B 119 20.29 -13.32 -16.21
C LEU B 119 20.23 -13.83 -17.63
N ILE B 120 21.19 -14.69 -17.98
CA ILE B 120 21.20 -15.36 -19.28
C ILE B 120 20.04 -16.32 -19.32
N GLU B 121 19.85 -17.03 -18.20
CA GLU B 121 18.82 -18.05 -18.04
C GLU B 121 17.47 -17.41 -18.06
N ALA B 122 17.26 -16.44 -17.17
CA ALA B 122 16.02 -15.67 -17.17
C ALA B 122 15.76 -15.28 -18.63
N SER B 123 16.80 -14.70 -19.20
CA SER B 123 16.90 -14.20 -20.53
C SER B 123 16.55 -15.23 -21.59
N ARG B 124 17.16 -16.40 -21.56
CA ARG B 124 16.87 -17.40 -22.59
C ARG B 124 15.37 -17.75 -22.62
N ALA B 125 14.82 -17.97 -21.43
CA ALA B 125 13.43 -18.35 -21.25
C ALA B 125 12.46 -17.33 -21.83
N MET B 126 12.94 -16.13 -22.14
CA MET B 126 12.09 -15.09 -22.72
C MET B 126 12.06 -15.09 -24.27
N GLY B 127 12.86 -15.97 -24.86
CA GLY B 127 12.91 -16.11 -26.31
C GLY B 127 14.08 -15.38 -26.90
N ALA B 128 15.02 -15.03 -26.01
CA ALA B 128 16.16 -14.20 -26.37
C ALA B 128 17.10 -14.84 -27.38
N THR B 129 17.32 -14.11 -28.47
CA THR B 129 18.41 -14.36 -29.41
C THR B 129 19.74 -14.25 -28.68
N PRO B 130 20.76 -15.05 -29.11
CA PRO B 130 22.15 -14.86 -28.68
C PRO B 130 22.62 -13.41 -28.89
N MET B 131 22.33 -12.86 -30.06
CA MET B 131 22.58 -11.44 -30.31
C MET B 131 21.95 -10.61 -29.19
N GLN B 132 20.65 -10.84 -28.98
CA GLN B 132 19.82 -10.11 -28.02
C GLN B 132 20.35 -10.16 -26.61
N ILE B 133 20.91 -11.31 -26.24
CA ILE B 133 21.52 -11.50 -24.93
C ILE B 133 22.71 -10.57 -24.71
N VAL B 134 23.63 -10.60 -25.69
CA VAL B 134 24.81 -9.71 -25.71
C VAL B 134 24.41 -8.23 -25.69
N ARG B 135 23.59 -7.87 -26.66
CA ARG B 135 23.20 -6.50 -26.89
C ARG B 135 22.24 -6.02 -25.79
N LYS B 136 21.15 -6.74 -25.59
CA LYS B 136 20.09 -6.36 -24.66
C LYS B 136 20.40 -6.59 -23.17
N VAL B 137 21.30 -7.53 -22.87
CA VAL B 137 21.51 -8.00 -21.48
C VAL B 137 22.95 -7.89 -20.97
N LEU B 138 23.80 -8.67 -21.62
CA LEU B 138 25.20 -8.76 -21.29
C LEU B 138 25.89 -7.36 -21.21
N LEU B 139 26.06 -6.71 -22.38
CA LEU B 139 26.76 -5.43 -22.42
C LEU B 139 26.25 -4.36 -21.43
N PRO B 140 24.91 -4.15 -21.40
CA PRO B 140 24.40 -3.11 -20.50
C PRO B 140 24.67 -3.44 -19.06
N GLU B 141 24.74 -4.72 -18.76
CA GLU B 141 24.95 -5.16 -17.38
C GLU B 141 26.41 -5.02 -16.95
N ALA B 142 27.29 -5.18 -17.94
CA ALA B 142 28.73 -5.15 -17.74
C ALA B 142 29.29 -3.72 -17.67
N LEU B 143 28.50 -2.73 -18.10
CA LEU B 143 28.97 -1.37 -18.43
C LEU B 143 29.91 -0.67 -17.44
N PRO B 144 29.52 -0.56 -16.16
CA PRO B 144 30.45 0.01 -15.18
C PRO B 144 31.85 -0.65 -15.21
N GLY B 145 31.94 -1.90 -15.66
CA GLY B 145 33.21 -2.57 -15.85
C GLY B 145 33.80 -2.26 -17.21
N LEU B 146 32.95 -2.04 -18.20
CA LEU B 146 33.48 -1.55 -19.45
C LEU B 146 34.13 -0.15 -19.37
N VAL B 147 33.55 0.72 -18.56
CA VAL B 147 34.13 2.04 -18.40
C VAL B 147 35.39 1.96 -17.54
N ASN B 148 35.36 1.17 -16.48
CA ASN B 148 36.57 0.96 -15.71
C ASN B 148 37.73 0.35 -16.57
N ALA B 149 37.37 -0.54 -17.49
CA ALA B 149 38.30 -1.09 -18.48
C ALA B 149 39.04 0.03 -19.29
N ALA B 150 38.26 1.00 -19.77
CA ALA B 150 38.81 2.08 -20.59
C ALA B 150 39.68 3.02 -19.75
N THR B 151 39.17 3.42 -18.57
CA THR B 151 40.04 4.18 -17.67
C THR B 151 41.37 3.47 -17.55
N ILE B 152 41.37 2.19 -17.18
CA ILE B 152 42.64 1.50 -17.20
C ILE B 152 43.27 1.46 -18.61
N THR B 153 42.54 1.07 -19.65
CA THR B 153 43.14 1.17 -21.00
C THR B 153 43.82 2.55 -21.21
N LEU B 154 43.05 3.63 -21.10
CA LEU B 154 43.59 4.97 -21.36
C LEU B 154 44.85 5.32 -20.55
N ILE B 155 44.79 5.15 -19.22
CA ILE B 155 45.93 5.44 -18.38
C ILE B 155 47.14 4.61 -18.75
N THR B 156 46.92 3.35 -19.04
CA THR B 156 47.96 2.50 -19.59
C THR B 156 48.55 3.08 -20.89
N LEU B 157 47.68 3.44 -21.84
CA LEU B 157 48.12 4.11 -23.07
C LEU B 157 48.95 5.40 -22.97
N VAL B 158 48.65 6.30 -22.02
CA VAL B 158 49.54 7.44 -21.82
C VAL B 158 51.00 7.03 -21.69
N GLY B 159 51.30 6.17 -20.72
CA GLY B 159 52.62 5.58 -20.56
C GLY B 159 53.13 4.85 -21.80
N TYR B 160 52.26 4.13 -22.48
CA TYR B 160 52.65 3.51 -23.72
C TYR B 160 53.05 4.55 -24.73
N SER B 161 52.20 5.56 -24.86
CA SER B 161 52.42 6.71 -25.74
C SER B 161 53.79 7.37 -25.51
N ALA B 162 54.18 7.52 -24.24
CA ALA B 162 55.49 8.11 -23.89
C ALA B 162 56.70 7.21 -24.21
N MET B 163 56.53 5.91 -24.30
CA MET B 163 57.66 5.07 -24.64
C MET B 163 58.00 5.36 -26.08
N GLY B 164 57.05 5.93 -26.80
CA GLY B 164 57.22 6.24 -28.21
C GLY B 164 58.18 7.40 -28.50
N GLY B 165 58.52 8.20 -27.48
CA GLY B 165 59.44 9.32 -27.64
C GLY B 165 60.85 8.88 -28.02
N ALA B 166 61.36 7.92 -27.24
CA ALA B 166 62.58 7.21 -27.59
C ALA B 166 62.55 6.71 -29.04
N VAL B 167 61.43 6.21 -29.52
CA VAL B 167 61.36 5.83 -30.94
C VAL B 167 60.77 6.91 -31.83
N GLY B 168 60.62 8.11 -31.27
CA GLY B 168 60.29 9.27 -32.06
C GLY B 168 58.86 9.20 -32.60
N ALA B 169 57.93 8.97 -31.68
CA ALA B 169 56.51 9.04 -31.98
C ALA B 169 56.04 10.46 -31.76
N GLY B 170 56.90 11.24 -31.09
CA GLY B 170 56.64 12.65 -31.02
C GLY B 170 55.52 13.09 -30.11
N GLY B 171 55.70 12.91 -28.82
CA GLY B 171 54.68 13.35 -27.87
C GLY B 171 55.35 13.90 -26.62
N LEU B 172 54.57 14.21 -25.59
CA LEU B 172 55.17 14.76 -24.37
C LEU B 172 56.33 13.89 -23.89
N GLY B 173 56.31 12.61 -24.25
CA GLY B 173 57.35 11.69 -23.85
C GLY B 173 58.63 11.98 -24.59
N GLN B 174 58.53 12.25 -25.89
CA GLN B 174 59.68 12.71 -26.70
C GLN B 174 60.36 13.99 -26.17
N ILE B 175 59.56 14.98 -25.77
CA ILE B 175 60.11 16.18 -25.09
C ILE B 175 60.86 15.83 -23.80
N GLY B 176 60.33 14.89 -23.03
CA GLY B 176 61.05 14.44 -21.86
C GLY B 176 62.32 13.70 -22.25
N TYR B 177 62.29 12.97 -23.36
CA TYR B 177 63.41 12.13 -23.76
C TYR B 177 64.55 13.00 -24.26
N GLN B 178 64.22 13.81 -25.26
CA GLN B 178 65.17 14.70 -25.90
C GLN B 178 65.81 15.62 -24.86
N TYR B 179 64.97 16.30 -24.10
CA TYR B 179 65.45 17.23 -23.09
C TYR B 179 65.84 16.60 -21.76
N GLY B 180 65.22 15.49 -21.41
CA GLY B 180 65.58 14.72 -20.21
C GLY B 180 66.76 13.76 -20.33
N TYR B 181 66.82 13.02 -21.44
CA TYR B 181 67.86 12.03 -21.67
C TYR B 181 69.15 12.61 -22.23
N ILE B 182 69.02 13.79 -22.85
CA ILE B 182 70.14 14.44 -23.52
C ILE B 182 70.40 15.84 -22.91
N GLY B 183 69.45 16.75 -23.12
CA GLY B 183 69.62 18.13 -22.67
C GLY B 183 69.62 18.37 -21.17
N TYR B 184 68.74 17.67 -20.45
CA TYR B 184 68.51 17.92 -19.03
C TYR B 184 68.26 19.40 -18.72
N ASN B 185 67.31 20.00 -19.42
CA ASN B 185 66.73 21.24 -18.94
C ASN B 185 65.84 20.83 -17.76
N ALA B 186 66.06 21.43 -16.59
CA ALA B 186 65.38 20.99 -15.38
C ALA B 186 63.93 21.46 -15.29
N THR B 187 63.61 22.59 -15.93
CA THR B 187 62.24 23.09 -15.86
C THR B 187 61.30 22.30 -16.76
N VAL B 188 61.79 21.89 -17.92
CA VAL B 188 60.99 21.06 -18.83
C VAL B 188 60.77 19.63 -18.30
N MET B 189 61.78 19.05 -17.65
CA MET B 189 61.64 17.70 -17.10
C MET B 189 60.69 17.68 -15.91
N ASN B 190 60.72 18.73 -15.11
CA ASN B 190 59.77 18.84 -14.01
C ASN B 190 58.39 19.08 -14.58
N THR B 191 58.32 19.89 -15.62
CA THR B 191 57.03 20.20 -16.22
C THR B 191 56.45 18.98 -16.96
N VAL B 192 57.27 18.24 -17.67
CA VAL B 192 56.77 17.07 -18.40
C VAL B 192 56.19 16.03 -17.43
N LEU B 193 56.93 15.76 -16.36
CA LEU B 193 56.50 14.87 -15.27
C LEU B 193 55.16 15.25 -14.65
N VAL B 194 55.08 16.46 -14.11
CA VAL B 194 53.80 16.97 -13.61
C VAL B 194 52.69 17.00 -14.68
N LEU B 195 52.97 17.51 -15.88
CA LEU B 195 51.94 17.41 -16.92
C LEU B 195 51.32 16.02 -17.02
N LEU B 196 52.16 14.99 -17.10
CA LEU B 196 51.65 13.64 -17.31
C LEU B 196 50.91 13.07 -16.09
N VAL B 197 51.49 13.26 -14.90
CA VAL B 197 50.84 12.88 -13.66
C VAL B 197 49.46 13.49 -13.66
N ILE B 198 49.40 14.79 -13.97
CA ILE B 198 48.12 15.49 -14.12
C ILE B 198 47.18 14.81 -15.11
N LEU B 199 47.74 14.24 -16.17
CA LEU B 199 46.93 13.62 -17.23
C LEU B 199 46.37 12.25 -16.85
N VAL B 200 47.13 11.50 -16.06
CA VAL B 200 46.61 10.24 -15.53
C VAL B 200 45.40 10.48 -14.63
N TYR B 201 45.54 11.41 -13.68
CA TYR B 201 44.46 11.75 -12.73
C TYR B 201 43.19 12.21 -13.43
N LEU B 202 43.34 13.11 -14.39
CA LEU B 202 42.19 13.57 -15.17
C LEU B 202 41.50 12.41 -15.89
N ILE B 203 42.28 11.52 -16.50
CA ILE B 203 41.70 10.34 -17.13
C ILE B 203 40.96 9.47 -16.12
N GLN B 204 41.53 9.33 -14.92
CA GLN B 204 40.86 8.48 -13.95
C GLN B 204 39.73 9.17 -13.22
N PHE B 205 39.90 10.43 -12.86
CA PHE B 205 38.81 11.12 -12.20
C PHE B 205 37.60 11.15 -13.11
N ALA B 206 37.81 11.40 -14.41
CA ALA B 206 36.73 11.31 -15.39
C ALA B 206 36.02 9.95 -15.41
N GLY B 207 36.78 8.87 -15.56
CA GLY B 207 36.24 7.52 -15.58
C GLY B 207 35.77 7.04 -14.22
N ASP B 208 36.57 7.33 -13.20
CA ASP B 208 36.30 6.93 -11.82
C ASP B 208 34.95 7.50 -11.41
N ARG B 209 34.69 8.73 -11.86
CA ARG B 209 33.43 9.42 -11.58
C ARG B 209 32.26 9.00 -12.48
N ILE B 210 32.53 8.85 -13.78
CA ILE B 210 31.54 8.31 -14.75
C ILE B 210 31.10 6.86 -14.55
N VAL B 211 31.88 6.10 -13.79
CA VAL B 211 31.51 4.76 -13.37
C VAL B 211 30.48 4.89 -12.26
N ARG B 212 30.78 5.75 -11.29
CA ARG B 212 29.89 6.02 -10.17
C ARG B 212 28.49 6.30 -10.72
N ALA B 213 28.42 7.03 -11.82
CA ALA B 213 27.15 7.47 -12.39
C ALA B 213 26.40 6.38 -13.19
N VAL B 214 27.16 5.46 -13.78
CA VAL B 214 26.55 4.38 -14.55
C VAL B 214 26.09 3.21 -13.68
N THR B 215 26.66 3.04 -12.49
CA THR B 215 26.24 1.94 -11.62
C THR B 215 24.82 2.18 -11.07
N ARG B 216 23.94 1.20 -11.28
CA ARG B 216 22.52 1.32 -10.95
C ARG B 216 21.88 2.65 -11.36
N HIS C 23 33.45 -16.39 41.92
CA HIS C 23 33.02 -16.18 40.52
C HIS C 23 34.11 -16.02 39.44
N MET C 24 34.20 -17.04 38.58
CA MET C 24 35.21 -17.11 37.52
C MET C 24 35.33 -15.85 36.66
N ILE C 25 34.20 -15.41 36.10
CA ILE C 25 34.21 -14.21 35.29
C ILE C 25 33.08 -13.28 35.71
N LYS C 26 33.40 -11.99 35.82
CA LYS C 26 32.47 -11.02 36.39
C LYS C 26 32.37 -9.70 35.59
N LEU C 27 31.20 -9.48 35.00
CA LEU C 27 30.95 -8.31 34.16
C LEU C 27 30.00 -7.40 34.88
N SER C 28 30.40 -6.15 35.03
CA SER C 28 29.80 -5.27 36.01
C SER C 28 29.53 -3.91 35.37
N ASN C 29 28.25 -3.56 35.28
CA ASN C 29 27.82 -2.27 34.75
C ASN C 29 28.40 -1.95 33.36
N ILE C 30 28.64 -3.00 32.55
CA ILE C 30 29.31 -2.83 31.24
C ILE C 30 28.42 -2.03 30.31
N THR C 31 28.95 -0.91 29.83
CA THR C 31 28.24 -0.05 28.90
C THR C 31 29.17 0.28 27.75
N LYS C 32 28.74 -0.01 26.54
CA LYS C 32 29.53 0.31 25.36
C LYS C 32 28.76 1.08 24.34
N VAL C 33 29.34 2.19 23.94
CA VAL C 33 28.74 3.00 22.91
C VAL C 33 29.66 3.09 21.67
N PHE C 34 29.04 3.34 20.53
CA PHE C 34 29.73 3.44 19.26
C PHE C 34 29.33 4.75 18.62
N HIS C 35 30.26 5.37 17.91
CA HIS C 35 29.86 6.37 16.92
C HIS C 35 30.27 5.87 15.53
N GLN C 36 29.30 5.35 14.78
CA GLN C 36 29.49 4.99 13.38
C GLN C 36 29.32 6.14 12.39
N GLY C 37 28.15 6.78 12.48
CA GLY C 37 27.66 7.75 11.50
C GLY C 37 27.71 9.21 11.91
N THR C 38 26.71 9.96 11.46
CA THR C 38 26.24 11.14 12.18
C THR C 38 25.70 10.66 13.54
N ARG C 39 24.83 9.64 13.49
CA ARG C 39 24.11 9.12 14.65
C ARG C 39 24.96 8.21 15.57
N THR C 40 24.58 8.14 16.84
CA THR C 40 25.31 7.39 17.86
C THR C 40 24.46 6.28 18.47
N ILE C 41 24.85 5.02 18.25
CA ILE C 41 24.13 3.86 18.74
C ILE C 41 24.69 3.42 20.09
N GLN C 42 23.81 3.02 21.02
CA GLN C 42 24.25 2.45 22.29
C GLN C 42 24.21 0.92 22.26
N ALA C 43 25.38 0.31 22.27
CA ALA C 43 25.48 -1.13 22.10
C ALA C 43 25.04 -1.87 23.34
N LEU C 44 25.50 -1.39 24.49
CA LEU C 44 25.27 -2.09 25.75
C LEU C 44 25.05 -1.06 26.84
N ASN C 45 24.04 -1.29 27.69
CA ASN C 45 23.73 -0.37 28.79
C ASN C 45 23.67 -1.05 30.15
N ASN C 46 24.65 -0.75 31.00
CA ASN C 46 24.75 -1.28 32.38
C ASN C 46 24.58 -2.81 32.51
N VAL C 47 25.06 -3.56 31.51
CA VAL C 47 25.02 -5.02 31.56
C VAL C 47 25.98 -5.57 32.62
N SER C 48 25.47 -6.48 33.45
CA SER C 48 26.22 -7.02 34.57
C SER C 48 25.91 -8.52 34.65
N LEU C 49 26.90 -9.39 34.71
CA LEU C 49 26.58 -10.81 34.91
C LEU C 49 27.76 -11.57 35.52
N HIS C 50 27.49 -12.58 36.36
CA HIS C 50 28.60 -13.34 36.92
C HIS C 50 28.54 -14.78 36.47
N VAL C 51 29.62 -15.24 35.86
CA VAL C 51 29.64 -16.67 35.54
C VAL C 51 30.36 -17.43 36.64
N PRO C 52 29.60 -18.10 37.50
CA PRO C 52 30.27 -18.99 38.46
C PRO C 52 31.15 -20.04 37.74
N ALA C 53 32.32 -20.29 38.31
CA ALA C 53 33.28 -21.23 37.75
C ALA C 53 32.67 -22.60 37.57
N GLY C 54 33.04 -23.27 36.47
CA GLY C 54 32.55 -24.61 36.19
C GLY C 54 31.12 -24.67 35.68
N GLN C 55 30.60 -23.52 35.28
CA GLN C 55 29.25 -23.48 34.75
C GLN C 55 29.24 -22.92 33.34
N ILE C 56 28.19 -23.29 32.61
CA ILE C 56 27.96 -22.87 31.24
C ILE C 56 26.85 -21.80 31.15
N TYR C 57 27.24 -20.58 30.78
CA TYR C 57 26.34 -19.43 30.81
C TYR C 57 25.88 -18.92 29.46
N GLY C 58 24.61 -19.01 29.15
CA GLY C 58 24.16 -18.40 27.90
C GLY C 58 23.63 -16.96 27.91
N VAL C 59 24.06 -16.17 26.93
CA VAL C 59 23.40 -14.89 26.61
C VAL C 59 22.65 -14.95 25.25
N ILE C 60 21.32 -14.98 25.32
CA ILE C 60 20.47 -15.01 24.13
C ILE C 60 19.85 -13.64 23.75
N GLY C 61 19.65 -13.41 22.45
CA GLY C 61 18.83 -12.27 22.07
C GLY C 61 18.73 -12.10 20.56
N ALA C 62 17.88 -11.15 20.16
CA ALA C 62 17.66 -10.84 18.74
C ALA C 62 18.96 -10.35 18.15
N SER C 63 19.04 -10.38 16.83
CA SER C 63 20.25 -9.92 16.18
C SER C 63 20.30 -8.39 16.29
N GLY C 64 21.39 -7.89 16.87
CA GLY C 64 21.49 -6.47 17.14
C GLY C 64 21.24 -6.07 18.58
N ALA C 65 21.23 -7.05 19.48
CA ALA C 65 20.98 -6.77 20.89
C ALA C 65 22.26 -6.38 21.64
N GLY C 66 23.40 -6.63 21.01
CA GLY C 66 24.69 -6.47 21.68
C GLY C 66 25.37 -7.75 22.16
N LYS C 67 24.94 -8.91 21.64
CA LYS C 67 25.58 -10.19 22.00
C LYS C 67 27.07 -10.14 21.65
N SER C 68 27.33 -9.75 20.41
CA SER C 68 28.65 -9.90 19.83
C SER C 68 29.59 -8.95 20.55
N THR C 69 29.14 -7.73 20.78
CA THR C 69 29.82 -6.78 21.64
C THR C 69 30.07 -7.31 23.06
N LEU C 70 28.99 -7.73 23.71
CA LEU C 70 29.06 -8.23 25.07
C LEU C 70 30.11 -9.29 25.29
N ILE C 71 30.08 -10.32 24.46
CA ILE C 71 31.06 -11.38 24.55
C ILE C 71 32.48 -10.83 24.37
N ARG C 72 32.63 -9.92 23.43
CA ARG C 72 33.94 -9.41 23.04
C ARG C 72 34.64 -8.66 24.16
N CYS C 73 33.86 -7.93 24.94
CA CYS C 73 34.35 -7.13 26.08
C CYS C 73 35.14 -7.97 27.07
N VAL C 74 34.60 -9.12 27.43
CA VAL C 74 35.27 -10.10 28.29
C VAL C 74 36.71 -10.32 27.86
N ASN C 75 36.91 -10.29 26.55
CA ASN C 75 38.19 -10.50 25.91
C ASN C 75 38.92 -9.19 25.67
N LEU C 76 38.19 -8.10 25.80
CA LEU C 76 38.69 -6.79 25.42
C LEU C 76 39.11 -6.77 23.97
N LEU C 77 38.43 -7.56 23.14
CA LEU C 77 38.52 -7.37 21.71
C LEU C 77 37.73 -6.10 21.52
N GLU C 78 36.82 -5.82 22.44
CA GLU C 78 36.17 -4.52 22.49
C GLU C 78 36.47 -3.80 23.81
N ARG C 79 36.52 -2.46 23.76
CA ARG C 79 36.71 -1.67 24.99
C ARG C 79 35.37 -1.24 25.54
N PRO C 80 35.02 -1.74 26.72
CA PRO C 80 33.80 -1.23 27.35
C PRO C 80 33.96 0.27 27.63
N THR C 81 33.01 1.09 27.16
CA THR C 81 33.05 2.53 27.41
C THR C 81 33.15 2.77 28.92
N GLU C 82 32.27 2.13 29.68
CA GLU C 82 32.44 2.06 31.12
C GLU C 82 32.03 0.69 31.61
N GLY C 83 32.63 0.25 32.72
CA GLY C 83 32.24 -1.00 33.35
C GLY C 83 33.43 -1.72 33.94
N SER C 84 33.23 -2.95 34.41
CA SER C 84 34.33 -3.75 34.93
C SER C 84 34.35 -5.13 34.28
N VAL C 85 35.54 -5.62 33.87
CA VAL C 85 35.66 -6.97 33.34
C VAL C 85 36.65 -7.83 34.16
N LEU C 86 36.14 -8.80 34.92
CA LEU C 86 37.00 -9.49 35.88
C LEU C 86 37.01 -11.02 35.69
N VAL C 87 38.14 -11.54 35.25
CA VAL C 87 38.23 -12.97 34.92
C VAL C 87 39.25 -13.69 35.80
N ASP C 88 38.79 -14.69 36.54
CA ASP C 88 39.68 -15.42 37.44
C ASP C 88 40.11 -14.50 38.57
N GLY C 89 39.30 -13.47 38.83
CA GLY C 89 39.61 -12.44 39.81
C GLY C 89 40.43 -11.30 39.27
N GLN C 90 41.13 -11.55 38.16
CA GLN C 90 42.04 -10.57 37.56
C GLN C 90 41.35 -9.54 36.68
N GLU C 91 41.59 -8.26 36.96
CA GLU C 91 41.02 -7.17 36.17
C GLU C 91 41.65 -7.07 34.78
N LEU C 92 40.88 -6.57 33.82
CA LEU C 92 41.22 -6.57 32.40
C LEU C 92 41.15 -5.14 31.80
N THR C 93 40.01 -4.47 31.98
CA THR C 93 39.74 -3.19 31.31
C THR C 93 40.99 -2.33 31.30
N THR C 94 41.45 -1.91 32.47
CA THR C 94 42.74 -1.21 32.53
C THR C 94 43.87 -2.17 32.84
N LEU C 95 44.71 -2.39 31.83
CA LEU C 95 45.75 -3.39 31.88
C LEU C 95 46.79 -3.08 30.82
N SER C 96 47.97 -3.67 30.97
CA SER C 96 49.04 -3.50 30.00
C SER C 96 48.91 -4.52 28.87
N GLU C 97 49.06 -4.06 27.63
CA GLU C 97 48.89 -4.92 26.46
C GLU C 97 49.75 -6.19 26.52
N SER C 98 50.86 -6.14 27.23
CA SER C 98 51.70 -7.32 27.44
C SER C 98 51.10 -8.22 28.50
N GLU C 99 50.28 -7.64 29.37
CA GLU C 99 49.52 -8.42 30.35
C GLU C 99 48.33 -9.11 29.69
N LEU C 100 47.73 -8.42 28.71
CA LEU C 100 46.50 -8.85 28.04
C LEU C 100 46.70 -10.14 27.25
N THR C 101 47.95 -10.34 26.82
CA THR C 101 48.39 -11.57 26.18
C THR C 101 48.36 -12.77 27.12
N LYS C 102 48.96 -12.63 28.29
CA LYS C 102 48.99 -13.74 29.21
C LYS C 102 47.58 -14.01 29.73
N ALA C 103 46.80 -12.93 29.85
CA ALA C 103 45.39 -13.06 30.21
C ALA C 103 44.68 -13.91 29.15
N ARG C 104 44.88 -13.54 27.89
CA ARG C 104 44.25 -14.24 26.78
C ARG C 104 44.70 -15.69 26.65
N ARG C 105 45.72 -16.07 27.39
CA ARG C 105 46.07 -17.48 27.42
C ARG C 105 45.08 -18.23 28.27
N GLN C 106 44.37 -17.50 29.13
CA GLN C 106 43.37 -18.11 30.03
C GLN C 106 41.93 -18.19 29.47
N ILE C 107 41.68 -17.43 28.41
CA ILE C 107 40.39 -17.43 27.73
C ILE C 107 40.50 -17.96 26.31
N GLY C 108 39.97 -19.15 26.04
CA GLY C 108 39.89 -19.63 24.68
C GLY C 108 38.69 -19.01 23.99
N MET C 109 38.74 -18.89 22.67
CA MET C 109 37.55 -18.42 21.95
C MET C 109 37.27 -19.17 20.65
N ILE C 110 35.98 -19.41 20.39
CA ILE C 110 35.56 -19.94 19.10
C ILE C 110 34.45 -19.10 18.45
N PHE C 111 34.38 -19.19 17.13
CA PHE C 111 33.55 -18.27 16.36
C PHE C 111 32.61 -18.97 15.41
N GLN C 112 31.60 -18.22 14.97
CA GLN C 112 30.57 -18.78 14.12
C GLN C 112 31.23 -19.18 12.80
N HIS C 113 31.93 -18.22 12.17
CA HIS C 113 32.74 -18.50 11.01
C HIS C 113 34.08 -18.97 11.53
N PHE C 114 34.43 -20.21 11.27
CA PHE C 114 35.37 -20.97 12.11
C PHE C 114 36.79 -20.41 12.32
N ASN C 115 37.15 -19.42 11.49
CA ASN C 115 38.43 -18.74 11.59
C ASN C 115 39.68 -19.61 11.69
N LEU C 116 39.84 -20.53 10.76
CA LEU C 116 41.08 -21.32 10.67
C LEU C 116 41.97 -20.73 9.58
N LEU C 117 43.30 -20.82 9.76
CA LEU C 117 44.22 -20.49 8.66
C LEU C 117 44.13 -21.57 7.59
N SER C 118 43.83 -21.12 6.37
CA SER C 118 43.68 -22.04 5.26
C SER C 118 45.04 -22.63 4.91
N SER C 119 46.10 -21.97 5.35
CA SER C 119 47.45 -22.37 4.99
C SER C 119 47.97 -23.54 5.81
N ARG C 120 47.37 -23.79 6.97
CA ARG C 120 47.96 -24.75 7.91
C ARG C 120 47.12 -26.01 8.06
N THR C 121 47.80 -27.09 8.40
CA THR C 121 47.13 -28.36 8.70
C THR C 121 46.29 -28.26 9.99
N VAL C 122 45.31 -29.15 10.14
CA VAL C 122 44.50 -29.15 11.36
C VAL C 122 45.42 -29.17 12.57
N PHE C 123 46.48 -29.97 12.48
CA PHE C 123 47.46 -30.05 13.55
C PHE C 123 48.03 -28.67 13.91
N GLY C 124 48.81 -28.13 12.98
CA GLY C 124 49.50 -26.87 13.17
C GLY C 124 48.55 -25.74 13.46
N ASN C 125 47.32 -25.83 12.95
CA ASN C 125 46.31 -24.81 13.23
C ASN C 125 46.12 -24.72 14.74
N VAL C 126 46.01 -25.89 15.37
CA VAL C 126 45.88 -25.95 16.81
C VAL C 126 47.09 -25.35 17.51
N ALA C 127 48.28 -25.63 16.97
CA ALA C 127 49.55 -25.31 17.62
C ALA C 127 49.91 -23.82 17.64
N LEU C 128 49.46 -23.07 16.63
CA LEU C 128 49.73 -21.64 16.50
C LEU C 128 49.64 -20.81 17.79
N PRO C 129 48.61 -21.06 18.62
CA PRO C 129 48.58 -20.32 19.88
C PRO C 129 49.70 -20.77 20.80
N LEU C 130 50.20 -21.98 20.58
CA LEU C 130 51.29 -22.51 21.41
C LEU C 130 52.61 -21.89 20.98
N GLU C 131 52.67 -21.45 19.72
CA GLU C 131 53.85 -20.81 19.14
C GLU C 131 53.92 -19.35 19.56
N LEU C 132 52.77 -18.73 19.86
CA LEU C 132 52.71 -17.30 20.13
C LEU C 132 53.64 -16.91 21.25
N ASP C 133 53.53 -17.59 22.39
CA ASP C 133 54.62 -17.63 23.35
C ASP C 133 55.45 -18.86 23.00
N ASN C 134 56.76 -18.76 23.08
CA ASN C 134 57.62 -19.83 22.56
C ASN C 134 57.54 -21.09 23.41
N THR C 135 57.14 -22.21 22.80
CA THR C 135 57.12 -23.46 23.55
C THR C 135 57.97 -24.46 22.79
N PRO C 136 58.72 -25.31 23.52
CA PRO C 136 59.48 -26.38 22.87
C PRO C 136 58.62 -27.21 21.93
N LYS C 137 59.21 -27.60 20.80
CA LYS C 137 58.49 -28.35 19.77
C LYS C 137 57.88 -29.64 20.33
N ASP C 138 58.44 -30.09 21.46
CA ASP C 138 58.14 -31.39 22.04
C ASP C 138 56.74 -31.45 22.69
N GLU C 139 56.42 -30.44 23.50
CA GLU C 139 55.09 -30.34 24.08
C GLU C 139 54.00 -30.12 23.01
N VAL C 140 54.31 -29.24 22.06
CA VAL C 140 53.43 -28.97 20.94
C VAL C 140 52.95 -30.28 20.28
N LYS C 141 53.89 -31.14 19.92
CA LYS C 141 53.53 -32.44 19.37
C LYS C 141 52.62 -33.17 20.34
N ARG C 142 52.92 -33.00 21.63
CA ARG C 142 52.18 -33.66 22.70
C ARG C 142 50.79 -33.04 22.87
N ARG C 143 50.77 -31.77 23.28
CA ARG C 143 49.54 -31.03 23.58
C ARG C 143 48.50 -31.18 22.47
N VAL C 144 48.97 -31.01 21.25
CA VAL C 144 48.12 -31.04 20.06
C VAL C 144 47.53 -32.42 19.79
N THR C 145 48.35 -33.45 19.92
CA THR C 145 47.86 -34.80 19.63
C THR C 145 46.73 -35.12 20.60
N GLU C 146 46.94 -34.77 21.87
CA GLU C 146 45.96 -34.93 22.93
C GLU C 146 44.64 -34.24 22.58
N LEU C 147 44.68 -32.91 22.50
CA LEU C 147 43.52 -32.08 22.21
C LEU C 147 42.78 -32.52 20.96
N LEU C 148 43.47 -33.20 20.06
CA LEU C 148 42.84 -33.70 18.83
C LEU C 148 42.12 -35.03 19.06
N SER C 149 42.64 -35.84 20.00
CA SER C 149 41.99 -37.08 20.36
C SER C 149 40.75 -36.77 21.18
N LEU C 150 40.82 -35.62 21.85
CA LEU C 150 39.70 -35.13 22.62
C LEU C 150 38.52 -34.79 21.70
N VAL C 151 38.79 -33.97 20.70
CA VAL C 151 37.74 -33.44 19.84
C VAL C 151 37.26 -34.48 18.80
N GLY C 152 38.00 -35.58 18.67
CA GLY C 152 37.69 -36.59 17.68
C GLY C 152 38.26 -36.36 16.29
N LEU C 153 39.30 -35.55 16.21
CA LEU C 153 39.97 -35.30 14.94
C LEU C 153 41.28 -36.09 14.76
N GLY C 154 41.68 -36.86 15.78
CA GLY C 154 42.99 -37.51 15.79
C GLY C 154 43.37 -38.25 14.52
N ASP C 155 42.36 -38.78 13.84
CA ASP C 155 42.51 -39.32 12.50
C ASP C 155 43.18 -38.35 11.53
N LYS C 156 42.73 -37.10 11.61
CA LYS C 156 42.87 -36.08 10.56
C LYS C 156 44.10 -35.11 10.64
N HIS C 157 45.08 -35.46 11.47
CA HIS C 157 46.18 -34.55 11.81
C HIS C 157 46.71 -33.74 10.61
N ASP C 158 46.78 -34.40 9.44
CA ASP C 158 47.46 -33.85 8.25
C ASP C 158 46.55 -33.13 7.25
N SER C 159 45.27 -33.00 7.58
CA SER C 159 44.32 -32.39 6.65
C SER C 159 44.31 -30.86 6.66
N TYR C 160 43.86 -30.32 5.54
CA TYR C 160 43.69 -28.89 5.36
C TYR C 160 42.19 -28.55 5.45
N PRO C 161 41.87 -27.49 6.19
CA PRO C 161 40.54 -26.94 6.51
C PRO C 161 39.61 -26.86 5.30
N SER C 162 40.17 -26.66 4.11
CA SER C 162 39.31 -26.58 2.94
C SER C 162 38.70 -27.94 2.72
N ASN C 163 39.38 -28.98 3.21
CA ASN C 163 38.91 -30.36 3.09
C ASN C 163 37.82 -30.72 4.12
N LEU C 164 37.99 -30.23 5.35
CA LEU C 164 37.01 -30.42 6.44
C LEU C 164 35.56 -29.97 6.16
N SER C 165 34.62 -30.77 6.66
CA SER C 165 33.20 -30.38 6.80
C SER C 165 32.97 -29.49 8.03
N GLY C 166 31.84 -28.80 8.06
CA GLY C 166 31.64 -27.71 9.00
C GLY C 166 31.99 -28.02 10.47
N GLY C 167 31.37 -29.07 10.98
CA GLY C 167 31.71 -29.55 12.32
C GLY C 167 33.20 -29.77 12.52
N GLN C 168 33.85 -30.50 11.61
CA GLN C 168 35.26 -30.80 11.81
C GLN C 168 36.03 -29.53 12.08
N LYS C 169 35.67 -28.46 11.37
CA LYS C 169 36.36 -27.19 11.54
C LYS C 169 36.22 -26.67 12.99
N GLN C 170 35.01 -26.80 13.55
CA GLN C 170 34.69 -26.26 14.87
C GLN C 170 35.41 -27.07 15.96
N ARG C 171 35.56 -28.38 15.73
CA ARG C 171 36.36 -29.21 16.62
C ARG C 171 37.77 -28.69 16.68
N VAL C 172 38.36 -28.46 15.50
CA VAL C 172 39.69 -27.87 15.38
C VAL C 172 39.75 -26.56 16.17
N ALA C 173 38.81 -25.67 15.88
CA ALA C 173 38.75 -24.36 16.51
C ALA C 173 38.65 -24.47 18.03
N ILE C 174 37.89 -25.47 18.49
CA ILE C 174 37.75 -25.77 19.91
C ILE C 174 39.07 -26.24 20.51
N ALA C 175 39.61 -27.32 19.96
CA ALA C 175 40.92 -27.84 20.38
C ALA C 175 41.97 -26.71 20.39
N ARG C 176 41.89 -25.83 19.41
CA ARG C 176 42.83 -24.74 19.30
C ARG C 176 42.67 -23.75 20.43
N ALA C 177 41.42 -23.53 20.85
CA ALA C 177 41.13 -22.53 21.87
C ALA C 177 41.49 -23.12 23.22
N LEU C 178 41.50 -24.44 23.26
CA LEU C 178 41.84 -25.18 24.45
C LEU C 178 43.35 -25.41 24.57
N ALA C 179 44.10 -25.03 23.53
CA ALA C 179 45.55 -25.23 23.50
C ALA C 179 46.25 -24.72 24.76
N SER C 180 46.06 -23.43 25.05
CA SER C 180 46.72 -22.81 26.20
C SER C 180 46.20 -23.41 27.51
N ASN C 181 45.26 -24.34 27.38
CA ASN C 181 44.64 -25.03 28.51
C ASN C 181 43.95 -24.02 29.42
N PRO C 182 43.04 -23.25 28.83
CA PRO C 182 42.49 -22.02 29.40
C PRO C 182 41.48 -22.33 30.48
N LYS C 183 41.26 -21.37 31.38
CA LYS C 183 40.25 -21.59 32.39
C LYS C 183 38.85 -21.26 31.85
N VAL C 184 38.76 -20.27 30.95
CA VAL C 184 37.48 -19.84 30.38
C VAL C 184 37.36 -20.01 28.87
N LEU C 185 36.34 -20.73 28.40
CA LEU C 185 35.98 -20.75 26.97
C LEU C 185 34.79 -19.82 26.57
N LEU C 186 35.06 -18.87 25.68
CA LEU C 186 33.97 -18.03 25.08
C LEU C 186 33.38 -18.57 23.74
N CYS C 187 32.06 -18.50 23.58
CA CYS C 187 31.44 -18.88 22.28
C CYS C 187 30.63 -17.78 21.60
N ASP C 188 31.10 -17.39 20.41
CA ASP C 188 30.45 -16.38 19.62
C ASP C 188 29.66 -17.12 18.57
N GLN C 189 28.35 -17.23 18.79
CA GLN C 189 27.43 -17.91 17.88
C GLN C 189 28.01 -19.21 17.35
N ALA C 190 28.77 -19.91 18.20
CA ALA C 190 29.67 -21.00 17.76
C ALA C 190 29.05 -22.14 16.95
N THR C 191 27.78 -22.44 17.17
CA THR C 191 27.05 -23.44 16.37
C THR C 191 26.15 -22.89 15.26
N SER C 192 26.21 -21.57 15.05
CA SER C 192 25.19 -20.87 14.30
C SER C 192 25.16 -21.28 12.81
N ALA C 193 26.32 -21.66 12.25
CA ALA C 193 26.38 -22.07 10.84
C ALA C 193 26.27 -23.59 10.64
N LEU C 194 26.31 -24.37 11.71
CA LEU C 194 26.17 -25.81 11.59
C LEU C 194 24.69 -26.22 11.37
N ASP C 195 24.47 -27.44 10.89
CA ASP C 195 23.15 -28.02 10.74
C ASP C 195 22.63 -28.61 12.06
N PRO C 196 21.30 -28.79 12.18
CA PRO C 196 20.70 -29.27 13.42
C PRO C 196 21.43 -30.50 13.98
N ALA C 197 21.77 -31.43 13.11
CA ALA C 197 22.48 -32.65 13.50
C ALA C 197 23.83 -32.37 14.17
N THR C 198 24.59 -31.45 13.60
CA THR C 198 25.94 -31.20 14.09
C THR C 198 25.93 -30.34 15.36
N THR C 199 25.07 -29.33 15.38
CA THR C 199 24.98 -28.47 16.54
C THR C 199 24.71 -29.30 17.79
N ARG C 200 23.98 -30.42 17.62
CA ARG C 200 23.76 -31.33 18.74
C ARG C 200 25.10 -31.93 19.18
N SER C 201 25.89 -32.39 18.22
CA SER C 201 27.17 -33.08 18.51
C SER C 201 28.28 -32.12 18.96
N ILE C 202 28.23 -30.89 18.47
CA ILE C 202 29.18 -29.90 18.95
C ILE C 202 28.87 -29.52 20.39
N LEU C 203 27.61 -29.12 20.62
CA LEU C 203 27.19 -28.68 21.93
C LEU C 203 27.45 -29.75 22.99
N GLU C 204 27.24 -31.02 22.64
CA GLU C 204 27.43 -32.09 23.62
C GLU C 204 28.92 -32.33 23.87
N LEU C 205 29.77 -32.02 22.89
CA LEU C 205 31.23 -32.09 23.05
C LEU C 205 31.73 -30.99 23.97
N LEU C 206 31.29 -29.77 23.71
CA LEU C 206 31.52 -28.68 24.64
C LEU C 206 31.02 -29.10 26.01
N LYS C 207 29.83 -29.70 26.05
CA LYS C 207 29.23 -30.04 27.32
C LYS C 207 30.19 -30.91 28.16
N ASP C 208 30.82 -31.90 27.52
CA ASP C 208 31.73 -32.82 28.19
C ASP C 208 32.91 -32.12 28.82
N ILE C 209 33.60 -31.34 27.99
CA ILE C 209 34.71 -30.51 28.40
C ILE C 209 34.33 -29.75 29.69
N ASN C 210 33.11 -29.22 29.74
CA ASN C 210 32.67 -28.51 30.94
C ASN C 210 32.61 -29.43 32.14
N ARG C 211 32.02 -30.60 31.95
CA ARG C 211 31.87 -31.57 33.02
C ARG C 211 33.21 -32.25 33.32
N ARG C 212 33.89 -32.74 32.30
CA ARG C 212 35.12 -33.49 32.50
C ARG C 212 36.31 -32.67 32.97
N LEU C 213 36.57 -31.55 32.32
CA LEU C 213 37.70 -30.71 32.69
C LEU C 213 37.30 -29.55 33.59
N GLY C 214 36.00 -29.42 33.84
CA GLY C 214 35.46 -28.30 34.58
C GLY C 214 35.66 -26.95 33.93
N LEU C 215 35.82 -26.91 32.61
CA LEU C 215 36.02 -25.64 31.88
C LEU C 215 34.82 -24.67 31.93
N THR C 216 35.06 -23.43 32.36
CA THR C 216 34.00 -22.41 32.36
C THR C 216 33.57 -21.94 30.96
N ILE C 217 32.28 -21.91 30.67
CA ILE C 217 31.88 -21.42 29.33
C ILE C 217 30.93 -20.20 29.29
N LEU C 218 31.33 -19.14 28.58
CA LEU C 218 30.41 -18.04 28.27
C LEU C 218 29.76 -18.30 26.88
N LEU C 219 28.51 -17.94 26.70
CA LEU C 219 27.92 -18.32 25.45
C LEU C 219 27.01 -17.25 24.87
N ILE C 220 27.14 -16.99 23.57
CA ILE C 220 26.10 -16.20 22.91
C ILE C 220 25.40 -16.91 21.75
N THR C 221 24.08 -16.79 21.73
CA THR C 221 23.33 -17.42 20.69
C THR C 221 22.10 -16.54 20.35
N HIS C 222 21.53 -16.73 19.15
CA HIS C 222 20.17 -16.28 18.87
C HIS C 222 19.21 -17.47 19.02
N GLU C 223 19.79 -18.65 19.26
CA GLU C 223 19.01 -19.88 19.31
C GLU C 223 18.80 -20.41 20.75
N MET C 224 17.58 -20.26 21.25
CA MET C 224 17.21 -20.67 22.61
C MET C 224 17.57 -22.14 22.84
N ASP C 225 17.48 -22.93 21.76
CA ASP C 225 17.83 -24.35 21.74
C ASP C 225 19.21 -24.66 22.25
N VAL C 226 20.12 -23.76 21.94
CA VAL C 226 21.50 -23.88 22.33
C VAL C 226 21.56 -23.74 23.84
N VAL C 227 20.77 -22.78 24.33
CA VAL C 227 20.65 -22.49 25.76
C VAL C 227 20.10 -23.70 26.54
N LYS C 228 18.91 -24.16 26.18
CA LYS C 228 18.33 -25.30 26.88
C LYS C 228 19.12 -26.61 26.76
N ARG C 229 20.06 -26.70 25.85
CA ARG C 229 20.82 -27.94 25.79
C ARG C 229 21.93 -28.01 26.81
N ILE C 230 22.90 -27.11 26.68
CA ILE C 230 24.02 -27.10 27.60
C ILE C 230 24.15 -26.00 28.69
N CYS C 231 23.29 -24.98 28.69
CA CYS C 231 23.49 -23.90 29.68
C CYS C 231 22.90 -24.15 31.06
N ASP C 232 23.68 -23.81 32.08
CA ASP C 232 23.26 -23.82 33.47
C ASP C 232 22.54 -22.51 33.84
N CYS C 233 23.13 -21.40 33.39
CA CYS C 233 22.52 -20.09 33.59
C CYS C 233 22.19 -19.46 32.24
N VAL C 234 21.25 -18.52 32.23
CA VAL C 234 20.89 -17.81 30.99
C VAL C 234 20.53 -16.33 31.15
N ALA C 235 21.28 -15.42 30.54
CA ALA C 235 20.68 -14.08 30.40
C ALA C 235 20.01 -13.81 29.02
N VAL C 236 18.78 -13.32 29.11
CA VAL C 236 18.06 -12.77 27.99
C VAL C 236 18.45 -11.30 27.82
N ILE C 237 19.09 -10.98 26.70
CA ILE C 237 19.46 -9.58 26.39
C ILE C 237 18.59 -8.97 25.28
N SER C 238 18.16 -7.73 25.50
CA SER C 238 17.37 -7.01 24.51
C SER C 238 17.83 -5.55 24.40
N ASN C 239 18.34 -5.17 23.23
CA ASN C 239 18.75 -3.80 22.98
C ASN C 239 19.72 -3.27 24.03
N GLY C 240 20.82 -4.01 24.23
CA GLY C 240 21.89 -3.57 25.10
C GLY C 240 21.55 -3.81 26.55
N GLU C 241 20.30 -4.20 26.81
CA GLU C 241 19.76 -4.36 28.17
C GLU C 241 19.66 -5.82 28.52
N LEU C 242 19.83 -6.15 29.80
CA LEU C 242 19.45 -7.48 30.28
C LEU C 242 18.04 -7.42 30.86
N ILE C 243 17.09 -8.06 30.19
CA ILE C 243 15.74 -8.07 30.71
C ILE C 243 15.43 -9.19 31.74
N GLU C 244 16.05 -10.37 31.55
CA GLU C 244 15.83 -11.49 32.49
C GLU C 244 17.10 -12.26 32.81
N GLN C 245 17.48 -12.32 34.08
CA GLN C 245 18.78 -12.91 34.35
C GLN C 245 18.88 -14.30 34.96
N ASP C 246 17.78 -14.92 35.28
CA ASP C 246 17.83 -16.10 36.16
C ASP C 246 18.52 -17.35 35.62
N THR C 247 18.39 -18.44 36.36
CA THR C 247 18.88 -19.75 35.96
C THR C 247 18.03 -20.31 34.82
N VAL C 248 18.62 -21.19 34.00
CA VAL C 248 17.87 -21.94 32.97
C VAL C 248 16.60 -22.68 33.46
N SER C 249 16.74 -23.51 34.48
CA SER C 249 15.58 -24.11 35.13
C SER C 249 14.55 -23.06 35.41
N GLU C 250 15.01 -21.92 35.90
CA GLU C 250 14.07 -20.89 36.31
C GLU C 250 13.52 -20.09 35.15
N VAL C 251 14.27 -19.95 34.07
CA VAL C 251 13.75 -19.19 32.94
C VAL C 251 12.78 -20.03 32.07
N PHE C 252 13.10 -21.30 31.85
CA PHE C 252 12.22 -22.16 31.06
C PHE C 252 10.98 -22.59 31.82
N SER C 253 11.00 -22.37 33.13
CA SER C 253 9.89 -22.68 34.02
C SER C 253 9.62 -21.37 34.72
N HIS C 254 8.40 -20.84 34.63
CA HIS C 254 8.14 -19.50 35.18
C HIS C 254 8.97 -18.39 34.51
N PRO C 255 8.88 -18.30 33.18
CA PRO C 255 9.46 -17.16 32.44
C PRO C 255 8.83 -15.85 32.91
N LYS C 256 9.69 -14.90 33.30
CA LYS C 256 9.26 -13.64 33.90
C LYS C 256 9.14 -12.49 32.93
N THR C 257 9.29 -12.79 31.63
CA THR C 257 9.26 -11.79 30.57
C THR C 257 8.52 -12.26 29.34
N PRO C 258 7.77 -11.36 28.69
CA PRO C 258 7.09 -11.82 27.48
C PRO C 258 8.08 -12.36 26.43
N LEU C 259 9.13 -11.58 26.17
CA LEU C 259 10.20 -11.95 25.24
C LEU C 259 10.80 -13.30 25.61
N ALA C 260 11.13 -13.45 26.88
CA ALA C 260 11.60 -14.71 27.39
C ALA C 260 10.66 -15.82 26.90
N GLN C 261 9.35 -15.57 27.01
CA GLN C 261 8.37 -16.58 26.62
C GLN C 261 8.49 -16.83 25.14
N LYS C 262 8.70 -15.76 24.37
CA LYS C 262 8.80 -15.83 22.92
C LYS C 262 9.91 -16.80 22.49
N PHE C 263 11.10 -16.61 23.05
CA PHE C 263 12.24 -17.50 22.83
C PHE C 263 11.97 -18.96 23.22
N ILE C 264 11.43 -19.16 24.42
CA ILE C 264 11.10 -20.49 24.90
C ILE C 264 10.05 -21.11 24.00
N GLN C 265 8.97 -20.38 23.82
CA GLN C 265 7.89 -20.82 22.97
C GLN C 265 8.45 -21.24 21.61
N SER C 266 9.56 -20.62 21.21
CA SER C 266 10.24 -20.99 19.97
C SER C 266 10.98 -22.32 20.06
N THR C 267 11.86 -22.49 21.04
CA THR C 267 12.66 -23.70 21.04
C THR C 267 11.78 -24.93 20.79
N LEU C 268 10.74 -25.09 21.60
CA LEU C 268 9.70 -26.08 21.30
C LEU C 268 8.92 -25.49 20.16
N HIS C 269 8.80 -26.19 19.05
CA HIS C 269 8.32 -25.47 17.90
C HIS C 269 6.81 -25.48 17.96
N LEU C 270 6.24 -24.32 18.27
CA LEU C 270 4.82 -24.25 18.53
C LEU C 270 4.15 -23.31 17.55
N ASP C 271 3.43 -23.87 16.58
CA ASP C 271 2.83 -23.07 15.51
C ASP C 271 1.31 -22.97 15.58
N ILE C 272 0.82 -21.75 15.83
CA ILE C 272 -0.61 -21.46 15.88
C ILE C 272 -1.05 -21.01 14.51
N PRO C 273 -1.67 -21.94 13.75
CA PRO C 273 -1.82 -21.68 12.31
C PRO C 273 -2.51 -20.34 12.02
N GLU C 274 -2.23 -19.76 10.86
CA GLU C 274 -2.75 -18.43 10.52
C GLU C 274 -4.26 -18.38 10.77
N ASP C 275 -4.93 -19.48 10.41
CA ASP C 275 -6.37 -19.56 10.50
C ASP C 275 -6.90 -19.35 11.92
N TYR C 276 -6.12 -19.78 12.91
CA TYR C 276 -6.45 -19.56 14.33
C TYR C 276 -6.28 -18.11 14.79
N GLN C 277 -5.12 -17.52 14.50
CA GLN C 277 -4.85 -16.13 14.85
C GLN C 277 -5.86 -15.18 14.19
N GLU C 278 -6.28 -15.55 12.98
CA GLU C 278 -7.30 -14.79 12.26
C GLU C 278 -8.61 -14.82 13.02
N ARG C 279 -9.02 -16.00 13.48
CA ARG C 279 -10.28 -16.16 14.21
C ARG C 279 -10.25 -15.65 15.64
N LEU C 280 -9.13 -15.89 16.31
CA LEU C 280 -8.96 -15.45 17.68
C LEU C 280 -9.21 -13.96 17.84
N GLN C 281 -10.12 -13.60 18.74
CA GLN C 281 -10.38 -12.20 19.06
C GLN C 281 -10.55 -11.99 20.56
N ALA C 282 -9.79 -11.06 21.11
CA ALA C 282 -9.82 -10.79 22.55
C ALA C 282 -11.21 -10.36 23.04
N GLU C 283 -12.07 -9.95 22.11
CA GLU C 283 -13.47 -9.67 22.43
C GLU C 283 -14.27 -10.96 22.33
N PRO C 284 -14.87 -11.38 23.46
CA PRO C 284 -15.66 -12.62 23.55
C PRO C 284 -17.04 -12.53 22.89
N PHE C 285 -17.45 -13.60 22.21
CA PHE C 285 -18.74 -13.62 21.52
C PHE C 285 -19.63 -14.80 21.94
N THR C 286 -20.73 -15.02 21.21
CA THR C 286 -21.65 -16.11 21.53
C THR C 286 -21.34 -17.37 20.73
N ASP C 287 -21.45 -18.52 21.39
CA ASP C 287 -20.93 -19.83 20.92
C ASP C 287 -19.41 -19.88 20.85
N CYS C 288 -18.75 -19.16 21.76
CA CYS C 288 -17.30 -19.06 21.76
C CYS C 288 -16.70 -19.88 22.88
N VAL C 289 -15.55 -20.46 22.61
CA VAL C 289 -14.73 -21.06 23.65
C VAL C 289 -13.41 -20.32 23.76
N PRO C 290 -12.84 -20.29 24.96
CA PRO C 290 -11.55 -19.63 25.17
C PRO C 290 -10.38 -20.39 24.56
N MET C 291 -9.51 -19.69 23.83
CA MET C 291 -8.24 -20.28 23.46
C MET C 291 -7.19 -19.79 24.44
N LEU C 292 -6.56 -20.73 25.14
CA LEU C 292 -5.64 -20.39 26.21
C LEU C 292 -4.37 -21.20 26.11
N ARG C 293 -3.26 -20.62 26.54
CA ARG C 293 -1.97 -21.31 26.55
C ARG C 293 -1.49 -21.64 27.96
N LEU C 294 -0.95 -22.84 28.11
CA LEU C 294 -0.77 -23.42 29.42
C LEU C 294 0.69 -23.74 29.69
N GLU C 295 1.20 -23.27 30.83
CA GLU C 295 2.56 -23.55 31.23
C GLU C 295 2.58 -24.69 32.24
N PHE C 296 3.34 -25.72 31.96
CA PHE C 296 3.56 -26.77 32.94
C PHE C 296 4.98 -26.77 33.47
N THR C 297 5.13 -26.81 34.79
CA THR C 297 6.44 -26.95 35.40
C THR C 297 6.62 -28.38 35.84
N GLY C 298 7.81 -28.75 36.30
CA GLY C 298 8.13 -30.16 36.54
C GLY C 298 7.14 -30.95 37.38
N GLN C 299 6.53 -30.28 38.36
CA GLN C 299 5.53 -30.88 39.23
C GLN C 299 4.27 -31.28 38.47
N SER C 300 3.79 -30.34 37.65
CA SER C 300 2.58 -30.52 36.88
C SER C 300 2.75 -31.23 35.52
N VAL C 301 3.98 -31.46 35.08
CA VAL C 301 4.22 -32.01 33.74
C VAL C 301 3.72 -33.44 33.52
N ASP C 302 4.03 -34.31 34.48
CA ASP C 302 3.60 -35.69 34.43
C ASP C 302 2.26 -35.92 35.14
N ALA C 303 1.76 -34.89 35.80
CA ALA C 303 0.46 -34.95 36.45
C ALA C 303 -0.67 -34.89 35.41
N PRO C 304 -1.58 -35.87 35.44
CA PRO C 304 -2.64 -36.02 34.44
C PRO C 304 -3.74 -34.99 34.69
N LEU C 305 -3.36 -33.73 34.63
CA LEU C 305 -4.26 -32.67 35.02
C LEU C 305 -5.35 -32.40 33.99
N LEU C 306 -5.08 -32.71 32.72
CA LEU C 306 -6.11 -32.52 31.69
C LEU C 306 -7.11 -33.66 31.65
N SER C 307 -6.62 -34.89 31.73
CA SER C 307 -7.51 -36.03 31.72
C SER C 307 -8.43 -35.96 32.93
N GLU C 308 -7.87 -35.67 34.09
CA GLU C 308 -8.70 -35.49 35.27
C GLU C 308 -9.71 -34.39 35.00
N THR C 309 -9.22 -33.27 34.48
CA THR C 309 -10.02 -32.06 34.40
C THR C 309 -11.29 -32.30 33.54
N ALA C 310 -11.21 -33.23 32.58
CA ALA C 310 -12.38 -33.57 31.77
C ALA C 310 -13.46 -34.23 32.64
N ARG C 311 -13.07 -35.33 33.27
CA ARG C 311 -13.96 -36.13 34.11
C ARG C 311 -14.62 -35.29 35.20
N ARG C 312 -13.81 -34.59 36.01
CA ARG C 312 -14.33 -33.76 37.11
C ARG C 312 -15.28 -32.67 36.66
N PHE C 313 -14.79 -31.80 35.79
CA PHE C 313 -15.48 -30.57 35.41
C PHE C 313 -16.26 -30.72 34.10
N ASN C 314 -16.36 -31.95 33.61
CA ASN C 314 -17.08 -32.17 32.36
C ASN C 314 -16.72 -31.11 31.33
N VAL C 315 -15.42 -30.96 31.14
CA VAL C 315 -14.88 -30.14 30.06
C VAL C 315 -14.32 -31.00 28.94
N ASN C 316 -14.41 -30.48 27.72
CA ASN C 316 -13.67 -31.04 26.60
C ASN C 316 -12.41 -30.19 26.30
N ASN C 317 -11.24 -30.84 26.40
CA ASN C 317 -9.96 -30.19 26.11
C ASN C 317 -9.46 -30.45 24.71
N ASN C 318 -9.34 -29.37 23.93
CA ASN C 318 -8.97 -29.49 22.54
C ASN C 318 -7.58 -28.96 22.33
N ILE C 319 -6.64 -29.83 22.04
CA ILE C 319 -5.23 -29.47 22.08
C ILE C 319 -4.67 -29.05 20.69
N ILE C 320 -4.42 -27.74 20.53
CA ILE C 320 -4.01 -27.14 19.25
C ILE C 320 -2.54 -27.36 18.93
N SER C 321 -1.75 -27.45 19.97
CA SER C 321 -0.41 -27.92 19.84
C SER C 321 0.21 -27.93 21.21
N ALA C 322 1.20 -28.79 21.40
CA ALA C 322 1.81 -28.92 22.70
C ALA C 322 3.15 -29.62 22.65
N GLN C 323 4.03 -29.21 23.55
CA GLN C 323 5.35 -29.80 23.69
C GLN C 323 5.82 -29.82 25.14
N MET C 324 6.43 -30.93 25.52
CA MET C 324 7.15 -31.03 26.78
C MET C 324 8.64 -31.19 26.48
N ASP C 325 9.50 -30.59 27.31
CA ASP C 325 10.96 -30.74 27.16
C ASP C 325 11.66 -30.66 28.51
N TYR C 326 12.99 -30.61 28.47
CA TYR C 326 13.81 -30.49 29.67
C TYR C 326 14.82 -29.36 29.49
N ALA C 327 14.94 -28.51 30.50
CA ALA C 327 15.97 -27.46 30.50
C ALA C 327 16.64 -27.34 31.87
N GLY C 328 17.94 -27.62 31.92
CA GLY C 328 18.67 -27.55 33.17
C GLY C 328 18.31 -28.65 34.15
N GLY C 329 17.96 -29.83 33.65
CA GLY C 329 17.63 -30.98 34.51
C GLY C 329 16.23 -30.95 35.11
N VAL C 330 15.34 -30.24 34.42
CA VAL C 330 13.99 -29.92 34.89
C VAL C 330 13.01 -30.08 33.73
N LYS C 331 11.92 -30.80 33.96
CA LYS C 331 10.91 -30.95 32.95
C LYS C 331 10.00 -29.74 32.93
N PHE C 332 9.42 -29.45 31.76
CA PHE C 332 8.44 -28.36 31.63
C PHE C 332 7.70 -28.56 30.30
N GLY C 333 6.82 -27.64 29.96
CA GLY C 333 6.08 -27.77 28.72
C GLY C 333 4.98 -26.75 28.48
N ILE C 334 4.47 -26.73 27.26
CA ILE C 334 3.46 -25.76 26.89
C ILE C 334 2.43 -26.35 25.96
N MET C 335 1.22 -25.84 26.12
CA MET C 335 0.07 -26.24 25.33
C MET C 335 -0.73 -25.04 24.91
N LEU C 336 -1.10 -25.00 23.64
CA LEU C 336 -2.22 -24.17 23.22
C LEU C 336 -3.40 -25.11 23.07
N THR C 337 -4.47 -24.80 23.80
CA THR C 337 -5.70 -25.57 23.68
C THR C 337 -6.88 -24.61 23.67
N GLU C 338 -8.01 -25.11 23.18
CA GLU C 338 -9.30 -24.48 23.46
C GLU C 338 -10.11 -25.37 24.42
N MET C 339 -10.83 -24.75 25.36
CA MET C 339 -11.59 -25.48 26.40
C MET C 339 -13.10 -25.47 26.19
N HIS C 340 -13.65 -26.65 25.95
CA HIS C 340 -15.08 -26.75 25.65
C HIS C 340 -15.89 -27.22 26.86
N GLY C 341 -16.77 -26.34 27.33
CA GLY C 341 -17.63 -26.66 28.45
C GLY C 341 -18.57 -25.53 28.81
N THR C 342 -19.24 -25.68 29.95
CA THR C 342 -20.20 -24.69 30.45
C THR C 342 -19.51 -23.42 30.95
N GLN C 343 -20.21 -22.29 30.90
CA GLN C 343 -19.67 -21.06 31.46
C GLN C 343 -19.08 -21.30 32.86
N GLN C 344 -19.77 -22.10 33.67
CA GLN C 344 -19.28 -22.46 35.01
C GLN C 344 -18.20 -23.54 34.97
N ASP C 345 -18.50 -24.61 34.23
CA ASP C 345 -17.58 -25.75 34.09
C ASP C 345 -16.20 -25.29 33.63
N THR C 346 -16.18 -24.47 32.58
CA THR C 346 -14.96 -23.87 32.09
C THR C 346 -14.28 -23.07 33.21
N GLN C 347 -14.97 -22.09 33.78
CA GLN C 347 -14.45 -21.30 34.90
C GLN C 347 -13.90 -22.17 36.03
N ALA C 348 -14.56 -23.29 36.28
CA ALA C 348 -14.18 -24.21 37.36
C ALA C 348 -12.85 -24.94 37.11
N ALA C 349 -12.76 -25.61 35.96
CA ALA C 349 -11.59 -26.42 35.62
C ALA C 349 -10.32 -25.59 35.39
N ILE C 350 -10.49 -24.40 34.84
CA ILE C 350 -9.40 -23.44 34.79
C ILE C 350 -8.82 -23.30 36.19
N ALA C 351 -9.70 -22.98 37.13
CA ALA C 351 -9.31 -22.71 38.51
C ALA C 351 -8.63 -23.90 39.19
N TRP C 352 -8.95 -25.12 38.73
CA TRP C 352 -8.39 -26.35 39.30
C TRP C 352 -6.98 -26.61 38.77
N LEU C 353 -6.71 -26.08 37.58
CA LEU C 353 -5.39 -26.16 36.97
C LEU C 353 -4.46 -25.17 37.62
N GLN C 354 -4.98 -23.98 37.91
CA GLN C 354 -4.18 -22.98 38.61
C GLN C 354 -3.75 -23.49 39.99
N GLU C 355 -4.65 -24.16 40.69
CA GLU C 355 -4.30 -24.73 42.00
C GLU C 355 -3.21 -25.79 41.88
N HIS C 356 -3.17 -26.47 40.74
CA HIS C 356 -2.23 -27.58 40.52
C HIS C 356 -0.91 -27.22 39.85
N HIS C 357 -0.66 -25.92 39.76
CA HIS C 357 0.57 -25.40 39.19
C HIS C 357 0.66 -25.54 37.68
N VAL C 358 -0.49 -25.34 37.04
CA VAL C 358 -0.51 -24.94 35.65
C VAL C 358 -0.71 -23.44 35.64
N LYS C 359 0.08 -22.70 34.85
CA LYS C 359 -0.19 -21.29 34.70
C LYS C 359 -1.16 -21.18 33.53
N VAL C 360 -2.36 -20.67 33.80
CA VAL C 360 -3.37 -20.57 32.76
C VAL C 360 -3.51 -19.13 32.27
N GLU C 361 -3.30 -18.94 30.97
CA GLU C 361 -3.33 -17.64 30.32
C GLU C 361 -4.23 -17.66 29.09
N VAL C 362 -5.26 -16.83 29.09
CA VAL C 362 -6.30 -16.87 28.05
C VAL C 362 -6.05 -15.90 26.89
N LEU C 363 -5.83 -16.46 25.71
CA LEU C 363 -5.36 -15.69 24.57
C LEU C 363 -6.53 -15.12 23.77
N GLY C 364 -7.75 -15.50 24.14
CA GLY C 364 -8.93 -14.97 23.48
C GLY C 364 -10.07 -15.95 23.44
N TYR C 365 -11.07 -15.66 22.62
CA TYR C 365 -12.24 -16.53 22.51
C TYR C 365 -12.45 -16.92 21.06
N VAL C 366 -13.00 -18.11 20.84
CA VAL C 366 -13.17 -18.65 19.49
C VAL C 366 -14.23 -19.75 19.44
N MET D 24 -2.29 -28.38 -19.26
CA MET D 24 -1.32 -27.54 -19.96
C MET D 24 0.02 -28.24 -20.24
N ILE D 25 0.52 -28.92 -19.22
CA ILE D 25 1.84 -29.55 -19.25
C ILE D 25 1.72 -31.06 -19.17
N LYS D 26 2.21 -31.74 -20.18
CA LYS D 26 2.22 -33.19 -20.11
C LYS D 26 3.62 -33.68 -20.46
N LEU D 27 4.32 -34.20 -19.46
CA LEU D 27 5.68 -34.70 -19.62
C LEU D 27 5.64 -36.21 -19.48
N SER D 28 6.23 -36.91 -20.44
CA SER D 28 6.02 -38.35 -20.52
C SER D 28 7.33 -39.12 -20.50
N ASN D 29 7.52 -39.87 -19.41
CA ASN D 29 8.64 -40.81 -19.31
C ASN D 29 9.99 -40.11 -19.41
N ILE D 30 9.98 -38.81 -19.09
CA ILE D 30 11.18 -37.97 -19.24
C ILE D 30 12.34 -38.38 -18.32
N THR D 31 13.48 -38.64 -18.97
CA THR D 31 14.73 -39.01 -18.35
C THR D 31 15.86 -38.14 -18.91
N LYS D 32 16.76 -37.71 -18.05
CA LYS D 32 17.90 -36.90 -18.43
C LYS D 32 19.16 -37.38 -17.72
N VAL D 33 20.21 -37.59 -18.50
CA VAL D 33 21.51 -37.94 -17.95
C VAL D 33 22.53 -36.86 -18.29
N PHE D 34 23.26 -36.38 -17.29
CA PHE D 34 24.29 -35.40 -17.56
C PHE D 34 25.58 -36.05 -18.06
N HIS D 35 26.34 -35.29 -18.87
CA HIS D 35 27.54 -35.79 -19.53
C HIS D 35 28.83 -35.56 -18.73
N GLN D 36 28.71 -35.00 -17.53
CA GLN D 36 29.88 -34.54 -16.75
C GLN D 36 30.83 -35.63 -16.19
N GLY D 37 32.11 -35.26 -16.08
CA GLY D 37 33.10 -35.91 -15.22
C GLY D 37 33.45 -37.40 -15.30
N THR D 38 33.21 -38.05 -16.44
CA THR D 38 33.36 -39.51 -16.53
C THR D 38 32.48 -40.18 -15.48
N ARG D 39 31.32 -39.58 -15.23
CA ARG D 39 30.34 -40.06 -14.25
C ARG D 39 28.93 -39.89 -14.82
N THR D 40 28.12 -40.93 -14.69
CA THR D 40 26.70 -40.88 -15.08
C THR D 40 25.80 -40.58 -13.87
N ILE D 41 25.14 -39.43 -13.90
CA ILE D 41 24.14 -39.11 -12.88
C ILE D 41 22.74 -39.14 -13.49
N GLN D 42 21.78 -39.66 -12.72
CA GLN D 42 20.38 -39.54 -13.08
C GLN D 42 19.79 -38.32 -12.40
N ALA D 43 19.53 -37.29 -13.18
CA ALA D 43 18.92 -36.09 -12.64
C ALA D 43 17.45 -36.38 -12.49
N LEU D 44 16.92 -37.02 -13.53
CA LEU D 44 15.57 -37.54 -13.54
C LEU D 44 15.50 -38.83 -14.39
N ASN D 45 14.73 -39.81 -13.90
CA ASN D 45 14.66 -41.13 -14.52
C ASN D 45 13.20 -41.55 -14.74
N ASN D 46 12.82 -41.78 -16.00
CA ASN D 46 11.44 -42.13 -16.35
C ASN D 46 10.45 -41.28 -15.56
N VAL D 47 10.38 -40.00 -15.91
CA VAL D 47 9.46 -39.08 -15.25
C VAL D 47 8.31 -38.69 -16.17
N SER D 48 7.10 -38.83 -15.64
CA SER D 48 5.89 -38.45 -16.35
C SER D 48 4.96 -37.62 -15.43
N LEU D 49 4.57 -36.45 -15.93
CA LEU D 49 3.77 -35.48 -15.18
C LEU D 49 2.71 -34.79 -16.05
N HIS D 50 1.44 -34.90 -15.65
CA HIS D 50 0.39 -34.12 -16.28
C HIS D 50 0.01 -33.06 -15.30
N VAL D 51 -0.08 -31.81 -15.76
CA VAL D 51 -0.67 -30.75 -14.92
C VAL D 51 -1.92 -30.16 -15.56
N PRO D 52 -3.08 -30.42 -14.96
CA PRO D 52 -4.38 -29.91 -15.41
C PRO D 52 -4.36 -28.39 -15.53
N ALA D 53 -4.77 -27.90 -16.70
CA ALA D 53 -4.81 -26.47 -16.98
C ALA D 53 -5.62 -25.76 -15.89
N GLY D 54 -5.13 -24.63 -15.42
CA GLY D 54 -5.83 -23.88 -14.41
C GLY D 54 -5.34 -24.14 -12.99
N GLN D 55 -4.49 -25.16 -12.82
CA GLN D 55 -4.10 -25.56 -11.46
C GLN D 55 -2.67 -25.23 -11.01
N ILE D 56 -2.53 -24.95 -9.70
CA ILE D 56 -1.23 -24.87 -9.04
C ILE D 56 -0.67 -26.25 -8.61
N TYR D 57 0.43 -26.64 -9.21
CA TYR D 57 0.96 -27.98 -9.02
C TYR D 57 2.38 -27.99 -8.44
N GLY D 58 2.56 -28.43 -7.21
CA GLY D 58 3.89 -28.40 -6.63
C GLY D 58 4.72 -29.63 -6.96
N VAL D 59 6.06 -29.52 -6.95
CA VAL D 59 6.97 -30.71 -6.87
C VAL D 59 7.95 -30.53 -5.70
N ILE D 60 7.93 -31.48 -4.76
CA ILE D 60 8.84 -31.42 -3.61
C ILE D 60 9.86 -32.54 -3.67
N GLY D 61 11.03 -32.28 -3.12
CA GLY D 61 12.09 -33.26 -3.09
C GLY D 61 13.29 -32.65 -2.41
N ALA D 62 14.39 -33.40 -2.43
CA ALA D 62 15.60 -33.00 -1.71
C ALA D 62 16.61 -32.40 -2.65
N SER D 63 17.70 -31.87 -2.10
CA SER D 63 18.79 -31.39 -2.94
C SER D 63 19.29 -32.51 -3.82
N GLY D 64 19.41 -32.24 -5.11
CA GLY D 64 19.97 -33.20 -6.04
C GLY D 64 18.94 -34.23 -6.45
N ALA D 65 17.73 -34.06 -5.95
CA ALA D 65 16.61 -34.95 -6.25
C ALA D 65 16.13 -34.86 -7.72
N GLY D 66 16.57 -33.84 -8.44
CA GLY D 66 16.30 -33.72 -9.87
C GLY D 66 15.21 -32.78 -10.30
N LYS D 67 14.74 -31.93 -9.38
CA LYS D 67 13.64 -31.01 -9.68
C LYS D 67 14.05 -29.83 -10.56
N SER D 68 15.15 -29.16 -10.21
CA SER D 68 15.70 -28.09 -11.04
C SER D 68 15.86 -28.58 -12.48
N THR D 69 16.47 -29.74 -12.66
CA THR D 69 16.53 -30.37 -13.99
C THR D 69 15.16 -30.41 -14.65
N LEU D 70 14.19 -30.89 -13.87
CA LEU D 70 12.85 -31.12 -14.34
C LEU D 70 12.17 -29.84 -14.82
N ILE D 71 12.09 -28.84 -13.94
CA ILE D 71 11.31 -27.65 -14.27
C ILE D 71 11.87 -27.02 -15.55
N ARG D 72 13.20 -27.17 -15.77
CA ARG D 72 13.85 -26.71 -17.01
C ARG D 72 13.35 -27.42 -18.23
N CYS D 73 12.92 -28.66 -18.05
CA CYS D 73 12.61 -29.52 -19.17
C CYS D 73 11.34 -29.05 -19.87
N VAL D 74 10.56 -28.24 -19.15
CA VAL D 74 9.30 -27.72 -19.66
C VAL D 74 9.50 -26.73 -20.80
N ASN D 75 10.25 -25.67 -20.53
CA ASN D 75 10.60 -24.67 -21.55
C ASN D 75 11.94 -24.98 -22.26
N LEU D 76 12.48 -26.16 -21.95
CA LEU D 76 13.72 -26.68 -22.54
C LEU D 76 14.99 -25.91 -22.23
N LEU D 77 15.05 -25.28 -21.06
CA LEU D 77 16.30 -24.74 -20.59
C LEU D 77 17.27 -25.89 -20.35
N GLU D 78 16.71 -27.10 -20.28
CA GLU D 78 17.52 -28.30 -20.37
C GLU D 78 16.87 -29.28 -21.32
N ARG D 79 17.69 -29.98 -22.10
CA ARG D 79 17.16 -30.91 -23.09
C ARG D 79 17.15 -32.31 -22.52
N PRO D 80 15.94 -32.89 -22.39
CA PRO D 80 15.85 -34.24 -21.87
C PRO D 80 16.50 -35.21 -22.87
N THR D 81 17.33 -36.10 -22.36
CA THR D 81 17.98 -37.07 -23.23
C THR D 81 16.96 -38.03 -23.87
N GLU D 82 15.84 -38.27 -23.19
CA GLU D 82 14.67 -38.91 -23.80
C GLU D 82 13.37 -38.50 -23.08
N GLY D 83 12.22 -38.77 -23.71
CA GLY D 83 10.93 -38.41 -23.16
C GLY D 83 10.30 -37.27 -23.96
N SER D 84 9.09 -36.87 -23.60
CA SER D 84 8.30 -35.91 -24.38
C SER D 84 7.75 -34.72 -23.58
N VAL D 85 8.02 -33.51 -24.04
CA VAL D 85 7.34 -32.32 -23.49
C VAL D 85 6.33 -31.77 -24.49
N LEU D 86 5.11 -31.51 -24.03
CA LEU D 86 4.16 -30.74 -24.81
C LEU D 86 3.42 -29.73 -23.93
N VAL D 87 3.30 -28.51 -24.43
CA VAL D 87 2.59 -27.46 -23.71
C VAL D 87 1.51 -26.87 -24.62
N ASP D 88 0.29 -26.82 -24.12
CA ASP D 88 -0.84 -26.26 -24.85
C ASP D 88 -1.02 -27.18 -26.07
N GLY D 89 -0.79 -28.47 -25.86
CA GLY D 89 -0.88 -29.47 -26.91
C GLY D 89 0.36 -29.58 -27.79
N GLN D 90 1.23 -28.58 -27.72
CA GLN D 90 2.35 -28.52 -28.65
C GLN D 90 3.61 -29.16 -28.08
N GLU D 91 4.12 -30.17 -28.78
CA GLU D 91 5.35 -30.87 -28.39
C GLU D 91 6.55 -29.95 -28.65
N LEU D 92 7.33 -29.70 -27.59
CA LEU D 92 8.41 -28.72 -27.60
C LEU D 92 9.79 -29.31 -27.98
N THR D 93 9.88 -30.64 -27.97
CA THR D 93 11.15 -31.36 -28.11
C THR D 93 11.79 -31.15 -29.48
N THR D 94 11.04 -31.43 -30.54
CA THR D 94 11.49 -31.03 -31.87
C THR D 94 10.92 -29.67 -32.22
N LEU D 95 11.78 -28.66 -32.21
CA LEU D 95 11.38 -27.29 -32.52
C LEU D 95 12.47 -26.50 -33.23
N SER D 96 12.07 -25.61 -34.14
CA SER D 96 12.96 -24.61 -34.66
C SER D 96 13.37 -23.74 -33.48
N GLU D 97 14.63 -23.38 -33.38
CA GLU D 97 15.04 -22.44 -32.33
C GLU D 97 14.22 -21.15 -32.42
N SER D 98 13.77 -20.83 -33.64
CA SER D 98 12.94 -19.64 -33.88
C SER D 98 11.47 -19.87 -33.50
N GLU D 99 11.02 -21.11 -33.60
CA GLU D 99 9.69 -21.52 -33.14
C GLU D 99 9.62 -21.67 -31.62
N LEU D 100 10.75 -22.04 -31.04
CA LEU D 100 10.89 -22.24 -29.61
C LEU D 100 10.91 -20.91 -28.82
N THR D 101 11.30 -19.82 -29.49
CA THR D 101 11.12 -18.51 -28.87
C THR D 101 9.62 -18.28 -28.80
N LYS D 102 8.94 -18.43 -29.93
CA LYS D 102 7.49 -18.27 -30.00
C LYS D 102 6.77 -19.23 -29.06
N ALA D 103 7.31 -20.43 -28.93
CA ALA D 103 6.81 -21.39 -27.95
C ALA D 103 6.98 -20.88 -26.52
N ARG D 104 8.16 -20.31 -26.25
CA ARG D 104 8.55 -19.87 -24.90
C ARG D 104 7.80 -18.60 -24.48
N ARG D 105 6.99 -18.05 -25.38
CA ARG D 105 6.14 -16.91 -25.03
C ARG D 105 5.01 -17.37 -24.11
N GLN D 106 4.60 -18.63 -24.24
CA GLN D 106 3.45 -19.13 -23.49
C GLN D 106 3.84 -19.79 -22.15
N ILE D 107 5.12 -19.73 -21.82
CA ILE D 107 5.67 -20.22 -20.53
C ILE D 107 6.50 -19.13 -19.82
N GLY D 108 5.97 -18.53 -18.75
CA GLY D 108 6.72 -17.50 -18.03
C GLY D 108 7.54 -18.18 -16.96
N MET D 109 8.66 -17.62 -16.51
CA MET D 109 9.43 -18.30 -15.45
C MET D 109 9.92 -17.39 -14.35
N ILE D 110 10.15 -17.92 -13.16
CA ILE D 110 10.75 -17.09 -12.13
C ILE D 110 11.72 -17.86 -11.24
N PHE D 111 12.61 -17.14 -10.59
CA PHE D 111 13.83 -17.78 -10.08
C PHE D 111 14.09 -17.49 -8.61
N GLN D 112 14.97 -18.28 -8.02
CA GLN D 112 15.32 -18.11 -6.61
C GLN D 112 15.93 -16.74 -6.37
N HIS D 113 17.12 -16.56 -6.97
CA HIS D 113 17.80 -15.29 -7.12
C HIS D 113 17.14 -14.62 -8.29
N PHE D 114 16.62 -13.44 -8.07
CA PHE D 114 15.51 -12.92 -8.86
C PHE D 114 15.78 -12.64 -10.33
N ASN D 115 17.07 -12.60 -10.70
CA ASN D 115 17.49 -12.48 -12.11
C ASN D 115 16.96 -11.29 -12.89
N LEU D 116 17.16 -10.09 -12.38
CA LEU D 116 16.70 -8.88 -13.05
C LEU D 116 17.94 -8.08 -13.57
N LEU D 117 17.77 -7.23 -14.58
CA LEU D 117 18.91 -6.39 -15.00
C LEU D 117 19.10 -5.18 -14.10
N SER D 118 20.20 -5.20 -13.35
CA SER D 118 20.51 -4.11 -12.43
C SER D 118 20.51 -2.75 -13.17
N SER D 119 20.90 -2.78 -14.44
CA SER D 119 20.94 -1.60 -15.29
C SER D 119 19.58 -0.98 -15.71
N ARG D 120 18.47 -1.66 -15.40
CA ARG D 120 17.14 -1.19 -15.77
C ARG D 120 16.29 -0.89 -14.58
N THR D 121 15.28 -0.05 -14.76
CA THR D 121 14.34 0.23 -13.67
C THR D 121 13.31 -0.88 -13.53
N VAL D 122 12.47 -0.75 -12.51
CA VAL D 122 11.36 -1.65 -12.35
C VAL D 122 10.60 -1.76 -13.67
N PHE D 123 10.24 -0.61 -14.23
CA PHE D 123 9.43 -0.54 -15.46
C PHE D 123 10.11 -1.25 -16.63
N GLY D 124 11.32 -0.80 -16.94
CA GLY D 124 12.06 -1.32 -18.08
C GLY D 124 12.33 -2.80 -17.97
N ASN D 125 12.65 -3.25 -16.75
CA ASN D 125 12.97 -4.64 -16.55
C ASN D 125 11.78 -5.50 -17.02
N VAL D 126 10.56 -5.03 -16.75
CA VAL D 126 9.36 -5.75 -17.15
C VAL D 126 9.11 -5.69 -18.66
N ALA D 127 9.64 -4.65 -19.29
CA ALA D 127 9.34 -4.36 -20.68
C ALA D 127 10.24 -5.13 -21.65
N LEU D 128 11.31 -5.71 -21.08
CA LEU D 128 12.34 -6.44 -21.83
C LEU D 128 11.75 -7.52 -22.73
N PRO D 129 10.99 -8.46 -22.16
CA PRO D 129 10.53 -9.54 -23.02
C PRO D 129 9.64 -9.00 -24.14
N LEU D 130 8.95 -7.89 -23.90
CA LEU D 130 8.14 -7.23 -24.92
C LEU D 130 9.06 -6.64 -25.98
N GLU D 131 10.22 -6.18 -25.54
CA GLU D 131 11.19 -5.58 -26.43
C GLU D 131 11.72 -6.68 -27.36
N LEU D 132 12.03 -7.84 -26.79
CA LEU D 132 12.66 -8.91 -27.55
C LEU D 132 11.90 -9.24 -28.82
N ASP D 133 10.61 -9.56 -28.67
CA ASP D 133 9.71 -9.69 -29.81
C ASP D 133 8.96 -8.35 -29.89
N ASN D 134 9.19 -7.63 -30.99
CA ASN D 134 8.98 -6.18 -31.08
C ASN D 134 7.54 -5.69 -30.91
N THR D 135 7.36 -4.74 -30.01
CA THR D 135 6.03 -4.21 -29.70
C THR D 135 6.02 -2.69 -29.75
N PRO D 136 4.96 -2.09 -30.32
CA PRO D 136 4.83 -0.63 -30.36
C PRO D 136 5.07 0.07 -29.02
N LYS D 137 5.69 1.24 -29.08
CA LYS D 137 6.11 1.94 -27.87
C LYS D 137 4.98 2.05 -26.85
N ASP D 138 3.77 2.30 -27.33
CA ASP D 138 2.62 2.49 -26.44
C ASP D 138 2.10 1.16 -25.91
N GLU D 139 2.16 0.12 -26.74
CA GLU D 139 1.65 -1.18 -26.33
C GLU D 139 2.42 -1.75 -25.12
N VAL D 140 3.74 -1.51 -25.09
CA VAL D 140 4.61 -1.96 -24.00
C VAL D 140 4.40 -1.13 -22.75
N LYS D 141 4.08 0.15 -22.95
CA LYS D 141 3.66 1.07 -21.90
C LYS D 141 2.35 0.59 -21.26
N ARG D 142 1.36 0.30 -22.12
CA ARG D 142 0.06 -0.23 -21.68
C ARG D 142 0.23 -1.50 -20.86
N ARG D 143 0.92 -2.46 -21.46
CA ARG D 143 1.12 -3.77 -20.88
C ARG D 143 1.88 -3.69 -19.56
N VAL D 144 3.08 -3.12 -19.62
CA VAL D 144 3.93 -3.03 -18.44
C VAL D 144 3.21 -2.33 -17.30
N THR D 145 2.56 -1.21 -17.61
CA THR D 145 1.90 -0.39 -16.59
C THR D 145 0.76 -1.13 -15.91
N GLU D 146 0.07 -1.99 -16.68
CA GLU D 146 -1.01 -2.85 -16.18
C GLU D 146 -0.51 -3.95 -15.22
N LEU D 147 0.47 -4.72 -15.70
CA LEU D 147 1.05 -5.80 -14.94
C LEU D 147 1.72 -5.29 -13.69
N LEU D 148 2.04 -4.00 -13.64
CA LEU D 148 2.74 -3.43 -12.50
C LEU D 148 1.82 -3.09 -11.33
N SER D 149 0.63 -2.57 -11.66
CA SER D 149 -0.42 -2.37 -10.67
C SER D 149 -0.89 -3.72 -10.14
N LEU D 150 -1.02 -4.68 -11.06
CA LEU D 150 -1.36 -6.06 -10.72
C LEU D 150 -0.49 -6.65 -9.60
N VAL D 151 0.80 -6.31 -9.66
CA VAL D 151 1.77 -6.80 -8.69
C VAL D 151 2.08 -5.82 -7.55
N GLY D 152 1.40 -4.67 -7.55
CA GLY D 152 1.55 -3.64 -6.52
C GLY D 152 2.84 -2.85 -6.60
N LEU D 153 3.46 -2.86 -7.77
CA LEU D 153 4.67 -2.08 -8.05
C LEU D 153 4.43 -0.79 -8.86
N GLY D 154 3.16 -0.44 -9.11
CA GLY D 154 2.80 0.75 -9.88
C GLY D 154 3.26 2.02 -9.18
N ASP D 155 3.50 1.86 -7.88
CA ASP D 155 4.08 2.87 -7.00
C ASP D 155 5.58 3.03 -7.39
N LYS D 156 6.21 1.89 -7.65
CA LYS D 156 7.66 1.70 -7.76
C LYS D 156 8.26 1.81 -9.17
N HIS D 157 7.51 2.34 -10.12
CA HIS D 157 7.89 2.35 -11.54
C HIS D 157 9.36 2.69 -11.84
N ASP D 158 9.88 3.73 -11.21
CA ASP D 158 11.19 4.29 -11.55
C ASP D 158 12.33 3.74 -10.72
N SER D 159 12.04 2.88 -9.74
CA SER D 159 13.12 2.33 -8.91
C SER D 159 14.01 1.35 -9.67
N TYR D 160 15.26 1.29 -9.26
CA TYR D 160 16.15 0.24 -9.68
C TYR D 160 16.15 -0.92 -8.68
N PRO D 161 16.49 -2.12 -9.17
CA PRO D 161 16.62 -3.33 -8.35
C PRO D 161 17.59 -3.17 -7.18
N SER D 162 18.42 -2.14 -7.24
CA SER D 162 19.28 -1.78 -6.11
C SER D 162 18.41 -1.59 -4.86
N ASN D 163 17.37 -0.79 -5.05
CA ASN D 163 16.58 -0.17 -4.00
C ASN D 163 15.37 -1.02 -3.55
N LEU D 164 15.30 -2.26 -4.03
CA LEU D 164 14.13 -3.10 -3.86
C LEU D 164 14.31 -4.28 -2.92
N SER D 165 13.20 -4.73 -2.35
CA SER D 165 13.12 -5.90 -1.46
C SER D 165 13.18 -7.19 -2.27
N GLY D 166 13.67 -8.26 -1.65
CA GLY D 166 13.65 -9.56 -2.29
C GLY D 166 12.26 -9.92 -2.78
N GLY D 167 11.24 -9.53 -2.02
CA GLY D 167 9.86 -9.68 -2.45
C GLY D 167 9.55 -8.73 -3.59
N GLN D 168 9.87 -7.45 -3.41
CA GLN D 168 9.67 -6.44 -4.44
C GLN D 168 10.30 -6.85 -5.75
N LYS D 169 11.47 -7.46 -5.65
CA LYS D 169 12.13 -7.93 -6.86
C LYS D 169 11.32 -9.07 -7.44
N GLN D 170 10.95 -10.02 -6.61
CA GLN D 170 10.21 -11.19 -7.07
C GLN D 170 8.85 -10.82 -7.69
N ARG D 171 8.28 -9.67 -7.28
CA ARG D 171 7.12 -9.08 -7.97
C ARG D 171 7.40 -8.52 -9.38
N VAL D 172 8.53 -7.82 -9.51
CA VAL D 172 9.03 -7.41 -10.82
C VAL D 172 9.17 -8.66 -11.69
N ALA D 173 9.88 -9.66 -11.14
CA ALA D 173 10.08 -10.96 -11.79
C ALA D 173 8.77 -11.58 -12.30
N ILE D 174 7.73 -11.53 -11.45
CA ILE D 174 6.40 -11.99 -11.84
C ILE D 174 5.82 -11.19 -12.98
N ALA D 175 5.70 -9.88 -12.80
CA ALA D 175 5.16 -9.03 -13.85
C ALA D 175 5.84 -9.31 -15.20
N ARG D 176 7.17 -9.40 -15.17
CA ARG D 176 7.92 -9.71 -16.38
C ARG D 176 7.59 -11.09 -16.98
N ALA D 177 7.23 -12.04 -16.13
CA ALA D 177 6.90 -13.37 -16.62
C ALA D 177 5.62 -13.33 -17.45
N LEU D 178 4.72 -12.42 -17.06
CA LEU D 178 3.37 -12.36 -17.62
C LEU D 178 3.23 -11.40 -18.82
N ALA D 179 4.30 -10.68 -19.11
CA ALA D 179 4.36 -9.79 -20.26
C ALA D 179 3.83 -10.49 -21.51
N SER D 180 4.36 -11.67 -21.77
CA SER D 180 3.93 -12.49 -22.89
C SER D 180 2.45 -12.84 -22.84
N ASN D 181 1.83 -12.62 -21.69
CA ASN D 181 0.51 -13.19 -21.43
C ASN D 181 0.50 -14.70 -21.68
N PRO D 182 1.19 -15.47 -20.80
CA PRO D 182 1.32 -16.91 -21.02
C PRO D 182 0.20 -17.82 -20.43
N LYS D 183 0.29 -19.10 -20.78
CA LYS D 183 -0.66 -20.11 -20.31
C LYS D 183 -0.06 -20.87 -19.11
N VAL D 184 1.20 -20.57 -18.80
CA VAL D 184 1.98 -21.32 -17.80
C VAL D 184 3.00 -20.44 -17.04
N LEU D 185 3.18 -20.70 -15.75
CA LEU D 185 4.14 -19.99 -14.93
C LEU D 185 5.08 -20.90 -14.13
N LEU D 186 6.36 -20.95 -14.51
CA LEU D 186 7.27 -21.86 -13.83
C LEU D 186 7.92 -21.20 -12.64
N CYS D 187 7.96 -21.90 -11.50
CA CYS D 187 8.64 -21.37 -10.31
C CYS D 187 9.77 -22.27 -9.87
N ASP D 188 10.98 -21.73 -9.92
CA ASP D 188 12.15 -22.43 -9.42
C ASP D 188 12.47 -21.90 -8.04
N GLN D 189 12.13 -22.67 -7.02
CA GLN D 189 12.51 -22.30 -5.68
C GLN D 189 12.15 -20.84 -5.39
N ALA D 190 11.12 -20.35 -6.06
CA ALA D 190 10.84 -18.92 -6.14
C ALA D 190 10.83 -18.23 -4.80
N THR D 191 10.47 -18.93 -3.75
CA THR D 191 10.52 -18.28 -2.46
C THR D 191 11.79 -18.65 -1.66
N SER D 192 12.61 -19.50 -2.25
CA SER D 192 13.61 -20.22 -1.49
C SER D 192 14.38 -19.28 -0.56
N ALA D 193 14.72 -18.08 -1.03
CA ALA D 193 15.18 -17.09 -0.06
C ALA D 193 14.25 -15.90 0.05
N LEU D 194 13.45 -15.89 1.11
CA LEU D 194 12.51 -14.81 1.40
C LEU D 194 11.97 -14.77 2.84
N ASP D 195 11.51 -13.59 3.25
CA ASP D 195 10.84 -13.44 4.51
C ASP D 195 9.64 -14.39 4.50
N PRO D 196 9.48 -15.19 5.58
CA PRO D 196 8.32 -16.08 5.65
C PRO D 196 7.08 -15.23 5.44
N ALA D 197 7.09 -14.08 6.11
CA ALA D 197 6.07 -13.05 5.95
C ALA D 197 5.84 -12.71 4.48
N THR D 198 6.96 -12.47 3.80
CA THR D 198 6.98 -12.10 2.39
C THR D 198 6.72 -13.33 1.51
N THR D 199 7.23 -14.48 1.93
CA THR D 199 6.92 -15.72 1.25
C THR D 199 5.39 -15.88 1.26
N ARG D 200 4.75 -15.41 2.34
CA ARG D 200 3.29 -15.44 2.43
C ARG D 200 2.67 -14.61 1.31
N SER D 201 3.18 -13.39 1.15
CA SER D 201 2.63 -12.40 0.22
C SER D 201 2.79 -12.76 -1.25
N ILE D 202 3.91 -13.41 -1.59
CA ILE D 202 4.21 -13.75 -2.98
C ILE D 202 3.40 -14.97 -3.45
N LEU D 203 3.27 -15.96 -2.56
CA LEU D 203 2.45 -17.14 -2.83
C LEU D 203 0.99 -16.76 -2.87
N GLU D 204 0.58 -15.90 -1.96
CA GLU D 204 -0.77 -15.35 -1.99
C GLU D 204 -1.04 -14.69 -3.35
N LEU D 205 -0.01 -14.06 -3.93
CA LEU D 205 -0.15 -13.36 -5.21
C LEU D 205 -0.18 -14.29 -6.41
N LEU D 206 0.74 -15.25 -6.41
CA LEU D 206 0.68 -16.35 -7.37
C LEU D 206 -0.71 -17.00 -7.40
N LYS D 207 -1.31 -17.12 -6.22
CA LYS D 207 -2.62 -17.75 -6.03
C LYS D 207 -3.70 -16.90 -6.65
N ASP D 208 -3.78 -15.65 -6.19
CA ASP D 208 -4.79 -14.77 -6.71
C ASP D 208 -4.69 -14.66 -8.25
N ILE D 209 -3.53 -15.02 -8.81
CA ILE D 209 -3.41 -15.04 -10.26
C ILE D 209 -3.99 -16.33 -10.82
N ASN D 210 -3.69 -17.45 -10.17
CA ASN D 210 -4.32 -18.70 -10.52
C ASN D 210 -5.84 -18.50 -10.56
N ARG D 211 -6.43 -18.04 -9.45
CA ARG D 211 -7.90 -17.87 -9.32
C ARG D 211 -8.51 -16.88 -10.31
N ARG D 212 -7.91 -15.70 -10.41
CA ARG D 212 -8.39 -14.65 -11.30
C ARG D 212 -8.14 -14.92 -12.78
N LEU D 213 -6.88 -15.23 -13.11
CA LEU D 213 -6.45 -15.31 -14.51
C LEU D 213 -6.40 -16.69 -15.17
N GLY D 214 -6.64 -17.76 -14.42
CA GLY D 214 -6.61 -19.09 -15.00
C GLY D 214 -5.23 -19.48 -15.53
N LEU D 215 -4.23 -19.13 -14.74
CA LEU D 215 -2.84 -19.34 -15.09
C LEU D 215 -2.35 -20.67 -14.50
N THR D 216 -2.07 -21.62 -15.37
CA THR D 216 -1.46 -22.87 -14.93
C THR D 216 -0.11 -22.59 -14.24
N ILE D 217 0.07 -23.08 -13.01
CA ILE D 217 1.33 -22.90 -12.28
C ILE D 217 2.05 -24.19 -11.87
N LEU D 218 3.29 -24.34 -12.31
CA LEU D 218 4.11 -25.46 -11.83
C LEU D 218 5.30 -25.00 -10.98
N LEU D 219 5.34 -25.44 -9.72
CA LEU D 219 6.50 -25.07 -8.93
C LEU D 219 7.26 -26.19 -8.22
N ILE D 220 8.56 -25.97 -8.06
CA ILE D 220 9.40 -26.91 -7.33
C ILE D 220 9.86 -26.22 -6.06
N THR D 221 10.07 -27.02 -5.02
CA THR D 221 10.58 -26.53 -3.74
C THR D 221 11.18 -27.65 -2.89
N HIS D 222 11.98 -27.27 -1.90
CA HIS D 222 12.37 -28.20 -0.85
C HIS D 222 11.50 -27.91 0.38
N GLU D 223 10.68 -26.87 0.30
CA GLU D 223 9.90 -26.37 1.44
C GLU D 223 8.43 -26.82 1.43
N MET D 224 8.12 -27.78 2.31
CA MET D 224 6.80 -28.37 2.31
C MET D 224 5.76 -27.33 2.65
N ASP D 225 6.20 -26.22 3.23
CA ASP D 225 5.26 -25.17 3.66
C ASP D 225 4.62 -24.39 2.52
N VAL D 226 5.36 -24.25 1.42
CA VAL D 226 4.83 -23.60 0.23
C VAL D 226 3.93 -24.59 -0.53
N VAL D 227 4.36 -25.85 -0.54
CA VAL D 227 3.59 -26.94 -1.12
C VAL D 227 2.17 -26.87 -0.54
N LYS D 228 2.08 -26.81 0.79
CA LYS D 228 0.78 -26.60 1.43
C LYS D 228 0.10 -25.40 0.82
N ARG D 229 0.66 -24.23 1.08
CA ARG D 229 -0.05 -22.98 0.91
C ARG D 229 -0.85 -22.94 -0.40
N ILE D 230 -0.17 -22.88 -1.54
CA ILE D 230 -0.89 -22.72 -2.80
C ILE D 230 -1.12 -23.96 -3.68
N CYS D 231 -0.57 -25.12 -3.37
CA CYS D 231 -0.76 -26.23 -4.30
C CYS D 231 -2.04 -27.07 -4.17
N ASP D 232 -2.63 -27.29 -5.34
CA ASP D 232 -3.74 -28.19 -5.55
C ASP D 232 -3.26 -29.66 -5.62
N CYS D 233 -2.26 -29.95 -6.43
CA CYS D 233 -1.67 -31.28 -6.42
C CYS D 233 -0.19 -31.20 -6.05
N VAL D 234 0.40 -32.32 -5.68
CA VAL D 234 1.82 -32.37 -5.35
C VAL D 234 2.43 -33.70 -5.75
N ALA D 235 3.61 -33.64 -6.36
CA ALA D 235 4.38 -34.83 -6.67
C ALA D 235 5.53 -34.84 -5.68
N VAL D 236 6.07 -36.01 -5.43
CA VAL D 236 7.25 -36.10 -4.59
C VAL D 236 8.30 -36.93 -5.30
N ILE D 237 9.53 -36.42 -5.30
CA ILE D 237 10.60 -36.85 -6.21
C ILE D 237 11.89 -37.27 -5.46
N SER D 238 12.51 -38.36 -5.89
CA SER D 238 13.77 -38.90 -5.34
C SER D 238 14.55 -39.59 -6.44
N ASN D 239 15.88 -39.55 -6.37
CA ASN D 239 16.74 -40.21 -7.36
C ASN D 239 16.32 -40.00 -8.81
N GLY D 240 15.73 -38.84 -9.08
CA GLY D 240 15.31 -38.53 -10.43
C GLY D 240 14.09 -39.33 -10.83
N GLU D 241 13.26 -39.61 -9.84
CA GLU D 241 11.96 -40.16 -10.13
C GLU D 241 11.03 -39.69 -9.05
N LEU D 242 9.80 -39.45 -9.46
CA LEU D 242 8.81 -38.93 -8.55
C LEU D 242 7.86 -40.07 -8.21
N ILE D 243 7.89 -40.45 -6.94
CA ILE D 243 7.22 -41.65 -6.45
C ILE D 243 5.72 -41.49 -6.15
N GLU D 244 5.34 -40.37 -5.54
CA GLU D 244 3.93 -40.04 -5.31
C GLU D 244 3.45 -38.91 -6.22
N GLN D 245 2.28 -39.11 -6.83
CA GLN D 245 1.56 -38.02 -7.48
C GLN D 245 0.10 -38.01 -7.00
N ASP D 246 -0.30 -37.00 -6.25
CA ASP D 246 -1.65 -36.95 -5.72
C ASP D 246 -2.15 -35.54 -5.48
N THR D 247 -3.24 -35.40 -4.74
CA THR D 247 -3.61 -34.13 -4.17
C THR D 247 -2.76 -33.77 -2.96
N VAL D 248 -2.77 -32.49 -2.61
CA VAL D 248 -2.19 -32.07 -1.34
C VAL D 248 -2.91 -32.75 -0.17
N SER D 249 -4.25 -32.70 -0.19
CA SER D 249 -5.08 -33.30 0.87
C SER D 249 -4.65 -34.72 1.18
N GLU D 250 -4.59 -35.53 0.14
CA GLU D 250 -4.18 -36.91 0.31
C GLU D 250 -2.84 -36.96 1.02
N VAL D 251 -1.85 -36.29 0.44
CA VAL D 251 -0.48 -36.55 0.81
C VAL D 251 -0.14 -36.08 2.23
N PHE D 252 -0.68 -34.94 2.65
CA PHE D 252 -0.46 -34.44 4.02
C PHE D 252 -1.17 -35.24 5.10
N SER D 253 -2.39 -35.67 4.78
CA SER D 253 -3.23 -36.47 5.66
C SER D 253 -2.93 -37.97 5.59
N HIS D 254 -2.75 -38.48 4.37
CA HIS D 254 -2.52 -39.91 4.16
C HIS D 254 -1.25 -40.15 3.34
N PRO D 255 -0.09 -39.72 3.86
CA PRO D 255 1.17 -39.90 3.13
C PRO D 255 1.44 -41.37 2.86
N LYS D 256 1.71 -41.72 1.63
CA LYS D 256 1.89 -43.11 1.31
C LYS D 256 3.31 -43.60 1.65
N THR D 257 4.32 -42.85 1.20
CA THR D 257 5.73 -43.18 1.43
C THR D 257 6.28 -42.60 2.72
N PRO D 258 7.11 -43.37 3.44
CA PRO D 258 7.75 -42.89 4.67
C PRO D 258 8.41 -41.53 4.46
N LEU D 259 8.94 -41.30 3.25
CA LEU D 259 9.68 -40.07 2.95
C LEU D 259 8.73 -38.87 2.98
N ALA D 260 7.56 -39.05 2.36
CA ALA D 260 6.47 -38.10 2.45
C ALA D 260 6.11 -37.78 3.91
N GLN D 261 5.98 -38.83 4.73
CA GLN D 261 5.70 -38.67 6.15
C GLN D 261 6.74 -37.78 6.81
N LYS D 262 7.99 -38.08 6.51
CA LYS D 262 9.11 -37.34 7.06
C LYS D 262 8.94 -35.86 6.72
N PHE D 263 8.56 -35.58 5.47
CA PHE D 263 8.26 -34.21 5.05
C PHE D 263 7.14 -33.61 5.88
N ILE D 264 6.17 -34.45 6.23
CA ILE D 264 5.06 -34.01 7.05
C ILE D 264 5.49 -33.88 8.51
N GLN D 265 6.68 -34.37 8.81
CA GLN D 265 7.25 -34.17 10.13
C GLN D 265 8.04 -32.86 10.20
N SER D 266 8.28 -32.26 9.03
CA SER D 266 8.85 -30.91 8.94
C SER D 266 7.79 -29.85 9.21
N THR D 267 6.62 -30.07 8.61
CA THR D 267 5.54 -29.09 8.61
C THR D 267 4.96 -29.05 10.02
N LEU D 268 4.36 -30.17 10.42
CA LEU D 268 4.11 -30.42 11.82
C LEU D 268 5.45 -30.62 12.50
N HIS D 269 5.72 -29.86 13.56
CA HIS D 269 6.95 -30.12 14.30
C HIS D 269 6.71 -31.07 15.47
N LEU D 270 7.19 -32.30 15.35
CA LEU D 270 6.97 -33.32 16.36
C LEU D 270 8.29 -33.71 16.97
N ASP D 271 8.51 -33.29 18.21
CA ASP D 271 9.76 -33.60 18.88
C ASP D 271 9.49 -34.53 20.05
N ILE D 272 9.92 -35.77 19.93
CA ILE D 272 9.99 -36.63 21.09
C ILE D 272 11.30 -36.31 21.82
N PRO D 273 11.19 -35.70 23.02
CA PRO D 273 12.35 -35.27 23.81
C PRO D 273 13.36 -36.38 24.05
N GLU D 274 14.63 -35.98 24.20
CA GLU D 274 15.73 -36.93 24.17
C GLU D 274 15.71 -37.88 25.38
N ASP D 275 15.26 -37.38 26.53
CA ASP D 275 15.16 -38.19 27.75
C ASP D 275 14.35 -39.46 27.54
N TYR D 276 13.47 -39.43 26.54
CA TYR D 276 12.51 -40.50 26.33
C TYR D 276 13.12 -41.74 25.66
N GLN D 277 14.00 -41.53 24.66
CA GLN D 277 14.54 -42.66 23.90
C GLN D 277 15.30 -43.66 24.77
N GLU D 278 16.20 -43.16 25.62
CA GLU D 278 16.86 -44.00 26.63
C GLU D 278 15.84 -44.59 27.62
N ARG D 279 14.78 -43.83 27.84
CA ARG D 279 13.72 -44.18 28.78
C ARG D 279 12.77 -45.19 28.13
N LEU D 280 12.80 -45.24 26.80
CA LEU D 280 11.80 -45.98 26.02
C LEU D 280 12.09 -47.48 25.86
N GLN D 281 11.09 -48.30 26.17
CA GLN D 281 11.22 -49.76 26.19
C GLN D 281 10.54 -50.46 25.01
N ALA D 282 11.21 -51.44 24.44
CA ALA D 282 10.75 -52.11 23.22
C ALA D 282 9.55 -53.03 23.45
N GLU D 283 9.42 -53.49 24.68
CA GLU D 283 8.38 -54.43 25.03
C GLU D 283 7.90 -54.13 26.45
N PRO D 284 6.66 -54.54 26.77
CA PRO D 284 6.05 -54.20 28.06
C PRO D 284 6.83 -54.74 29.26
N PHE D 285 7.10 -53.84 30.21
CA PHE D 285 7.73 -54.21 31.47
C PHE D 285 6.80 -53.89 32.64
N THR D 286 6.98 -54.60 33.75
CA THR D 286 6.10 -54.43 34.91
C THR D 286 5.96 -52.96 35.35
N ASP D 287 4.72 -52.54 35.55
CA ASP D 287 4.39 -51.15 35.88
C ASP D 287 4.67 -50.17 34.75
N CYS D 288 4.40 -50.60 33.52
CA CYS D 288 4.61 -49.73 32.38
C CYS D 288 3.29 -49.19 31.84
N VAL D 289 3.38 -48.01 31.24
CA VAL D 289 2.32 -47.48 30.43
C VAL D 289 2.84 -47.29 28.99
N PRO D 290 1.96 -47.51 28.02
CA PRO D 290 2.34 -47.41 26.60
C PRO D 290 2.53 -45.96 26.12
N MET D 291 3.36 -45.81 25.08
CA MET D 291 3.53 -44.53 24.40
C MET D 291 2.95 -44.67 23.00
N LEU D 292 2.24 -43.64 22.56
CA LEU D 292 1.43 -43.78 21.36
C LEU D 292 1.60 -42.62 20.39
N ARG D 293 1.56 -42.95 19.11
CA ARG D 293 1.50 -41.95 18.04
C ARG D 293 0.07 -41.90 17.48
N LEU D 294 -0.66 -40.84 17.81
CA LEU D 294 -2.05 -40.74 17.39
C LEU D 294 -2.15 -39.78 16.21
N GLU D 295 -2.64 -40.30 15.08
CA GLU D 295 -2.77 -39.53 13.86
C GLU D 295 -4.27 -39.27 13.58
N PHE D 296 -4.65 -37.99 13.50
CA PHE D 296 -6.04 -37.53 13.34
C PHE D 296 -6.31 -36.98 11.92
N THR D 297 -7.53 -37.14 11.43
CA THR D 297 -7.84 -36.72 10.07
C THR D 297 -9.20 -36.03 9.98
N GLY D 298 -9.23 -34.80 9.47
CA GLY D 298 -10.47 -34.09 9.26
C GLY D 298 -11.28 -33.83 10.52
N GLN D 299 -12.50 -34.36 10.51
CA GLN D 299 -13.45 -34.22 11.61
C GLN D 299 -12.89 -34.78 12.92
N SER D 300 -12.09 -35.84 12.81
CA SER D 300 -11.39 -36.46 13.94
C SER D 300 -10.73 -35.41 14.78
N VAL D 301 -10.25 -34.37 14.10
CA VAL D 301 -9.36 -33.37 14.65
C VAL D 301 -10.07 -32.36 15.54
N ASP D 302 -11.34 -32.09 15.23
CA ASP D 302 -12.13 -31.17 16.04
C ASP D 302 -12.86 -31.94 17.12
N ALA D 303 -12.85 -33.27 17.03
CA ALA D 303 -13.48 -34.14 18.02
C ALA D 303 -12.79 -34.07 19.38
N PRO D 304 -13.60 -34.04 20.46
CA PRO D 304 -13.04 -34.11 21.82
C PRO D 304 -12.70 -35.55 22.24
N LEU D 305 -12.02 -36.25 21.33
CA LEU D 305 -11.75 -37.68 21.44
C LEU D 305 -10.98 -38.18 22.66
N LEU D 306 -9.96 -37.41 23.03
CA LEU D 306 -9.16 -37.74 24.19
C LEU D 306 -9.88 -37.33 25.46
N SER D 307 -10.64 -36.25 25.44
CA SER D 307 -11.34 -35.90 26.65
C SER D 307 -12.52 -36.88 26.90
N GLU D 308 -13.00 -37.45 25.81
CA GLU D 308 -14.01 -38.49 25.88
C GLU D 308 -13.42 -39.76 26.56
N THR D 309 -12.20 -40.15 26.18
CA THR D 309 -11.53 -41.33 26.77
C THR D 309 -11.22 -41.19 28.26
N ALA D 310 -10.91 -39.96 28.70
CA ALA D 310 -10.79 -39.63 30.12
C ALA D 310 -11.99 -40.13 30.93
N ARG D 311 -13.20 -39.75 30.49
CA ARG D 311 -14.42 -40.16 31.16
C ARG D 311 -14.79 -41.63 30.91
N ARG D 312 -14.91 -41.97 29.64
CA ARG D 312 -15.36 -43.31 29.27
C ARG D 312 -14.50 -44.43 29.79
N PHE D 313 -13.22 -44.41 29.45
CA PHE D 313 -12.36 -45.52 29.83
C PHE D 313 -11.48 -45.24 31.05
N ASN D 314 -11.72 -44.10 31.70
CA ASN D 314 -11.05 -43.84 32.97
C ASN D 314 -9.54 -43.95 32.80
N VAL D 315 -9.03 -43.27 31.78
CA VAL D 315 -7.62 -43.32 31.37
C VAL D 315 -7.03 -41.95 31.53
N ASN D 316 -5.71 -41.89 31.62
CA ASN D 316 -5.01 -40.61 31.60
C ASN D 316 -4.12 -40.49 30.39
N ASN D 317 -4.42 -39.51 29.55
CA ASN D 317 -3.57 -39.20 28.41
C ASN D 317 -2.60 -38.09 28.78
N ASN D 318 -1.31 -38.40 28.75
CA ASN D 318 -0.32 -37.34 28.87
C ASN D 318 0.29 -37.04 27.50
N ILE D 319 0.31 -35.76 27.16
CA ILE D 319 0.74 -35.37 25.84
C ILE D 319 2.20 -34.92 25.85
N ILE D 320 3.07 -35.70 25.20
CA ILE D 320 4.45 -35.28 25.04
C ILE D 320 4.60 -34.24 23.95
N SER D 321 4.00 -34.53 22.80
CA SER D 321 4.05 -33.58 21.70
C SER D 321 2.77 -33.67 20.87
N ALA D 322 2.24 -32.51 20.47
CA ALA D 322 1.05 -32.45 19.60
C ALA D 322 1.12 -31.28 18.63
N GLN D 323 0.95 -31.55 17.33
CA GLN D 323 0.75 -30.49 16.33
C GLN D 323 -0.47 -30.75 15.45
N MET D 324 -1.15 -29.68 15.04
CA MET D 324 -2.31 -29.79 14.12
C MET D 324 -2.23 -28.76 12.99
N ASP D 325 -2.56 -29.19 11.77
CA ASP D 325 -2.35 -28.34 10.59
C ASP D 325 -3.42 -28.52 9.51
N TYR D 326 -3.62 -27.46 8.72
CA TYR D 326 -4.45 -27.48 7.53
C TYR D 326 -3.57 -27.78 6.32
N ALA D 327 -4.02 -28.67 5.44
CA ALA D 327 -3.44 -28.76 4.10
C ALA D 327 -4.55 -28.90 3.05
N GLY D 328 -4.75 -27.89 2.22
CA GLY D 328 -5.78 -27.97 1.20
C GLY D 328 -7.18 -28.32 1.69
N GLY D 329 -7.71 -27.59 2.66
CA GLY D 329 -9.10 -27.79 3.07
C GLY D 329 -9.43 -29.07 3.85
N VAL D 330 -8.40 -29.77 4.29
CA VAL D 330 -8.53 -30.85 5.26
C VAL D 330 -7.55 -30.66 6.42
N LYS D 331 -8.06 -30.73 7.65
CA LYS D 331 -7.21 -30.67 8.84
C LYS D 331 -6.52 -32.01 9.05
N PHE D 332 -5.40 -31.98 9.74
CA PHE D 332 -4.74 -33.21 10.11
C PHE D 332 -3.87 -32.85 11.30
N GLY D 333 -3.38 -33.87 11.98
CA GLY D 333 -2.70 -33.62 13.24
C GLY D 333 -2.13 -34.94 13.65
N ILE D 334 -1.12 -34.85 14.48
CA ILE D 334 -0.49 -36.00 15.07
C ILE D 334 -0.17 -35.60 16.49
N MET D 335 -0.29 -36.54 17.41
CA MET D 335 0.24 -36.31 18.75
C MET D 335 0.86 -37.55 19.39
N LEU D 336 1.92 -37.32 20.15
CA LEU D 336 2.59 -38.36 20.93
C LEU D 336 2.14 -38.26 22.37
N THR D 337 1.60 -39.37 22.89
CA THR D 337 0.98 -39.39 24.22
C THR D 337 1.34 -40.65 25.02
N GLU D 338 1.37 -40.50 26.34
CA GLU D 338 1.26 -41.63 27.25
C GLU D 338 -0.20 -41.93 27.49
N MET D 339 -0.52 -43.17 27.83
CA MET D 339 -1.87 -43.50 28.30
C MET D 339 -1.82 -44.31 29.62
N HIS D 340 -2.24 -43.66 30.71
CA HIS D 340 -2.30 -44.31 32.02
C HIS D 340 -3.67 -44.90 32.23
N GLY D 341 -3.72 -46.18 32.60
CA GLY D 341 -4.96 -46.83 32.91
C GLY D 341 -4.75 -48.30 33.21
N THR D 342 -5.83 -49.07 33.09
CA THR D 342 -5.82 -50.51 33.29
C THR D 342 -5.25 -51.16 32.03
N GLN D 343 -5.13 -52.48 32.02
CA GLN D 343 -4.89 -53.18 30.77
C GLN D 343 -6.20 -53.30 30.04
N GLN D 344 -7.27 -53.41 30.82
CA GLN D 344 -8.61 -53.51 30.27
C GLN D 344 -9.21 -52.14 29.92
N ASP D 345 -8.81 -51.11 30.67
CA ASP D 345 -9.23 -49.75 30.34
C ASP D 345 -8.49 -49.17 29.10
N THR D 346 -7.15 -49.25 29.14
CA THR D 346 -6.28 -48.88 28.03
C THR D 346 -6.57 -49.58 26.70
N GLN D 347 -6.74 -50.89 26.74
CA GLN D 347 -7.01 -51.63 25.54
C GLN D 347 -8.36 -51.18 24.99
N ALA D 348 -9.20 -50.63 25.87
CA ALA D 348 -10.55 -50.19 25.53
C ALA D 348 -10.68 -48.77 24.95
N ALA D 349 -9.93 -47.82 25.50
CA ALA D 349 -9.82 -46.49 24.86
C ALA D 349 -9.19 -46.60 23.47
N ILE D 350 -8.07 -47.29 23.39
CA ILE D 350 -7.33 -47.42 22.16
C ILE D 350 -8.22 -47.91 21.00
N ALA D 351 -9.05 -48.92 21.30
CA ALA D 351 -9.99 -49.50 20.35
C ALA D 351 -11.07 -48.49 20.01
N TRP D 352 -11.66 -47.93 21.07
CA TRP D 352 -12.62 -46.88 20.90
C TRP D 352 -12.02 -45.85 19.98
N LEU D 353 -10.80 -45.39 20.28
CA LEU D 353 -10.11 -44.43 19.39
C LEU D 353 -10.04 -44.93 17.93
N GLN D 354 -9.61 -46.16 17.74
CA GLN D 354 -9.53 -46.71 16.41
C GLN D 354 -10.89 -46.75 15.70
N GLU D 355 -11.93 -47.14 16.44
CA GLU D 355 -13.26 -47.24 15.87
C GLU D 355 -13.71 -45.86 15.36
N HIS D 356 -13.15 -44.83 15.98
CA HIS D 356 -13.37 -43.44 15.66
C HIS D 356 -12.29 -42.93 14.73
N HIS D 357 -11.49 -43.85 14.21
CA HIS D 357 -10.58 -43.46 13.15
C HIS D 357 -9.42 -42.54 13.54
N VAL D 358 -9.01 -42.61 14.81
CA VAL D 358 -7.70 -42.16 15.20
C VAL D 358 -6.79 -43.33 14.83
N LYS D 359 -5.70 -43.07 14.15
CA LYS D 359 -4.75 -44.13 13.92
C LYS D 359 -3.95 -44.22 15.20
N VAL D 360 -3.89 -45.41 15.76
CA VAL D 360 -3.14 -45.60 16.99
C VAL D 360 -1.95 -46.50 16.74
N GLU D 361 -0.76 -45.97 17.01
CA GLU D 361 0.43 -46.78 16.87
C GLU D 361 1.15 -46.84 18.20
N VAL D 362 1.44 -48.06 18.66
CA VAL D 362 2.10 -48.21 19.95
C VAL D 362 3.62 -48.21 19.74
N LEU D 363 4.26 -47.14 20.24
CA LEU D 363 5.66 -46.82 20.01
C LEU D 363 6.56 -47.63 20.91
N GLY D 364 6.03 -47.98 22.08
CA GLY D 364 6.82 -48.64 23.09
C GLY D 364 6.29 -48.24 24.45
N TYR D 365 7.15 -48.36 25.46
CA TYR D 365 6.68 -48.25 26.83
C TYR D 365 7.56 -47.32 27.68
N VAL D 366 6.98 -46.74 28.73
CA VAL D 366 7.72 -45.84 29.60
C VAL D 366 7.61 -46.27 31.07
N MET E 1 -81.76 6.53 22.05
CA MET E 1 -81.75 7.92 22.49
C MET E 1 -82.47 8.16 23.82
N SER E 2 -81.76 8.49 24.90
CA SER E 2 -82.46 8.66 26.17
C SER E 2 -82.04 9.89 26.93
N GLU E 3 -82.97 10.79 27.21
CA GLU E 3 -82.58 12.06 27.82
C GLU E 3 -81.50 11.91 28.89
N PRO E 4 -81.60 10.90 29.76
CA PRO E 4 -80.49 10.68 30.70
C PRO E 4 -79.20 10.15 30.03
N MET E 5 -79.33 9.36 28.96
CA MET E 5 -78.16 8.86 28.24
C MET E 5 -77.36 9.95 27.55
N MET E 6 -78.03 10.78 26.74
CA MET E 6 -77.43 11.97 26.13
C MET E 6 -76.81 12.90 27.16
N TRP E 7 -77.60 13.31 28.15
CA TRP E 7 -77.08 14.10 29.26
C TRP E 7 -75.91 13.34 29.89
N LEU E 8 -75.84 12.06 29.59
CA LEU E 8 -74.76 11.19 30.04
C LEU E 8 -73.50 11.25 29.17
N LEU E 9 -73.71 11.29 27.86
CA LEU E 9 -72.63 11.25 26.92
C LEU E 9 -71.86 12.57 27.03
N VAL E 10 -72.60 13.66 27.21
CA VAL E 10 -71.99 14.94 27.49
C VAL E 10 -71.08 14.87 28.70
N ARG E 11 -71.48 14.16 29.74
CA ARG E 11 -70.62 14.02 30.91
C ARG E 11 -69.23 13.48 30.56
N GLY E 12 -69.21 12.41 29.76
CA GLY E 12 -68.00 11.64 29.50
C GLY E 12 -67.21 12.07 28.30
N VAL E 13 -67.77 12.98 27.52
CA VAL E 13 -67.02 13.70 26.51
C VAL E 13 -66.18 14.73 27.21
N TRP E 14 -66.81 15.52 28.08
CA TRP E 14 -66.11 16.50 28.90
C TRP E 14 -64.99 15.85 29.70
N GLU E 15 -65.30 14.72 30.31
CA GLU E 15 -64.31 13.99 31.12
C GLU E 15 -63.16 13.48 30.23
N THR E 16 -63.52 12.77 29.16
CA THR E 16 -62.55 12.30 28.18
C THR E 16 -61.63 13.45 27.77
N LEU E 17 -62.21 14.57 27.34
CA LEU E 17 -61.37 15.69 26.94
C LEU E 17 -60.38 16.02 28.06
N ALA E 18 -60.90 16.32 29.25
CA ALA E 18 -60.05 16.75 30.36
C ALA E 18 -58.93 15.74 30.69
N MET E 19 -59.25 14.46 30.76
CA MET E 19 -58.19 13.49 30.95
C MET E 19 -57.09 13.73 29.91
N THR E 20 -57.48 13.71 28.63
CA THR E 20 -56.56 13.95 27.52
C THR E 20 -55.76 15.25 27.65
N PHE E 21 -56.42 16.38 27.82
CA PHE E 21 -55.69 17.63 27.78
C PHE E 21 -54.94 17.96 29.06
N VAL E 22 -55.31 17.37 30.19
CA VAL E 22 -54.48 17.57 31.38
C VAL E 22 -53.46 16.44 31.64
N SER E 23 -53.59 15.31 30.93
CA SER E 23 -52.43 14.41 30.72
C SER E 23 -51.51 14.92 29.62
N GLY E 24 -52.06 15.72 28.70
CA GLY E 24 -51.21 16.32 27.69
C GLY E 24 -50.28 17.27 28.42
N PHE E 25 -50.86 18.28 29.08
CA PHE E 25 -50.08 19.28 29.80
C PHE E 25 -48.99 18.68 30.65
N PHE E 26 -49.39 17.96 31.68
CA PHE E 26 -48.43 17.45 32.64
C PHE E 26 -47.47 16.42 32.01
N GLY E 27 -47.98 15.64 31.06
CA GLY E 27 -47.16 14.64 30.41
C GLY E 27 -46.01 15.29 29.66
N PHE E 28 -46.27 16.46 29.09
CA PHE E 28 -45.25 17.31 28.47
C PHE E 28 -44.30 17.90 29.52
N VAL E 29 -44.86 18.58 30.50
CA VAL E 29 -44.06 19.34 31.46
C VAL E 29 -42.96 18.47 32.06
N ILE E 30 -43.09 17.16 31.91
CA ILE E 30 -41.99 16.30 32.29
C ILE E 30 -41.16 15.88 31.06
N GLY E 31 -41.78 15.14 30.15
CA GLY E 31 -41.09 14.58 29.00
C GLY E 31 -40.41 15.55 28.04
N LEU E 32 -40.91 16.79 28.00
CA LEU E 32 -40.30 17.81 27.16
C LEU E 32 -38.90 18.16 27.61
N PRO E 33 -38.75 18.63 28.86
CA PRO E 33 -37.39 18.80 29.39
C PRO E 33 -36.60 17.50 29.33
N VAL E 34 -37.19 16.39 29.74
CA VAL E 34 -36.50 15.11 29.60
C VAL E 34 -36.12 14.83 28.14
N GLY E 35 -37.02 15.12 27.20
CA GLY E 35 -36.71 14.97 25.79
C GLY E 35 -35.53 15.82 25.31
N VAL E 36 -35.51 17.07 25.77
CA VAL E 36 -34.39 17.97 25.55
C VAL E 36 -33.11 17.38 26.09
N LEU E 37 -33.11 17.04 27.37
CA LEU E 37 -31.88 16.62 28.01
C LEU E 37 -31.45 15.25 27.48
N LEU E 38 -32.40 14.45 27.01
CA LEU E 38 -32.05 13.24 26.29
C LEU E 38 -31.16 13.53 25.09
N TYR E 39 -31.41 14.67 24.46
CA TYR E 39 -30.72 15.09 23.25
C TYR E 39 -29.36 15.74 23.53
N VAL E 40 -29.33 16.67 24.48
CA VAL E 40 -28.10 17.37 24.82
C VAL E 40 -27.06 16.42 25.40
N THR E 41 -27.52 15.27 25.88
CA THR E 41 -26.67 14.17 26.31
C THR E 41 -26.08 13.44 25.11
N ARG E 42 -26.76 13.53 23.98
CA ARG E 42 -26.42 12.77 22.78
C ARG E 42 -24.92 12.93 22.49
N PRO E 43 -24.27 11.87 21.98
CA PRO E 43 -22.85 12.05 21.63
C PRO E 43 -22.63 13.09 20.52
N GLY E 44 -21.77 14.07 20.82
CA GLY E 44 -21.49 15.14 19.88
C GLY E 44 -22.13 16.43 20.33
N GLN E 45 -23.04 16.35 21.28
CA GLN E 45 -23.90 17.50 21.61
C GLN E 45 -23.47 18.05 22.96
N ILE E 46 -23.88 19.26 23.25
CA ILE E 46 -23.21 20.08 24.26
C ILE E 46 -22.93 19.33 25.56
N ILE E 47 -23.97 18.82 26.21
CA ILE E 47 -23.75 18.22 27.51
C ILE E 47 -23.05 16.85 27.35
N ALA E 48 -23.32 16.14 26.26
CA ALA E 48 -22.48 15.01 25.80
C ALA E 48 -22.11 13.93 26.83
N ASN E 49 -22.93 13.67 27.84
CA ASN E 49 -22.53 12.67 28.84
C ASN E 49 -23.09 11.30 28.48
N ALA E 50 -22.23 10.39 28.02
CA ALA E 50 -22.71 9.17 27.36
C ALA E 50 -23.21 8.10 28.33
N LYS E 51 -22.97 8.32 29.63
CA LYS E 51 -23.38 7.41 30.68
C LYS E 51 -24.89 7.42 30.89
N LEU E 52 -25.43 8.61 31.12
CA LEU E 52 -26.85 8.76 31.44
C LEU E 52 -27.75 8.54 30.23
N TYR E 53 -27.27 8.88 29.04
CA TYR E 53 -28.06 8.62 27.85
C TYR E 53 -28.27 7.10 27.79
N ARG E 54 -27.20 6.35 28.04
CA ARG E 54 -27.32 4.92 28.14
C ARG E 54 -28.47 4.57 29.09
N THR E 55 -28.48 5.16 30.28
CA THR E 55 -29.54 4.91 31.25
C THR E 55 -30.87 5.59 30.89
N VAL E 56 -30.83 6.92 30.72
CA VAL E 56 -32.07 7.69 30.53
C VAL E 56 -32.86 7.13 29.36
N SER E 57 -32.18 6.79 28.28
CA SER E 57 -32.82 6.15 27.15
C SER E 57 -33.51 4.85 27.57
N ALA E 58 -32.83 4.02 28.35
CA ALA E 58 -33.32 2.68 28.76
C ALA E 58 -34.53 2.69 29.69
N ILE E 59 -34.64 3.69 30.56
CA ILE E 59 -35.82 3.78 31.41
C ILE E 59 -36.99 4.28 30.58
N VAL E 60 -36.75 5.35 29.83
CA VAL E 60 -37.76 5.85 28.91
C VAL E 60 -38.17 4.76 27.95
N ASN E 61 -37.22 3.96 27.54
CA ASN E 61 -37.52 2.87 26.62
C ASN E 61 -38.32 1.79 27.34
N ILE E 62 -38.18 1.70 28.66
CA ILE E 62 -38.85 0.65 29.45
C ILE E 62 -40.34 0.95 29.76
N PHE E 63 -40.62 2.16 30.24
CA PHE E 63 -42.00 2.60 30.42
C PHE E 63 -42.73 2.37 29.09
N ARG E 64 -42.17 2.93 28.03
CA ARG E 64 -42.75 2.84 26.68
C ARG E 64 -43.15 1.42 26.35
N SER E 65 -42.39 0.45 26.82
CA SER E 65 -42.64 -0.94 26.45
C SER E 65 -43.91 -1.54 27.08
N ILE E 66 -44.22 -1.14 28.30
CA ILE E 66 -45.38 -1.64 29.04
C ILE E 66 -46.68 -1.26 28.35
N PRO E 67 -47.50 -2.26 27.95
CA PRO E 67 -48.83 -1.86 27.49
C PRO E 67 -49.52 -0.99 28.55
N PHE E 68 -50.14 0.11 28.13
CA PHE E 68 -50.77 1.05 29.05
C PHE E 68 -51.79 0.40 29.94
N ILE E 69 -52.56 -0.55 29.39
CA ILE E 69 -53.59 -1.18 30.21
C ILE E 69 -52.94 -1.69 31.49
N ILE E 70 -51.92 -2.53 31.33
CA ILE E 70 -51.16 -3.09 32.45
C ILE E 70 -50.56 -2.01 33.35
N LEU E 71 -49.92 -1.02 32.75
CA LEU E 71 -49.34 0.07 33.49
C LEU E 71 -50.36 0.70 34.42
N LEU E 72 -51.61 0.78 33.95
CA LEU E 72 -52.66 1.48 34.68
C LEU E 72 -53.04 0.63 35.92
N VAL E 73 -53.02 -0.67 35.72
CA VAL E 73 -53.26 -1.62 36.79
C VAL E 73 -52.07 -1.56 37.74
N TRP E 74 -50.90 -2.00 37.27
CA TRP E 74 -49.74 -2.18 38.14
C TRP E 74 -49.60 -1.04 39.14
N MET E 75 -49.87 0.18 38.67
CA MET E 75 -49.65 1.34 39.50
C MET E 75 -50.90 1.77 40.25
N ILE E 76 -51.95 0.95 40.16
CA ILE E 76 -53.15 1.07 41.03
C ILE E 76 -52.81 1.30 42.51
N PRO E 77 -51.91 0.44 43.06
CA PRO E 77 -51.37 0.71 44.41
C PRO E 77 -50.79 2.11 44.51
N PHE E 78 -49.92 2.46 43.56
CA PHE E 78 -49.25 3.75 43.59
C PHE E 78 -50.25 4.86 43.35
N THR E 79 -51.13 4.64 42.39
CA THR E 79 -52.13 5.62 42.03
C THR E 79 -52.88 6.07 43.28
N ARG E 80 -53.47 5.08 43.95
CA ARG E 80 -54.43 5.31 45.04
C ARG E 80 -53.80 6.05 46.23
N VAL E 81 -52.53 5.80 46.47
CA VAL E 81 -51.85 6.48 47.57
C VAL E 81 -51.65 7.97 47.26
N ILE E 82 -51.45 8.28 45.99
CA ILE E 82 -51.12 9.65 45.61
C ILE E 82 -52.29 10.62 45.74
N VAL E 83 -53.41 10.26 45.11
CA VAL E 83 -54.62 11.08 45.13
C VAL E 83 -55.52 10.77 46.34
N GLY E 84 -55.27 9.62 46.97
CA GLY E 84 -56.10 9.14 48.06
C GLY E 84 -57.22 8.24 47.59
N THR E 85 -57.28 8.04 46.27
CA THR E 85 -58.27 7.18 45.64
C THR E 85 -57.74 6.63 44.34
N SER E 86 -58.17 5.42 43.99
CA SER E 86 -57.74 4.84 42.72
C SER E 86 -58.77 5.10 41.61
N ILE E 87 -59.84 5.83 41.93
CA ILE E 87 -60.96 5.98 40.99
C ILE E 87 -61.33 7.43 40.63
N GLY E 88 -62.07 7.59 39.52
CA GLY E 88 -62.48 8.89 39.05
C GLY E 88 -61.53 9.44 38.00
N LEU E 89 -61.76 10.67 37.55
CA LEU E 89 -60.83 11.27 36.58
C LEU E 89 -59.57 11.82 37.24
N GLN E 90 -59.74 12.60 38.31
CA GLN E 90 -58.63 13.23 39.02
C GLN E 90 -57.62 12.17 39.44
N ALA E 91 -58.04 10.92 39.33
CA ALA E 91 -57.16 9.78 39.56
C ALA E 91 -56.41 9.38 38.29
N ALA E 92 -57.16 9.00 37.25
CA ALA E 92 -56.61 8.43 36.00
C ALA E 92 -55.48 9.24 35.34
N ILE E 93 -55.49 10.55 35.57
CA ILE E 93 -54.44 11.43 35.07
C ILE E 93 -53.01 10.92 35.36
N VAL E 94 -52.77 10.49 36.60
CA VAL E 94 -51.50 9.90 36.94
C VAL E 94 -51.07 8.80 35.98
N PRO E 95 -51.86 7.72 35.87
CA PRO E 95 -51.46 6.65 34.96
C PRO E 95 -51.29 7.13 33.54
N LEU E 96 -52.10 8.10 33.14
CA LEU E 96 -52.03 8.65 31.80
C LEU E 96 -50.68 9.38 31.64
N THR E 97 -50.40 10.30 32.55
CA THR E 97 -49.14 11.04 32.51
C THR E 97 -47.92 10.13 32.39
N VAL E 98 -47.74 9.21 33.33
CA VAL E 98 -46.65 8.24 33.26
C VAL E 98 -46.68 7.41 31.96
N GLY E 99 -47.81 7.40 31.27
CA GLY E 99 -47.88 6.70 29.99
C GLY E 99 -47.65 7.65 28.84
N ALA E 100 -47.71 8.95 29.13
CA ALA E 100 -47.45 10.02 28.17
C ALA E 100 -45.96 10.35 27.98
N ALA E 101 -45.20 10.38 29.08
CA ALA E 101 -43.81 10.84 29.05
C ALA E 101 -42.89 10.05 28.13
N PRO E 102 -42.87 8.71 28.25
CA PRO E 102 -42.01 7.95 27.34
C PRO E 102 -42.36 8.18 25.87
N PHE E 103 -43.60 8.59 25.58
CA PHE E 103 -43.97 9.10 24.25
C PHE E 103 -43.30 10.43 23.98
N ILE E 104 -43.57 11.39 24.86
CA ILE E 104 -43.22 12.78 24.63
C ILE E 104 -41.70 12.95 24.52
N ALA E 105 -40.96 12.51 25.53
CA ALA E 105 -39.51 12.65 25.52
C ALA E 105 -38.94 12.03 24.26
N ARG E 106 -39.21 10.75 24.05
CA ARG E 106 -38.70 10.08 22.87
C ARG E 106 -39.06 10.85 21.60
N MET E 107 -40.26 11.41 21.56
CA MET E 107 -40.66 12.18 20.40
C MET E 107 -39.93 13.53 20.33
N VAL E 108 -39.75 14.17 21.48
CA VAL E 108 -38.89 15.34 21.51
C VAL E 108 -37.48 14.99 20.98
N GLU E 109 -36.89 13.89 21.47
CA GLU E 109 -35.55 13.49 21.02
C GLU E 109 -35.49 13.44 19.49
N ASN E 110 -36.44 12.75 18.88
CA ASN E 110 -36.45 12.62 17.43
C ASN E 110 -36.68 13.95 16.71
N ALA E 111 -37.41 14.84 17.36
CA ALA E 111 -37.79 16.10 16.74
C ALA E 111 -36.65 17.12 16.77
N LEU E 112 -35.83 17.02 17.81
CA LEU E 112 -34.67 17.87 17.92
C LEU E 112 -33.59 17.29 17.01
N LEU E 113 -33.71 16.01 16.66
CA LEU E 113 -32.75 15.40 15.75
C LEU E 113 -33.07 15.76 14.30
N GLU E 114 -34.26 16.30 14.09
CA GLU E 114 -34.67 16.81 12.79
C GLU E 114 -33.73 17.99 12.49
N ILE E 115 -33.35 18.72 13.53
CA ILE E 115 -32.50 19.91 13.40
C ILE E 115 -31.09 19.54 13.00
N PRO E 116 -30.64 20.07 11.83
CA PRO E 116 -29.33 19.78 11.21
C PRO E 116 -28.28 20.33 12.14
N THR E 117 -27.21 19.57 12.32
CA THR E 117 -26.34 19.79 13.47
C THR E 117 -25.56 21.11 13.39
N GLY E 118 -25.10 21.44 12.19
CA GLY E 118 -24.17 22.54 12.01
C GLY E 118 -24.79 23.87 12.42
N LEU E 119 -26.09 23.83 12.71
CA LEU E 119 -26.81 25.07 12.96
C LEU E 119 -26.60 25.33 14.45
N ILE E 120 -26.15 24.29 15.15
CA ILE E 120 -25.74 24.38 16.55
C ILE E 120 -24.37 25.02 16.66
N GLU E 121 -23.45 24.57 15.80
CA GLU E 121 -22.10 25.12 15.76
C GLU E 121 -22.24 26.63 15.67
N ALA E 122 -22.93 27.11 14.64
CA ALA E 122 -23.01 28.54 14.43
C ALA E 122 -23.44 29.22 15.72
N SER E 123 -24.37 28.59 16.41
CA SER E 123 -24.85 29.09 17.68
C SER E 123 -23.77 29.04 18.82
N ARG E 124 -23.05 27.92 18.96
CA ARG E 124 -21.93 27.83 19.89
C ARG E 124 -20.81 28.83 19.57
N ALA E 125 -20.57 29.02 18.28
CA ALA E 125 -19.48 29.84 17.76
C ALA E 125 -19.76 31.31 18.01
N MET E 126 -21.00 31.61 18.34
CA MET E 126 -21.42 32.96 18.67
C MET E 126 -21.24 33.22 20.15
N GLY E 127 -20.77 32.20 20.88
CA GLY E 127 -20.56 32.31 22.32
C GLY E 127 -21.84 32.22 23.13
N ALA E 128 -22.71 31.29 22.74
CA ALA E 128 -24.01 31.14 23.40
C ALA E 128 -23.96 30.06 24.47
N THR E 129 -24.70 30.29 25.56
CA THR E 129 -24.85 29.31 26.63
C THR E 129 -25.73 28.16 26.18
N PRO E 130 -25.40 26.93 26.63
CA PRO E 130 -26.23 25.78 26.26
C PRO E 130 -27.69 26.09 26.58
N MET E 131 -27.92 26.76 27.70
CA MET E 131 -29.26 27.21 28.09
C MET E 131 -29.86 28.01 26.94
N GLN E 132 -29.12 28.99 26.47
CA GLN E 132 -29.55 29.87 25.38
C GLN E 132 -29.72 29.10 24.08
N ILE E 133 -28.96 28.03 23.92
CA ILE E 133 -29.05 27.21 22.71
C ILE E 133 -30.43 26.61 22.58
N VAL E 134 -30.82 25.82 23.58
CA VAL E 134 -32.11 25.16 23.60
C VAL E 134 -33.24 26.16 23.45
N ARG E 135 -33.24 27.18 24.29
CA ARG E 135 -34.29 28.21 24.28
C ARG E 135 -34.36 28.91 22.92
N LYS E 136 -33.23 29.47 22.46
CA LYS E 136 -33.22 30.33 21.28
C LYS E 136 -33.00 29.68 19.89
N VAL E 137 -32.57 28.43 19.84
CA VAL E 137 -32.43 27.73 18.54
C VAL E 137 -33.14 26.38 18.46
N LEU E 138 -32.80 25.45 19.36
CA LEU E 138 -33.40 24.12 19.34
C LEU E 138 -34.93 24.07 19.41
N LEU E 139 -35.51 24.70 20.43
CA LEU E 139 -36.96 24.73 20.54
C LEU E 139 -37.60 25.38 19.30
N PRO E 140 -37.32 26.69 19.09
CA PRO E 140 -37.98 27.38 17.98
C PRO E 140 -37.71 26.73 16.63
N GLU E 141 -36.63 25.97 16.53
CA GLU E 141 -36.30 25.38 15.24
C GLU E 141 -36.97 24.04 15.07
N ALA E 142 -37.45 23.49 16.18
CA ALA E 142 -38.12 22.20 16.21
C ALA E 142 -39.65 22.29 16.24
N LEU E 143 -40.17 23.51 16.23
CA LEU E 143 -41.60 23.74 16.46
C LEU E 143 -42.50 22.82 15.65
N PRO E 144 -42.39 22.86 14.32
CA PRO E 144 -43.32 22.02 13.55
C PRO E 144 -43.26 20.56 13.95
N GLY E 145 -42.22 20.13 14.66
CA GLY E 145 -42.17 18.76 15.17
C GLY E 145 -42.68 18.63 16.59
N LEU E 146 -42.60 19.75 17.31
CA LEU E 146 -43.09 19.83 18.68
C LEU E 146 -44.62 19.86 18.79
N VAL E 147 -45.27 20.76 18.03
CA VAL E 147 -46.73 20.82 18.04
C VAL E 147 -47.32 19.65 17.27
N ASN E 148 -46.50 19.01 16.46
CA ASN E 148 -46.94 17.75 15.89
C ASN E 148 -46.93 16.65 16.96
N ALA E 149 -45.90 16.63 17.79
CA ALA E 149 -45.81 15.62 18.84
C ALA E 149 -46.77 15.94 19.99
N ALA E 150 -47.11 17.21 20.15
CA ALA E 150 -48.23 17.60 21.01
C ALA E 150 -49.54 17.02 20.45
N THR E 151 -49.58 16.87 19.14
CA THR E 151 -50.77 16.33 18.53
C THR E 151 -50.79 14.85 18.81
N ILE E 152 -49.75 14.13 18.42
CA ILE E 152 -49.90 12.66 18.42
C ILE E 152 -50.18 12.14 19.85
N THR E 153 -49.64 12.82 20.85
CA THR E 153 -49.91 12.47 22.25
C THR E 153 -51.39 12.57 22.62
N LEU E 154 -51.95 13.75 22.44
CA LEU E 154 -53.37 14.02 22.63
C LEU E 154 -54.27 13.01 21.95
N ILE E 155 -53.93 12.62 20.74
CA ILE E 155 -54.73 11.61 20.09
C ILE E 155 -54.50 10.24 20.75
N THR E 156 -53.26 9.95 21.10
CA THR E 156 -52.97 8.66 21.71
C THR E 156 -53.57 8.58 23.13
N LEU E 157 -53.51 9.69 23.88
CA LEU E 157 -54.10 9.79 25.21
C LEU E 157 -55.61 9.55 25.20
N VAL E 158 -56.29 10.06 24.17
CA VAL E 158 -57.71 9.79 24.03
C VAL E 158 -57.92 8.28 24.24
N GLY E 159 -57.39 7.47 23.35
CA GLY E 159 -57.47 6.01 23.47
C GLY E 159 -56.95 5.47 24.80
N TYR E 160 -56.13 6.24 25.51
CA TYR E 160 -55.73 5.83 26.84
C TYR E 160 -56.81 6.08 27.86
N SER E 161 -57.41 7.25 27.83
CA SER E 161 -58.54 7.55 28.69
C SER E 161 -59.77 6.66 28.36
N ALA E 162 -59.96 6.34 27.08
CA ALA E 162 -61.01 5.39 26.72
C ALA E 162 -60.70 4.03 27.31
N MET E 163 -59.47 3.56 27.13
CA MET E 163 -59.06 2.29 27.73
C MET E 163 -59.21 2.33 29.27
N GLY E 164 -58.90 3.48 29.85
CA GLY E 164 -58.97 3.64 31.29
C GLY E 164 -60.38 3.51 31.84
N GLY E 165 -61.37 3.90 31.03
CA GLY E 165 -62.75 3.82 31.44
C GLY E 165 -63.21 2.40 31.79
N ALA E 166 -62.50 1.39 31.27
CA ALA E 166 -62.77 0.00 31.64
C ALA E 166 -62.15 -0.36 33.01
N VAL E 167 -61.21 0.47 33.47
CA VAL E 167 -60.80 0.53 34.87
C VAL E 167 -61.48 1.69 35.64
N GLY E 168 -62.53 2.25 35.05
CA GLY E 168 -63.40 3.17 35.74
C GLY E 168 -62.72 4.50 35.88
N ALA E 169 -62.14 4.95 34.78
CA ALA E 169 -61.64 6.30 34.74
C ALA E 169 -62.85 7.20 34.57
N GLY E 170 -63.92 6.62 34.03
CA GLY E 170 -65.04 7.41 33.60
C GLY E 170 -64.86 7.77 32.15
N GLY E 171 -65.47 8.88 31.70
CA GLY E 171 -65.42 9.27 30.29
C GLY E 171 -66.01 8.25 29.31
N LEU E 172 -65.78 8.44 28.03
CA LEU E 172 -66.55 7.71 27.04
C LEU E 172 -66.25 6.23 27.01
N GLY E 173 -65.08 5.84 27.52
CA GLY E 173 -64.70 4.45 27.49
C GLY E 173 -65.49 3.66 28.50
N GLN E 174 -65.81 4.32 29.61
CA GLN E 174 -66.64 3.69 30.61
C GLN E 174 -67.97 3.42 29.95
N ILE E 175 -68.63 4.49 29.48
CA ILE E 175 -69.86 4.33 28.73
C ILE E 175 -69.73 3.31 27.61
N GLY E 176 -68.57 3.21 27.01
CA GLY E 176 -68.39 2.17 26.02
C GLY E 176 -68.42 0.79 26.64
N TYR E 177 -67.87 0.66 27.84
CA TYR E 177 -67.75 -0.62 28.53
C TYR E 177 -69.11 -1.11 29.05
N GLN E 178 -69.77 -0.25 29.84
CA GLN E 178 -71.05 -0.54 30.47
C GLN E 178 -72.12 -0.92 29.45
N TYR E 179 -72.30 -0.06 28.47
CA TYR E 179 -73.31 -0.29 27.45
C TYR E 179 -72.75 -0.91 26.18
N GLY E 180 -71.44 -1.10 26.13
CA GLY E 180 -70.87 -2.05 25.18
C GLY E 180 -70.67 -3.49 25.60
N TYR E 181 -69.91 -3.67 26.67
CA TYR E 181 -69.44 -4.99 27.08
C TYR E 181 -70.38 -5.73 27.99
N ILE E 182 -70.85 -4.99 29.00
CA ILE E 182 -71.66 -5.53 30.08
C ILE E 182 -73.09 -5.73 29.64
N GLY E 183 -73.66 -4.72 29.01
CA GLY E 183 -74.84 -4.99 28.19
C GLY E 183 -74.91 -4.05 27.01
N TYR E 184 -75.48 -4.55 25.93
CA TYR E 184 -75.16 -4.04 24.62
C TYR E 184 -76.24 -3.16 24.03
N ASN E 185 -75.90 -1.90 23.79
CA ASN E 185 -76.81 -1.02 23.07
C ASN E 185 -76.19 -0.53 21.78
N ALA E 186 -76.71 -1.04 20.66
CA ALA E 186 -76.18 -0.68 19.34
C ALA E 186 -76.25 0.83 19.04
N THR E 187 -77.25 1.55 19.53
CA THR E 187 -77.13 3.00 19.38
C THR E 187 -76.03 3.57 20.26
N VAL E 188 -76.03 3.31 21.57
CA VAL E 188 -75.02 3.94 22.44
C VAL E 188 -73.57 3.55 22.09
N MET E 189 -73.35 2.33 21.58
CA MET E 189 -72.02 2.05 21.07
C MET E 189 -71.69 2.95 19.87
N ASN E 190 -72.56 2.98 18.86
CA ASN E 190 -72.33 3.82 17.70
C ASN E 190 -72.04 5.24 18.09
N THR E 191 -72.86 5.76 18.98
CA THR E 191 -72.64 7.12 19.47
C THR E 191 -71.31 7.34 20.21
N VAL E 192 -70.86 6.38 21.00
CA VAL E 192 -69.54 6.53 21.62
C VAL E 192 -68.41 6.59 20.58
N LEU E 193 -68.39 5.63 19.66
CA LEU E 193 -67.44 5.59 18.54
C LEU E 193 -67.29 6.91 17.78
N VAL E 194 -68.37 7.28 17.09
CA VAL E 194 -68.42 8.50 16.30
C VAL E 194 -67.99 9.74 17.10
N LEU E 195 -68.44 9.86 18.34
CA LEU E 195 -67.85 10.88 19.20
C LEU E 195 -66.34 10.77 19.35
N LEU E 196 -65.82 9.55 19.49
CA LEU E 196 -64.39 9.45 19.69
C LEU E 196 -63.67 9.66 18.37
N VAL E 197 -64.22 9.16 17.26
CA VAL E 197 -63.59 9.46 15.96
C VAL E 197 -63.52 10.99 15.75
N ILE E 198 -64.66 11.65 15.89
CA ILE E 198 -64.71 13.11 15.79
C ILE E 198 -63.70 13.89 16.67
N LEU E 199 -63.39 13.40 17.87
CA LEU E 199 -62.38 14.07 18.74
C LEU E 199 -60.96 13.92 18.23
N VAL E 200 -60.70 12.78 17.61
CA VAL E 200 -59.43 12.52 16.96
C VAL E 200 -59.32 13.51 15.82
N TYR E 201 -60.34 13.52 14.96
CA TYR E 201 -60.35 14.42 13.81
C TYR E 201 -60.28 15.88 14.21
N LEU E 202 -60.86 16.23 15.36
CA LEU E 202 -60.78 17.60 15.82
C LEU E 202 -59.51 17.96 16.62
N ILE E 203 -58.78 16.96 17.08
CA ILE E 203 -57.43 17.21 17.57
C ILE E 203 -56.47 17.34 16.39
N GLN E 204 -56.52 16.37 15.49
CA GLN E 204 -55.64 16.34 14.34
C GLN E 204 -55.72 17.66 13.58
N PHE E 205 -56.93 18.04 13.18
CA PHE E 205 -57.20 19.27 12.45
C PHE E 205 -56.59 20.49 13.11
N ALA E 206 -56.95 20.70 14.38
CA ALA E 206 -56.43 21.84 15.13
C ALA E 206 -54.90 21.81 15.22
N GLY E 207 -54.34 20.61 15.43
CA GLY E 207 -52.89 20.44 15.51
C GLY E 207 -52.12 20.73 14.23
N ASP E 208 -52.56 20.12 13.13
CA ASP E 208 -52.00 20.38 11.82
C ASP E 208 -52.12 21.88 11.51
N ARG E 209 -53.32 22.40 11.73
CA ARG E 209 -53.62 23.81 11.46
C ARG E 209 -52.58 24.74 12.11
N ILE E 210 -52.07 24.37 13.28
CA ILE E 210 -51.07 25.21 13.94
C ILE E 210 -49.71 25.00 13.32
N VAL E 211 -49.40 23.76 12.98
CA VAL E 211 -48.15 23.46 12.31
C VAL E 211 -47.90 24.33 11.06
N ARG E 212 -48.97 24.77 10.40
CA ARG E 212 -48.79 25.67 9.24
C ARG E 212 -48.35 27.05 9.66
N ALA E 213 -49.09 27.67 10.57
CA ALA E 213 -48.76 29.01 11.04
C ALA E 213 -47.38 29.02 11.68
N VAL E 214 -47.00 27.90 12.29
CA VAL E 214 -45.64 27.71 12.78
C VAL E 214 -44.64 27.71 11.64
N THR E 215 -44.85 26.83 10.67
CA THR E 215 -43.80 26.52 9.71
C THR E 215 -43.19 27.82 9.10
N ARG E 216 -41.86 27.90 9.19
CA ARG E 216 -41.01 29.05 8.76
C ARG E 216 -41.59 30.49 8.94
N MET F 1 -43.63 -17.57 46.43
CA MET F 1 -44.05 -17.68 45.03
C MET F 1 -44.91 -18.93 44.89
N SER F 2 -46.02 -18.82 44.19
CA SER F 2 -46.89 -19.98 43.96
C SER F 2 -46.49 -20.64 42.66
N GLU F 3 -46.05 -21.89 42.72
CA GLU F 3 -45.85 -22.68 41.52
C GLU F 3 -47.14 -22.79 40.70
N PRO F 4 -48.26 -23.11 41.38
CA PRO F 4 -49.47 -23.47 40.62
C PRO F 4 -50.01 -22.28 39.86
N MET F 5 -49.63 -21.08 40.29
CA MET F 5 -49.96 -19.85 39.58
C MET F 5 -49.13 -19.69 38.31
N MET F 6 -47.84 -20.03 38.41
CA MET F 6 -46.88 -19.80 37.34
C MET F 6 -47.20 -20.58 36.05
N TRP F 7 -47.98 -21.65 36.15
CA TRP F 7 -48.30 -22.43 34.97
C TRP F 7 -49.58 -21.93 34.27
N LEU F 8 -50.23 -20.94 34.86
CA LEU F 8 -51.19 -20.10 34.14
C LEU F 8 -50.48 -19.33 33.06
N LEU F 9 -49.48 -18.58 33.51
CA LEU F 9 -48.76 -17.59 32.70
C LEU F 9 -48.19 -18.19 31.42
N VAL F 10 -47.56 -19.36 31.53
CA VAL F 10 -47.05 -20.05 30.35
C VAL F 10 -48.14 -20.27 29.27
N ARG F 11 -49.36 -20.62 29.66
CA ARG F 11 -50.46 -20.66 28.69
C ARG F 11 -50.93 -19.23 28.36
N GLY F 12 -50.83 -18.34 29.34
CA GLY F 12 -51.22 -16.95 29.16
C GLY F 12 -50.36 -16.26 28.12
N VAL F 13 -49.04 -16.45 28.21
CA VAL F 13 -48.11 -15.95 27.21
C VAL F 13 -48.41 -16.58 25.87
N TRP F 14 -48.46 -17.91 25.82
CA TRP F 14 -48.66 -18.60 24.54
C TRP F 14 -49.85 -18.00 23.79
N GLU F 15 -50.89 -17.59 24.52
CA GLU F 15 -52.09 -17.00 23.92
C GLU F 15 -51.81 -15.59 23.38
N THR F 16 -51.28 -14.71 24.23
CA THR F 16 -50.75 -13.42 23.77
C THR F 16 -49.89 -13.60 22.53
N LEU F 17 -48.78 -14.28 22.74
CA LEU F 17 -47.87 -14.64 21.69
C LEU F 17 -48.67 -15.14 20.49
N ALA F 18 -49.75 -15.87 20.75
CA ALA F 18 -50.54 -16.42 19.65
C ALA F 18 -51.44 -15.38 18.94
N MET F 19 -52.11 -14.51 19.69
CA MET F 19 -53.00 -13.57 19.05
C MET F 19 -52.31 -12.29 18.58
N THR F 20 -51.06 -12.10 18.98
CA THR F 20 -50.22 -11.07 18.36
C THR F 20 -49.80 -11.50 16.95
N PHE F 21 -49.23 -12.68 16.86
CA PHE F 21 -48.61 -13.11 15.65
C PHE F 21 -49.61 -13.59 14.60
N VAL F 22 -50.78 -14.10 15.01
CA VAL F 22 -51.81 -14.47 14.03
C VAL F 22 -52.72 -13.30 13.59
N SER F 23 -52.75 -12.26 14.42
CA SER F 23 -53.44 -11.03 14.04
C SER F 23 -52.49 -10.27 13.15
N GLY F 24 -51.20 -10.34 13.52
CA GLY F 24 -50.13 -9.81 12.70
C GLY F 24 -50.24 -10.29 11.27
N PHE F 25 -50.37 -11.60 11.11
CA PHE F 25 -50.40 -12.21 9.78
C PHE F 25 -51.66 -11.83 9.00
N PHE F 26 -52.78 -11.69 9.67
CA PHE F 26 -54.00 -11.37 8.92
C PHE F 26 -54.10 -9.89 8.63
N GLY F 27 -53.71 -9.08 9.60
CA GLY F 27 -53.66 -7.64 9.42
C GLY F 27 -52.74 -7.20 8.28
N PHE F 28 -51.73 -7.99 7.95
CA PHE F 28 -50.85 -7.67 6.83
C PHE F 28 -51.45 -8.14 5.51
N VAL F 29 -52.10 -9.28 5.53
CA VAL F 29 -52.85 -9.74 4.36
C VAL F 29 -53.82 -8.65 3.89
N ILE F 30 -54.48 -8.00 4.83
CA ILE F 30 -55.32 -6.85 4.49
C ILE F 30 -54.49 -5.58 4.22
N GLY F 31 -53.58 -5.23 5.14
CA GLY F 31 -52.84 -3.98 5.06
C GLY F 31 -51.79 -3.81 3.95
N LEU F 32 -51.13 -4.89 3.56
CA LEU F 32 -50.12 -4.84 2.51
C LEU F 32 -50.74 -4.47 1.16
N PRO F 33 -51.87 -5.10 0.79
CA PRO F 33 -52.57 -4.61 -0.40
C PRO F 33 -53.06 -3.18 -0.19
N VAL F 34 -53.73 -2.92 0.92
CA VAL F 34 -54.23 -1.58 1.15
C VAL F 34 -53.08 -0.58 1.18
N GLY F 35 -51.89 -1.04 1.59
CA GLY F 35 -50.71 -0.18 1.54
C GLY F 35 -50.33 0.27 0.14
N VAL F 36 -50.11 -0.69 -0.76
CA VAL F 36 -49.55 -0.37 -2.06
C VAL F 36 -50.54 0.42 -2.89
N LEU F 37 -51.77 -0.08 -2.98
CA LEU F 37 -52.82 0.62 -3.71
C LEU F 37 -52.78 2.08 -3.24
N LEU F 38 -52.77 2.28 -1.92
CA LEU F 38 -52.69 3.59 -1.34
C LEU F 38 -51.47 4.36 -1.86
N TYR F 39 -50.36 3.65 -2.10
CA TYR F 39 -49.11 4.24 -2.65
C TYR F 39 -49.25 4.62 -4.10
N VAL F 40 -49.60 3.62 -4.89
CA VAL F 40 -49.66 3.74 -6.34
C VAL F 40 -50.74 4.72 -6.82
N THR F 41 -51.63 5.14 -5.93
CA THR F 41 -52.69 6.03 -6.38
C THR F 41 -52.43 7.52 -6.06
N ARG F 42 -51.32 7.78 -5.34
CA ARG F 42 -50.94 9.15 -5.05
C ARG F 42 -50.53 9.82 -6.34
N PRO F 43 -50.73 11.14 -6.44
CA PRO F 43 -50.29 11.92 -7.61
C PRO F 43 -48.84 11.65 -8.06
N GLY F 44 -48.65 11.57 -9.37
CA GLY F 44 -47.33 11.40 -9.97
C GLY F 44 -46.86 9.97 -9.86
N GLN F 45 -47.77 9.15 -9.33
CA GLN F 45 -47.47 7.79 -8.96
C GLN F 45 -48.10 6.82 -9.92
N ILE F 46 -47.48 5.65 -10.02
CA ILE F 46 -47.90 4.66 -10.99
C ILE F 46 -49.36 4.32 -10.81
N ILE F 47 -50.15 4.53 -11.87
CA ILE F 47 -51.61 4.32 -11.80
C ILE F 47 -52.33 5.04 -10.65
N ALA F 48 -52.29 6.38 -10.72
CA ALA F 48 -52.94 7.26 -9.76
C ALA F 48 -54.39 7.55 -10.11
N ASN F 49 -55.33 7.17 -9.26
CA ASN F 49 -56.69 7.71 -9.39
C ASN F 49 -56.96 8.53 -8.15
N ALA F 50 -56.91 9.85 -8.25
CA ALA F 50 -56.93 10.67 -7.04
C ALA F 50 -58.24 10.49 -6.27
N LYS F 51 -59.29 10.08 -6.96
CA LYS F 51 -60.57 9.85 -6.31
C LYS F 51 -60.43 8.64 -5.41
N LEU F 52 -59.87 7.58 -5.98
CA LEU F 52 -59.60 6.33 -5.27
C LEU F 52 -58.69 6.46 -4.03
N TYR F 53 -57.55 7.16 -4.15
CA TYR F 53 -56.66 7.34 -3.01
C TYR F 53 -57.40 8.08 -1.90
N ARG F 54 -58.12 9.12 -2.29
CA ARG F 54 -58.85 9.96 -1.35
C ARG F 54 -59.74 9.11 -0.43
N THR F 55 -60.51 8.24 -1.07
CA THR F 55 -61.42 7.35 -0.38
C THR F 55 -60.65 6.38 0.54
N VAL F 56 -59.79 5.57 -0.06
CA VAL F 56 -59.03 4.55 0.65
C VAL F 56 -58.33 5.16 1.86
N SER F 57 -57.50 6.17 1.61
CA SER F 57 -56.84 6.87 2.71
C SER F 57 -57.83 7.33 3.79
N ALA F 58 -59.07 7.63 3.41
CA ALA F 58 -60.08 8.07 4.40
C ALA F 58 -60.62 6.90 5.23
N ILE F 59 -60.95 5.82 4.54
CA ILE F 59 -61.41 4.58 5.16
C ILE F 59 -60.38 4.07 6.18
N VAL F 60 -59.09 4.08 5.82
CA VAL F 60 -58.03 3.66 6.75
C VAL F 60 -57.90 4.67 7.87
N ASN F 61 -58.23 5.91 7.54
CA ASN F 61 -58.08 6.99 8.50
C ASN F 61 -59.14 6.97 9.59
N ILE F 62 -60.39 6.75 9.20
CA ILE F 62 -61.44 6.60 10.21
C ILE F 62 -61.17 5.39 11.08
N PHE F 63 -60.84 4.28 10.43
CA PHE F 63 -60.59 3.06 11.16
C PHE F 63 -59.43 3.22 12.15
N ARG F 64 -58.30 3.65 11.65
CA ARG F 64 -57.16 3.85 12.53
C ARG F 64 -57.57 4.79 13.67
N SER F 65 -58.57 5.62 13.41
CA SER F 65 -58.97 6.66 14.35
C SER F 65 -59.80 6.14 15.53
N ILE F 66 -60.30 4.91 15.45
CA ILE F 66 -61.09 4.35 16.54
C ILE F 66 -60.16 3.80 17.62
N PRO F 67 -60.20 4.37 18.83
CA PRO F 67 -59.44 3.78 19.94
C PRO F 67 -59.73 2.29 20.03
N PHE F 68 -58.71 1.44 20.20
CA PHE F 68 -58.91 0.00 19.97
C PHE F 68 -59.94 -0.67 20.90
N ILE F 69 -59.99 -0.33 22.19
CA ILE F 69 -61.04 -0.95 23.01
C ILE F 69 -62.41 -0.73 22.41
N ILE F 70 -62.79 0.51 22.14
CA ILE F 70 -64.08 0.74 21.53
C ILE F 70 -64.24 -0.04 20.23
N LEU F 71 -63.20 -0.12 19.42
CA LEU F 71 -63.29 -0.96 18.22
C LEU F 71 -63.67 -2.40 18.61
N LEU F 72 -62.88 -2.99 19.51
CA LEU F 72 -63.08 -4.37 19.93
C LEU F 72 -64.51 -4.59 20.51
N VAL F 73 -64.79 -3.85 21.58
CA VAL F 73 -66.12 -3.71 22.20
C VAL F 73 -67.23 -3.47 21.19
N TRP F 74 -67.05 -2.51 20.29
CA TRP F 74 -68.09 -2.16 19.33
C TRP F 74 -68.24 -3.23 18.23
N MET F 75 -67.26 -4.14 18.15
CA MET F 75 -67.32 -5.19 17.13
C MET F 75 -67.99 -6.48 17.59
N ILE F 76 -68.31 -6.59 18.88
CA ILE F 76 -68.73 -7.85 19.51
C ILE F 76 -69.78 -8.62 18.69
N PRO F 77 -70.93 -7.98 18.46
CA PRO F 77 -71.93 -8.60 17.60
C PRO F 77 -71.33 -9.17 16.32
N PHE F 78 -70.36 -8.45 15.75
CA PHE F 78 -69.81 -8.87 14.47
C PHE F 78 -68.86 -10.03 14.68
N THR F 79 -67.98 -9.88 15.67
CA THR F 79 -67.03 -10.94 15.96
C THR F 79 -67.84 -12.22 16.10
N ARG F 80 -68.86 -12.13 16.97
CA ARG F 80 -69.73 -13.25 17.37
C ARG F 80 -70.54 -13.86 16.22
N VAL F 81 -70.77 -13.10 15.16
CA VAL F 81 -71.46 -13.63 13.98
C VAL F 81 -70.54 -14.61 13.25
N ILE F 82 -69.24 -14.33 13.32
CA ILE F 82 -68.28 -15.05 12.48
C ILE F 82 -67.80 -16.34 13.13
N VAL F 83 -67.00 -16.20 14.18
CA VAL F 83 -66.44 -17.34 14.90
C VAL F 83 -67.48 -17.99 15.84
N GLY F 84 -68.36 -17.15 16.39
CA GLY F 84 -69.45 -17.63 17.21
C GLY F 84 -69.40 -17.34 18.71
N THR F 85 -68.26 -16.90 19.24
CA THR F 85 -68.17 -16.70 20.69
C THR F 85 -68.16 -15.23 21.05
N SER F 86 -67.17 -14.51 20.52
CA SER F 86 -66.87 -13.12 20.88
C SER F 86 -66.08 -13.09 22.17
N ILE F 87 -65.81 -14.28 22.72
CA ILE F 87 -64.90 -14.44 23.83
C ILE F 87 -63.84 -15.48 23.55
N GLY F 88 -62.61 -15.18 23.96
CA GLY F 88 -61.51 -16.10 23.74
C GLY F 88 -60.65 -15.75 22.54
N LEU F 89 -59.60 -16.53 22.33
CA LEU F 89 -58.61 -16.30 21.28
C LEU F 89 -59.20 -16.22 19.91
N GLN F 90 -59.71 -17.36 19.44
CA GLN F 90 -60.16 -17.47 18.07
C GLN F 90 -61.04 -16.27 17.74
N ALA F 91 -61.78 -15.79 18.72
CA ALA F 91 -62.63 -14.62 18.51
C ALA F 91 -61.96 -13.30 18.90
N ALA F 92 -60.78 -13.37 19.51
CA ALA F 92 -60.07 -12.15 19.91
C ALA F 92 -59.35 -11.47 18.76
N ILE F 93 -59.03 -12.26 17.73
CA ILE F 93 -58.18 -11.79 16.64
C ILE F 93 -58.94 -10.90 15.66
N VAL F 94 -60.17 -11.28 15.30
CA VAL F 94 -60.92 -10.43 14.37
C VAL F 94 -60.81 -8.94 14.69
N PRO F 95 -61.19 -8.53 15.90
CA PRO F 95 -60.99 -7.12 16.22
C PRO F 95 -59.51 -6.65 16.16
N LEU F 96 -58.56 -7.45 16.63
CA LEU F 96 -57.15 -7.09 16.55
C LEU F 96 -56.74 -6.94 15.08
N THR F 97 -57.00 -7.97 14.28
CA THR F 97 -56.81 -7.88 12.83
C THR F 97 -57.41 -6.61 12.28
N VAL F 98 -58.66 -6.35 12.58
CA VAL F 98 -59.26 -5.15 12.05
C VAL F 98 -58.60 -3.91 12.65
N GLY F 99 -58.28 -3.93 13.94
CA GLY F 99 -57.53 -2.82 14.51
C GLY F 99 -56.12 -2.63 13.96
N ALA F 100 -55.55 -3.70 13.40
CA ALA F 100 -54.16 -3.68 12.90
C ALA F 100 -53.98 -3.16 11.48
N ALA F 101 -54.84 -3.65 10.58
CA ALA F 101 -54.75 -3.37 9.14
C ALA F 101 -54.51 -1.89 8.82
N PRO F 102 -55.33 -0.99 9.38
CA PRO F 102 -55.21 0.41 8.97
C PRO F 102 -53.82 0.97 9.19
N PHE F 103 -53.24 0.82 10.36
CA PHE F 103 -51.91 1.40 10.52
C PHE F 103 -50.89 0.61 9.67
N ILE F 104 -51.06 -0.69 9.50
CA ILE F 104 -50.15 -1.42 8.62
C ILE F 104 -50.16 -0.78 7.23
N ALA F 105 -51.35 -0.67 6.61
CA ALA F 105 -51.45 0.00 5.32
C ALA F 105 -50.77 1.38 5.31
N ARG F 106 -51.05 2.18 6.34
CA ARG F 106 -50.46 3.50 6.40
C ARG F 106 -48.95 3.39 6.51
N MET F 107 -48.45 2.37 7.20
CA MET F 107 -47.00 2.15 7.29
C MET F 107 -46.39 1.62 6.01
N VAL F 108 -46.98 0.58 5.44
CA VAL F 108 -46.53 0.14 4.12
C VAL F 108 -46.40 1.34 3.16
N GLU F 109 -47.39 2.24 3.17
CA GLU F 109 -47.37 3.40 2.28
C GLU F 109 -46.12 4.20 2.59
N ASN F 110 -46.00 4.64 3.83
CA ASN F 110 -44.81 5.36 4.28
C ASN F 110 -43.47 4.62 4.04
N ALA F 111 -43.55 3.29 3.94
CA ALA F 111 -42.38 2.47 3.68
C ALA F 111 -42.02 2.44 2.20
N LEU F 112 -43.04 2.55 1.35
CA LEU F 112 -42.84 2.63 -0.10
C LEU F 112 -42.41 4.04 -0.50
N LEU F 113 -42.71 5.00 0.36
CA LEU F 113 -42.35 6.38 0.06
C LEU F 113 -40.85 6.69 0.27
N GLU F 114 -40.14 5.84 0.98
CA GLU F 114 -38.72 6.09 1.15
C GLU F 114 -37.98 5.78 -0.13
N ILE F 115 -38.51 4.81 -0.89
CA ILE F 115 -37.90 4.44 -2.15
C ILE F 115 -37.76 5.64 -3.06
N PRO F 116 -36.53 5.88 -3.56
CA PRO F 116 -36.29 7.08 -4.37
C PRO F 116 -37.10 6.99 -5.65
N THR F 117 -37.67 8.13 -6.03
CA THR F 117 -38.58 8.20 -7.17
C THR F 117 -37.90 7.77 -8.49
N GLY F 118 -36.58 7.97 -8.57
CA GLY F 118 -35.79 7.52 -9.70
C GLY F 118 -35.94 6.06 -10.09
N LEU F 119 -36.10 5.16 -9.12
CA LEU F 119 -36.16 3.75 -9.49
C LEU F 119 -37.45 3.39 -10.17
N ILE F 120 -38.44 4.24 -9.98
CA ILE F 120 -39.71 4.07 -10.66
C ILE F 120 -39.60 4.52 -12.11
N GLU F 121 -39.00 5.70 -12.29
CA GLU F 121 -38.69 6.20 -13.63
C GLU F 121 -37.99 5.12 -14.40
N ALA F 122 -36.85 4.67 -13.87
CA ALA F 122 -36.00 3.69 -14.53
C ALA F 122 -36.84 2.47 -14.96
N SER F 123 -37.79 2.17 -14.11
CA SER F 123 -38.67 1.01 -14.24
C SER F 123 -39.68 1.24 -15.35
N ARG F 124 -40.36 2.40 -15.29
CA ARG F 124 -41.29 2.81 -16.34
C ARG F 124 -40.55 2.86 -17.67
N ALA F 125 -39.27 3.21 -17.60
CA ALA F 125 -38.42 3.35 -18.77
C ALA F 125 -38.15 2.00 -19.43
N MET F 126 -38.23 0.93 -18.64
CA MET F 126 -38.01 -0.41 -19.17
C MET F 126 -39.28 -1.10 -19.65
N GLY F 127 -40.43 -0.46 -19.46
CA GLY F 127 -41.68 -1.01 -19.95
C GLY F 127 -42.33 -1.96 -18.95
N ALA F 128 -41.86 -1.88 -17.70
CA ALA F 128 -42.46 -2.65 -16.63
C ALA F 128 -43.89 -2.20 -16.47
N THR F 129 -44.79 -3.18 -16.35
CA THR F 129 -46.19 -2.95 -16.01
C THR F 129 -46.30 -2.67 -14.54
N PRO F 130 -47.30 -1.86 -14.18
CA PRO F 130 -47.37 -1.39 -12.79
C PRO F 130 -47.18 -2.56 -11.82
N MET F 131 -47.85 -3.68 -12.07
CA MET F 131 -47.72 -4.85 -11.22
C MET F 131 -46.24 -5.29 -11.13
N GLN F 132 -45.57 -5.27 -12.29
CA GLN F 132 -44.16 -5.64 -12.38
C GLN F 132 -43.29 -4.72 -11.54
N ILE F 133 -43.70 -3.46 -11.45
CA ILE F 133 -43.00 -2.50 -10.62
C ILE F 133 -43.26 -2.78 -9.14
N VAL F 134 -44.51 -3.08 -8.81
CA VAL F 134 -44.86 -3.47 -7.44
C VAL F 134 -44.07 -4.73 -7.02
N ARG F 135 -44.25 -5.79 -7.80
CA ARG F 135 -43.69 -7.09 -7.47
C ARG F 135 -42.15 -7.10 -7.51
N LYS F 136 -41.60 -6.62 -8.62
CA LYS F 136 -40.17 -6.72 -8.90
C LYS F 136 -39.27 -5.54 -8.42
N VAL F 137 -39.88 -4.41 -8.05
CA VAL F 137 -39.13 -3.21 -7.70
C VAL F 137 -39.51 -2.60 -6.35
N LEU F 138 -40.78 -2.23 -6.24
CA LEU F 138 -41.37 -1.63 -5.04
C LEU F 138 -41.18 -2.40 -3.71
N LEU F 139 -41.78 -3.59 -3.62
CA LEU F 139 -41.73 -4.37 -2.38
C LEU F 139 -40.31 -4.72 -1.96
N PRO F 140 -39.58 -5.46 -2.82
CA PRO F 140 -38.18 -5.83 -2.57
C PRO F 140 -37.32 -4.66 -2.09
N GLU F 141 -37.59 -3.49 -2.64
CA GLU F 141 -36.80 -2.33 -2.27
C GLU F 141 -37.14 -1.84 -0.86
N ALA F 142 -38.41 -2.00 -0.48
CA ALA F 142 -38.91 -1.44 0.76
C ALA F 142 -38.76 -2.40 1.95
N LEU F 143 -38.34 -3.64 1.65
CA LEU F 143 -38.27 -4.73 2.63
C LEU F 143 -37.68 -4.35 4.00
N PRO F 144 -36.60 -3.56 4.02
CA PRO F 144 -36.11 -3.13 5.33
C PRO F 144 -37.15 -2.33 6.11
N GLY F 145 -37.96 -1.55 5.41
CA GLY F 145 -39.00 -0.76 6.05
C GLY F 145 -40.25 -1.56 6.35
N LEU F 146 -40.61 -2.45 5.42
CA LEU F 146 -41.74 -3.36 5.61
C LEU F 146 -41.56 -4.17 6.87
N VAL F 147 -40.40 -4.81 6.98
CA VAL F 147 -40.02 -5.51 8.20
C VAL F 147 -40.13 -4.59 9.43
N ASN F 148 -39.43 -3.46 9.48
CA ASN F 148 -39.61 -2.60 10.66
C ASN F 148 -41.10 -2.33 10.88
N ALA F 149 -41.89 -2.23 9.82
CA ALA F 149 -43.32 -2.08 10.03
C ALA F 149 -43.83 -3.29 10.82
N ALA F 150 -43.63 -4.52 10.32
CA ALA F 150 -44.06 -5.73 11.04
C ALA F 150 -43.65 -5.69 12.55
N THR F 151 -42.39 -5.38 12.80
CA THR F 151 -41.94 -5.13 14.15
C THR F 151 -42.78 -4.11 14.89
N ILE F 152 -43.00 -2.92 14.33
CA ILE F 152 -43.87 -1.98 15.04
C ILE F 152 -45.29 -2.55 15.21
N THR F 153 -45.75 -3.35 14.26
CA THR F 153 -47.11 -3.88 14.29
C THR F 153 -47.30 -4.77 15.50
N LEU F 154 -46.52 -5.85 15.52
CA LEU F 154 -46.47 -6.85 16.58
C LEU F 154 -46.28 -6.20 17.94
N ILE F 155 -45.26 -5.36 18.14
CA ILE F 155 -45.18 -4.75 19.45
C ILE F 155 -46.45 -3.97 19.78
N THR F 156 -47.20 -3.53 18.77
CA THR F 156 -48.47 -2.83 19.03
C THR F 156 -49.62 -3.80 19.32
N LEU F 157 -49.74 -4.84 18.48
CA LEU F 157 -50.70 -5.88 18.72
C LEU F 157 -50.52 -6.47 20.12
N VAL F 158 -49.32 -6.42 20.66
CA VAL F 158 -49.14 -6.96 22.02
C VAL F 158 -49.96 -6.11 22.98
N GLY F 159 -49.73 -4.80 23.00
CA GLY F 159 -50.52 -3.93 23.85
C GLY F 159 -52.02 -3.92 23.62
N TYR F 160 -52.47 -4.29 22.42
CA TYR F 160 -53.89 -4.40 22.08
C TYR F 160 -54.43 -5.71 22.62
N SER F 161 -53.70 -6.78 22.37
CA SER F 161 -54.05 -8.10 22.86
C SER F 161 -54.02 -8.10 24.40
N ALA F 162 -53.36 -7.12 25.00
CA ALA F 162 -53.48 -6.96 26.44
C ALA F 162 -54.79 -6.30 26.83
N MET F 163 -55.13 -5.16 26.21
CA MET F 163 -56.42 -4.49 26.46
C MET F 163 -57.57 -5.49 26.34
N GLY F 164 -57.43 -6.46 25.43
CA GLY F 164 -58.49 -7.38 25.13
C GLY F 164 -58.71 -8.47 26.17
N GLY F 165 -57.94 -8.42 27.25
CA GLY F 165 -58.14 -9.32 28.38
C GLY F 165 -59.26 -8.84 29.28
N ALA F 166 -59.26 -7.52 29.52
CA ALA F 166 -60.32 -6.85 30.27
C ALA F 166 -61.70 -7.17 29.70
N VAL F 167 -61.72 -7.39 28.39
CA VAL F 167 -62.85 -7.88 27.62
C VAL F 167 -62.76 -9.40 27.34
N GLY F 168 -61.85 -10.07 28.04
CA GLY F 168 -61.84 -11.52 28.05
C GLY F 168 -61.58 -12.18 26.70
N ALA F 169 -60.46 -11.80 26.08
CA ALA F 169 -59.93 -12.53 24.95
C ALA F 169 -58.96 -13.61 25.42
N GLY F 170 -58.52 -13.51 26.67
CA GLY F 170 -57.48 -14.39 27.21
C GLY F 170 -56.12 -13.74 27.40
N GLY F 171 -55.10 -14.56 27.67
CA GLY F 171 -53.71 -14.11 27.73
C GLY F 171 -53.36 -13.13 28.85
N LEU F 172 -52.11 -12.70 28.88
CA LEU F 172 -51.59 -11.98 30.02
C LEU F 172 -52.33 -10.69 30.30
N GLY F 173 -53.21 -10.31 29.40
CA GLY F 173 -54.05 -9.14 29.60
C GLY F 173 -55.17 -9.50 30.54
N GLN F 174 -55.68 -10.72 30.39
CA GLN F 174 -56.72 -11.24 31.26
C GLN F 174 -56.16 -11.42 32.67
N ILE F 175 -55.13 -12.23 32.76
CA ILE F 175 -54.37 -12.41 33.99
C ILE F 175 -53.93 -11.07 34.61
N GLY F 176 -53.50 -10.13 33.80
CA GLY F 176 -53.20 -8.85 34.36
C GLY F 176 -54.44 -8.33 35.04
N TYR F 177 -55.57 -8.47 34.37
CA TYR F 177 -56.81 -7.80 34.76
C TYR F 177 -57.37 -8.32 36.08
N GLN F 178 -57.56 -9.65 36.12
CA GLN F 178 -58.13 -10.34 37.28
C GLN F 178 -57.26 -10.23 38.54
N TYR F 179 -55.95 -10.40 38.36
CA TYR F 179 -55.00 -10.35 39.46
C TYR F 179 -54.55 -8.94 39.84
N GLY F 180 -54.62 -8.00 38.91
CA GLY F 180 -54.29 -6.64 39.28
C GLY F 180 -55.46 -5.72 39.57
N TYR F 181 -56.59 -5.95 38.91
CA TYR F 181 -57.74 -5.05 39.07
C TYR F 181 -58.56 -5.39 40.31
N ILE F 182 -58.62 -6.68 40.59
CA ILE F 182 -59.39 -7.21 41.70
C ILE F 182 -58.54 -8.11 42.60
N GLY F 183 -58.10 -9.26 42.07
CA GLY F 183 -57.28 -10.21 42.82
C GLY F 183 -56.11 -9.56 43.57
N TYR F 184 -55.52 -8.55 42.94
CA TYR F 184 -54.61 -7.57 43.55
C TYR F 184 -53.32 -8.17 44.11
N ASN F 185 -52.97 -9.36 43.62
CA ASN F 185 -51.67 -9.97 43.88
C ASN F 185 -50.49 -9.17 43.35
N ALA F 186 -49.47 -8.97 44.17
CA ALA F 186 -48.27 -8.32 43.66
C ALA F 186 -47.34 -9.28 42.92
N THR F 187 -47.48 -10.58 43.14
CA THR F 187 -46.59 -11.53 42.47
C THR F 187 -46.96 -11.73 41.01
N VAL F 188 -48.23 -11.98 40.72
CA VAL F 188 -48.58 -12.25 39.33
C VAL F 188 -48.62 -10.96 38.51
N MET F 189 -48.91 -9.85 39.17
CA MET F 189 -48.93 -8.56 38.52
C MET F 189 -47.54 -8.25 37.94
N ASN F 190 -46.53 -8.27 38.80
CA ASN F 190 -45.14 -8.00 38.42
C ASN F 190 -44.51 -9.06 37.51
N THR F 191 -44.94 -10.30 37.68
CA THR F 191 -44.53 -11.36 36.74
C THR F 191 -45.13 -11.12 35.36
N VAL F 192 -46.32 -10.52 35.29
CA VAL F 192 -46.85 -10.10 33.99
C VAL F 192 -46.16 -8.87 33.44
N LEU F 193 -46.15 -7.81 34.24
CA LEU F 193 -45.54 -6.56 33.81
C LEU F 193 -44.20 -6.83 33.14
N VAL F 194 -43.24 -7.32 33.90
CA VAL F 194 -41.89 -7.45 33.36
C VAL F 194 -41.78 -8.60 32.33
N LEU F 195 -42.66 -9.60 32.39
CA LEU F 195 -42.70 -10.63 31.35
C LEU F 195 -43.29 -10.10 30.03
N LEU F 196 -44.02 -8.99 30.09
CA LEU F 196 -44.48 -8.35 28.86
C LEU F 196 -43.36 -7.51 28.25
N VAL F 197 -42.73 -6.66 29.07
CA VAL F 197 -41.58 -5.85 28.63
C VAL F 197 -40.51 -6.71 27.92
N ILE F 198 -40.31 -7.92 28.41
CA ILE F 198 -39.43 -8.89 27.78
C ILE F 198 -39.90 -9.27 26.37
N LEU F 199 -41.22 -9.33 26.17
CA LEU F 199 -41.79 -9.84 24.92
C LEU F 199 -41.71 -8.80 23.80
N VAL F 200 -41.56 -7.56 24.22
CA VAL F 200 -41.30 -6.44 23.35
C VAL F 200 -39.82 -6.46 22.88
N TYR F 201 -38.90 -6.24 23.82
CA TYR F 201 -37.49 -6.28 23.54
C TYR F 201 -37.13 -7.54 22.80
N LEU F 202 -37.94 -8.57 22.92
CA LEU F 202 -37.66 -9.81 22.21
C LEU F 202 -38.06 -9.71 20.74
N ILE F 203 -39.23 -9.12 20.45
CA ILE F 203 -39.63 -8.89 19.05
C ILE F 203 -38.91 -7.70 18.44
N GLN F 204 -38.61 -6.68 19.25
CA GLN F 204 -37.76 -5.58 18.82
C GLN F 204 -36.44 -6.11 18.29
N PHE F 205 -35.76 -6.92 19.12
CA PHE F 205 -34.54 -7.64 18.77
C PHE F 205 -34.72 -8.48 17.50
N ALA F 206 -35.68 -9.39 17.51
CA ALA F 206 -35.85 -10.29 16.37
C ALA F 206 -35.99 -9.52 15.06
N GLY F 207 -36.68 -8.38 15.15
CA GLY F 207 -36.93 -7.52 14.01
C GLY F 207 -35.70 -6.81 13.53
N ASP F 208 -35.04 -6.10 14.44
CA ASP F 208 -33.80 -5.41 14.13
C ASP F 208 -32.78 -6.38 13.53
N ARG F 209 -32.78 -7.62 14.01
CA ARG F 209 -31.88 -8.64 13.49
C ARG F 209 -32.07 -8.77 12.00
N ILE F 210 -33.28 -9.07 11.60
CA ILE F 210 -33.56 -9.32 10.19
C ILE F 210 -33.43 -8.04 9.35
N VAL F 211 -33.79 -6.90 9.93
CA VAL F 211 -33.61 -5.63 9.27
C VAL F 211 -32.16 -5.54 8.81
N ARG F 212 -31.23 -5.68 9.75
CA ARG F 212 -29.80 -5.61 9.45
C ARG F 212 -29.46 -6.63 8.36
N ALA F 213 -29.78 -7.89 8.61
CA ALA F 213 -29.53 -8.97 7.65
C ALA F 213 -30.15 -8.71 6.28
N VAL F 214 -31.18 -7.88 6.24
CA VAL F 214 -31.80 -7.66 4.95
C VAL F 214 -31.40 -6.30 4.33
N THR F 215 -30.63 -5.49 5.05
CA THR F 215 -30.20 -4.21 4.48
C THR F 215 -28.99 -4.42 3.54
N ARG F 216 -29.08 -3.79 2.35
CA ARG F 216 -28.10 -3.95 1.29
C ARG F 216 -27.90 -2.62 0.57
N MET G 24 -2.23 38.81 15.77
CA MET G 24 -3.27 38.01 16.43
C MET G 24 -3.43 36.66 15.79
N ILE G 25 -4.38 35.87 16.27
CA ILE G 25 -4.74 34.63 15.60
C ILE G 25 -3.47 33.81 15.19
N LYS G 26 -2.62 33.55 16.18
CA LYS G 26 -1.42 32.73 16.00
C LYS G 26 -1.63 31.31 16.57
N LEU G 27 -1.41 30.30 15.73
CA LEU G 27 -1.59 28.90 16.11
C LEU G 27 -0.25 28.20 16.33
N SER G 28 -0.10 27.58 17.49
CA SER G 28 1.18 27.01 17.87
C SER G 28 1.07 25.49 18.08
N ASN G 29 1.66 24.72 17.17
CA ASN G 29 1.83 23.27 17.38
C ASN G 29 0.54 22.47 17.62
N ILE G 30 -0.51 22.76 16.87
CA ILE G 30 -1.83 22.16 17.16
C ILE G 30 -1.89 20.69 16.73
N THR G 31 -2.14 19.83 17.71
CA THR G 31 -2.36 18.42 17.45
C THR G 31 -3.74 18.05 17.98
N LYS G 32 -4.51 17.38 17.15
CA LYS G 32 -5.82 16.92 17.56
C LYS G 32 -5.92 15.43 17.27
N VAL G 33 -6.29 14.69 18.31
CA VAL G 33 -6.50 13.26 18.23
C VAL G 33 -7.96 12.97 18.58
N PHE G 34 -8.58 12.08 17.81
CA PHE G 34 -9.99 11.74 18.01
C PHE G 34 -10.24 10.36 18.59
N HIS G 35 -11.06 10.34 19.65
CA HIS G 35 -11.39 9.13 20.43
C HIS G 35 -12.79 8.54 20.22
N GLN G 36 -12.83 7.30 19.72
CA GLN G 36 -13.87 6.36 20.14
C GLN G 36 -13.16 5.06 20.50
N GLY G 37 -13.07 4.73 21.79
CA GLY G 37 -12.61 3.41 22.16
C GLY G 37 -11.27 2.99 21.54
N THR G 38 -11.32 1.90 20.78
CA THR G 38 -10.19 1.43 19.97
C THR G 38 -9.88 2.41 18.83
N ARG G 39 -10.90 3.16 18.41
CA ARG G 39 -10.75 4.11 17.30
C ARG G 39 -9.91 5.31 17.73
N THR G 40 -8.80 5.52 17.03
CA THR G 40 -7.93 6.65 17.32
C THR G 40 -7.48 7.27 16.02
N ILE G 41 -7.56 8.58 15.94
CA ILE G 41 -7.08 9.25 14.74
C ILE G 41 -6.44 10.62 15.06
N GLN G 42 -5.43 11.00 14.28
CA GLN G 42 -4.86 12.35 14.35
C GLN G 42 -5.15 13.15 13.07
N ALA G 43 -6.06 14.11 13.21
CA ALA G 43 -6.47 14.98 12.12
C ALA G 43 -5.51 16.15 11.98
N LEU G 44 -4.76 16.39 13.05
CA LEU G 44 -3.79 17.46 13.10
C LEU G 44 -2.53 16.97 13.77
N ASN G 45 -1.39 17.20 13.14
CA ASN G 45 -0.11 16.89 13.77
C ASN G 45 0.84 18.08 13.74
N ASN G 46 1.05 18.67 14.92
CA ASN G 46 2.00 19.77 15.09
C ASN G 46 1.80 20.95 14.12
N VAL G 47 0.60 21.52 14.08
CA VAL G 47 0.32 22.58 13.11
C VAL G 47 0.43 23.99 13.67
N SER G 48 1.37 24.73 13.10
CA SER G 48 1.57 26.12 13.47
C SER G 48 1.24 27.04 12.29
N LEU G 49 0.48 28.06 12.60
CA LEU G 49 0.02 28.99 11.61
C LEU G 49 -0.09 30.38 12.18
N HIS G 50 0.67 31.32 11.64
CA HIS G 50 0.63 32.70 12.09
C HIS G 50 -0.12 33.52 11.04
N VAL G 51 -1.15 34.24 11.47
CA VAL G 51 -1.89 35.14 10.59
C VAL G 51 -1.72 36.59 11.04
N PRO G 52 -0.97 37.37 10.27
CA PRO G 52 -0.71 38.76 10.65
C PRO G 52 -2.00 39.57 10.63
N ALA G 53 -2.20 40.36 11.69
CA ALA G 53 -3.44 41.13 11.83
C ALA G 53 -3.76 41.91 10.55
N GLY G 54 -5.00 41.87 10.11
CA GLY G 54 -5.35 42.54 8.88
C GLY G 54 -5.13 41.69 7.64
N GLN G 55 -4.48 40.55 7.80
CA GLN G 55 -4.18 39.70 6.64
C GLN G 55 -5.32 38.73 6.23
N ILE G 56 -5.11 38.03 5.12
CA ILE G 56 -6.04 37.01 4.66
C ILE G 56 -5.31 35.71 4.39
N TYR G 57 -5.60 34.69 5.19
CA TYR G 57 -4.86 33.44 5.18
C TYR G 57 -5.73 32.26 4.70
N GLY G 58 -5.45 31.71 3.54
CA GLY G 58 -6.16 30.51 3.17
C GLY G 58 -5.47 29.18 3.39
N VAL G 59 -6.25 28.21 3.89
CA VAL G 59 -5.72 26.85 3.99
C VAL G 59 -6.40 26.00 2.92
N ILE G 60 -5.64 25.15 2.28
CA ILE G 60 -6.15 24.39 1.17
C ILE G 60 -5.63 22.98 1.29
N GLY G 61 -6.43 22.03 0.85
CA GLY G 61 -6.07 20.62 0.89
C GLY G 61 -7.29 19.90 0.42
N ALA G 62 -7.12 18.60 0.13
CA ALA G 62 -8.23 17.74 -0.23
C ALA G 62 -9.07 17.49 1.02
N SER G 63 -10.17 16.75 0.88
CA SER G 63 -11.09 16.63 2.00
C SER G 63 -10.50 15.76 3.11
N GLY G 64 -10.86 16.08 4.35
CA GLY G 64 -10.44 15.28 5.48
C GLY G 64 -8.95 15.35 5.82
N ALA G 65 -8.25 16.28 5.18
CA ALA G 65 -6.84 16.47 5.46
C ALA G 65 -6.60 17.31 6.73
N GLY G 66 -7.67 17.76 7.38
CA GLY G 66 -7.59 18.59 8.58
C GLY G 66 -8.06 20.04 8.59
N LYS G 67 -8.60 20.52 7.47
CA LYS G 67 -9.11 21.89 7.40
C LYS G 67 -10.10 22.24 8.53
N SER G 68 -11.27 21.60 8.47
CA SER G 68 -12.40 21.93 9.34
C SER G 68 -12.08 21.70 10.79
N THR G 69 -11.29 20.67 11.05
CA THR G 69 -10.76 20.47 12.37
C THR G 69 -9.95 21.72 12.78
N LEU G 70 -8.93 22.05 11.97
CA LEU G 70 -8.02 23.16 12.20
C LEU G 70 -8.75 24.50 12.24
N ILE G 71 -9.63 24.73 11.28
CA ILE G 71 -10.42 25.96 11.26
C ILE G 71 -11.12 26.16 12.62
N ARG G 72 -11.61 25.06 13.18
CA ARG G 72 -12.41 25.08 14.41
C ARG G 72 -11.56 25.14 15.67
N CYS G 73 -10.29 24.75 15.52
CA CYS G 73 -9.32 24.91 16.59
C CYS G 73 -9.12 26.37 16.94
N VAL G 74 -9.19 27.26 15.95
CA VAL G 74 -9.13 28.67 16.32
C VAL G 74 -10.27 29.01 17.24
N ASN G 75 -11.44 28.42 16.96
CA ASN G 75 -12.71 28.84 17.54
C ASN G 75 -13.01 28.13 18.86
N LEU G 76 -12.31 27.02 19.07
CA LEU G 76 -12.53 26.14 20.20
C LEU G 76 -13.73 25.25 19.95
N LEU G 77 -14.37 25.42 18.79
CA LEU G 77 -15.37 24.45 18.37
C LEU G 77 -14.69 23.10 18.33
N GLU G 78 -13.38 23.09 18.20
CA GLU G 78 -12.62 21.91 18.58
C GLU G 78 -11.63 22.28 19.68
N ARG G 79 -11.26 21.31 20.51
CA ARG G 79 -10.26 21.57 21.52
C ARG G 79 -9.08 20.67 21.24
N PRO G 80 -7.94 21.31 20.94
CA PRO G 80 -6.73 20.58 20.54
C PRO G 80 -6.18 19.66 21.63
N THR G 81 -5.91 18.43 21.21
CA THR G 81 -5.19 17.49 22.03
C THR G 81 -3.98 18.20 22.59
N GLU G 82 -3.16 18.76 21.71
CA GLU G 82 -2.08 19.67 22.07
C GLU G 82 -2.12 20.95 21.23
N GLY G 83 -1.80 22.09 21.85
CA GLY G 83 -1.47 23.28 21.10
C GLY G 83 -1.84 24.57 21.82
N SER G 84 -1.50 25.70 21.21
CA SER G 84 -1.78 27.01 21.79
C SER G 84 -2.49 27.95 20.81
N VAL G 85 -3.75 28.24 21.08
CA VAL G 85 -4.52 29.09 20.19
C VAL G 85 -4.64 30.51 20.73
N LEU G 86 -3.89 31.44 20.12
CA LEU G 86 -3.86 32.84 20.57
C LEU G 86 -4.53 33.78 19.58
N VAL G 87 -5.49 34.57 20.07
CA VAL G 87 -6.25 35.47 19.20
C VAL G 87 -6.33 36.85 19.86
N ASP G 88 -5.93 37.89 19.13
CA ASP G 88 -5.90 39.25 19.68
C ASP G 88 -5.04 39.32 20.94
N GLY G 89 -4.02 38.47 21.01
CA GLY G 89 -3.08 38.49 22.12
C GLY G 89 -3.38 37.64 23.35
N GLN G 90 -4.59 37.09 23.43
CA GLN G 90 -5.00 36.29 24.59
C GLN G 90 -5.10 34.79 24.31
N GLU G 91 -4.71 33.98 25.29
CA GLU G 91 -4.78 32.54 25.16
C GLU G 91 -6.21 32.01 25.34
N LEU G 92 -6.71 31.27 24.35
CA LEU G 92 -8.02 30.64 24.43
C LEU G 92 -7.96 29.20 24.97
N THR G 93 -6.78 28.57 24.90
CA THR G 93 -6.69 27.12 25.15
C THR G 93 -7.06 26.83 26.58
N THR G 94 -6.54 27.66 27.49
CA THR G 94 -7.01 27.66 28.86
C THR G 94 -7.78 28.94 29.12
N LEU G 95 -9.10 28.81 29.20
CA LEU G 95 -9.95 29.96 29.36
C LEU G 95 -11.29 29.52 29.93
N SER G 96 -12.00 30.48 30.52
CA SER G 96 -13.31 30.25 31.10
C SER G 96 -14.33 29.97 29.99
N GLU G 97 -15.09 28.89 30.10
CA GLU G 97 -16.20 28.65 29.16
C GLU G 97 -17.14 29.85 29.14
N SER G 98 -17.15 30.60 30.23
CA SER G 98 -17.92 31.83 30.34
C SER G 98 -17.22 32.97 29.60
N GLU G 99 -15.89 32.98 29.69
CA GLU G 99 -15.05 33.98 29.02
C GLU G 99 -14.76 33.66 27.54
N LEU G 100 -14.80 32.37 27.16
CA LEU G 100 -14.73 31.95 25.76
C LEU G 100 -15.80 32.65 24.98
N THR G 101 -16.95 32.84 25.64
CA THR G 101 -18.04 33.62 25.09
C THR G 101 -17.57 35.04 24.77
N LYS G 102 -16.92 35.66 25.76
CA LYS G 102 -16.42 37.02 25.63
C LYS G 102 -15.45 37.14 24.44
N ALA G 103 -14.67 36.09 24.22
CA ALA G 103 -13.74 36.05 23.10
C ALA G 103 -14.49 35.77 21.81
N ARG G 104 -15.40 34.80 21.85
CA ARG G 104 -16.06 34.31 20.65
C ARG G 104 -16.92 35.36 19.96
N ARG G 105 -17.25 36.43 20.66
CA ARG G 105 -17.94 37.54 20.01
C ARG G 105 -16.96 38.26 19.09
N GLN G 106 -15.66 38.17 19.38
CA GLN G 106 -14.65 38.86 18.60
C GLN G 106 -14.13 38.00 17.43
N ILE G 107 -14.43 36.71 17.46
CA ILE G 107 -14.21 35.83 16.32
C ILE G 107 -15.49 35.44 15.61
N GLY G 108 -15.72 36.02 14.44
CA GLY G 108 -16.87 35.63 13.63
C GLY G 108 -16.63 34.25 13.04
N MET G 109 -17.69 33.64 12.51
CA MET G 109 -17.53 32.46 11.65
C MET G 109 -18.67 32.35 10.62
N ILE G 110 -18.42 31.58 9.54
CA ILE G 110 -19.42 31.37 8.51
C ILE G 110 -19.14 30.06 7.83
N PHE G 111 -20.19 29.44 7.29
CA PHE G 111 -20.14 28.02 7.00
C PHE G 111 -20.46 27.66 5.57
N GLN G 112 -19.93 26.53 5.13
CA GLN G 112 -20.25 26.01 3.81
C GLN G 112 -21.76 25.97 3.67
N HIS G 113 -22.43 25.26 4.58
CA HIS G 113 -23.88 25.20 4.64
C HIS G 113 -24.38 26.28 5.60
N PHE G 114 -25.11 27.25 5.07
CA PHE G 114 -25.16 28.59 5.64
C PHE G 114 -25.51 28.71 7.11
N ASN G 115 -26.13 27.67 7.66
CA ASN G 115 -26.51 27.66 9.08
C ASN G 115 -27.27 28.90 9.55
N LEU G 116 -28.51 29.03 9.08
CA LEU G 116 -29.47 30.03 9.55
C LEU G 116 -30.69 29.37 10.24
N LEU G 117 -31.33 30.10 11.15
CA LEU G 117 -32.52 29.59 11.81
C LEU G 117 -33.76 29.74 10.93
N SER G 118 -34.45 28.63 10.66
CA SER G 118 -35.76 28.69 9.99
C SER G 118 -36.72 29.51 10.83
N SER G 119 -36.52 29.44 12.15
CA SER G 119 -37.24 30.29 13.09
C SER G 119 -37.28 31.77 12.71
N ARG G 120 -36.10 32.33 12.43
CA ARG G 120 -35.89 33.78 12.45
C ARG G 120 -35.79 34.43 11.08
N THR G 121 -36.20 35.69 11.03
CA THR G 121 -36.09 36.47 9.82
C THR G 121 -34.62 36.82 9.54
N VAL G 122 -34.35 37.47 8.42
CA VAL G 122 -32.98 37.82 8.11
C VAL G 122 -32.55 38.87 9.13
N PHE G 123 -33.41 39.86 9.35
CA PHE G 123 -33.21 40.80 10.46
C PHE G 123 -32.98 40.01 11.73
N GLY G 124 -33.86 39.04 11.96
CA GLY G 124 -33.76 38.20 13.13
C GLY G 124 -32.45 37.43 13.22
N ASN G 125 -32.13 36.64 12.18
CA ASN G 125 -30.91 35.83 12.18
C ASN G 125 -29.68 36.60 12.61
N VAL G 126 -29.66 37.89 12.25
CA VAL G 126 -28.54 38.76 12.57
C VAL G 126 -28.52 39.20 14.03
N ALA G 127 -29.68 39.58 14.58
CA ALA G 127 -29.75 40.14 15.94
C ALA G 127 -29.38 39.15 17.04
N LEU G 128 -29.38 37.86 16.70
CA LEU G 128 -29.25 36.79 17.68
C LEU G 128 -28.00 36.89 18.59
N PRO G 129 -26.84 37.22 18.01
CA PRO G 129 -25.60 37.38 18.77
C PRO G 129 -25.59 38.63 19.67
N LEU G 130 -26.34 39.65 19.28
CA LEU G 130 -26.50 40.83 20.13
C LEU G 130 -27.46 40.53 21.25
N GLU G 131 -28.31 39.52 21.01
CA GLU G 131 -29.29 39.06 21.98
C GLU G 131 -28.68 38.15 23.06
N LEU G 132 -27.59 37.45 22.73
CA LEU G 132 -26.91 36.55 23.67
C LEU G 132 -26.18 37.32 24.77
N ASP G 133 -25.53 38.41 24.37
CA ASP G 133 -24.99 39.38 25.32
C ASP G 133 -26.08 40.43 25.43
N ASN G 134 -26.67 40.53 26.61
CA ASN G 134 -27.87 41.29 26.78
C ASN G 134 -27.64 42.70 26.26
N THR G 135 -28.49 43.13 25.33
CA THR G 135 -28.32 44.43 24.69
C THR G 135 -29.67 45.12 24.56
N PRO G 136 -29.67 46.46 24.69
CA PRO G 136 -30.85 47.29 24.43
C PRO G 136 -31.45 47.05 23.05
N LYS G 137 -32.77 46.91 23.00
CA LYS G 137 -33.46 46.64 21.75
C LYS G 137 -33.19 47.74 20.73
N ASP G 138 -33.37 48.99 21.15
CA ASP G 138 -33.11 50.13 20.29
C ASP G 138 -31.72 50.07 19.66
N GLU G 139 -30.72 49.84 20.50
CA GLU G 139 -29.36 49.67 19.99
C GLU G 139 -29.34 48.55 18.97
N VAL G 140 -29.88 47.40 19.36
CA VAL G 140 -30.02 46.27 18.44
C VAL G 140 -30.75 46.66 17.17
N LYS G 141 -31.81 47.44 17.30
CA LYS G 141 -32.53 47.90 16.11
C LYS G 141 -31.55 48.59 15.17
N ARG G 142 -30.92 49.65 15.67
CA ARG G 142 -30.11 50.51 14.82
C ARG G 142 -28.84 49.84 14.31
N ARG G 143 -28.28 48.94 15.11
CA ARG G 143 -26.97 48.33 14.81
C ARG G 143 -27.12 47.24 13.76
N VAL G 144 -28.16 46.42 13.90
CA VAL G 144 -28.48 45.40 12.91
C VAL G 144 -28.85 46.02 11.57
N THR G 145 -29.71 47.03 11.61
CA THR G 145 -30.22 47.63 10.39
C THR G 145 -29.07 47.97 9.45
N GLU G 146 -27.95 48.41 10.03
CA GLU G 146 -26.74 48.79 9.27
C GLU G 146 -26.29 47.64 8.39
N LEU G 147 -25.77 46.61 9.04
CA LEU G 147 -25.09 45.53 8.36
C LEU G 147 -25.93 44.99 7.22
N LEU G 148 -27.25 45.08 7.33
CA LEU G 148 -28.09 44.67 6.24
C LEU G 148 -28.04 45.71 5.14
N SER G 149 -27.53 46.90 5.46
CA SER G 149 -27.18 47.84 4.41
C SER G 149 -25.82 47.45 3.79
N LEU G 150 -24.85 47.12 4.64
CA LEU G 150 -23.52 46.71 4.20
C LEU G 150 -23.52 45.56 3.18
N VAL G 151 -24.28 44.51 3.46
CA VAL G 151 -24.46 43.49 2.44
C VAL G 151 -25.60 43.85 1.48
N GLY G 152 -26.25 44.99 1.73
CA GLY G 152 -27.32 45.48 0.88
C GLY G 152 -28.56 44.60 0.97
N LEU G 153 -28.78 44.02 2.14
CA LEU G 153 -29.98 43.22 2.38
C LEU G 153 -31.09 44.02 3.06
N GLY G 154 -30.88 45.33 3.24
CA GLY G 154 -31.95 46.22 3.64
C GLY G 154 -33.02 46.26 2.56
N ASP G 155 -32.73 45.61 1.43
CA ASP G 155 -33.73 45.36 0.39
C ASP G 155 -34.76 44.37 0.93
N LYS G 156 -34.30 43.19 1.33
CA LYS G 156 -35.18 42.20 1.91
C LYS G 156 -34.90 42.18 3.39
N HIS G 157 -35.70 42.88 4.17
CA HIS G 157 -35.42 43.00 5.59
C HIS G 157 -36.04 41.90 6.44
N ASP G 158 -37.28 41.57 6.12
CA ASP G 158 -38.12 40.72 6.95
C ASP G 158 -38.22 39.27 6.46
N SER G 159 -37.49 38.95 5.39
CA SER G 159 -37.70 37.68 4.69
C SER G 159 -37.12 36.48 5.44
N TYR G 160 -37.33 35.27 4.91
CA TYR G 160 -36.90 34.06 5.60
C TYR G 160 -35.93 33.24 4.78
N PRO G 161 -35.03 32.53 5.46
CA PRO G 161 -34.02 31.68 4.81
C PRO G 161 -34.58 30.86 3.67
N SER G 162 -35.82 30.43 3.80
CA SER G 162 -36.45 29.69 2.71
C SER G 162 -36.47 30.59 1.46
N ASN G 163 -36.88 31.85 1.63
CA ASN G 163 -37.07 32.75 0.50
C ASN G 163 -35.75 33.06 -0.21
N LEU G 164 -34.66 33.11 0.58
CA LEU G 164 -33.37 33.61 0.11
C LEU G 164 -32.59 32.65 -0.78
N SER G 165 -31.77 33.22 -1.65
CA SER G 165 -30.83 32.45 -2.46
C SER G 165 -29.53 32.16 -1.70
N GLY G 166 -28.64 31.36 -2.30
CA GLY G 166 -27.40 31.04 -1.65
C GLY G 166 -26.63 32.29 -1.24
N GLY G 167 -26.36 33.14 -2.23
CA GLY G 167 -25.60 34.36 -2.00
C GLY G 167 -26.16 35.25 -0.90
N GLN G 168 -27.48 35.48 -0.91
CA GLN G 168 -28.08 36.34 0.12
C GLN G 168 -28.27 35.65 1.45
N LYS G 169 -28.28 34.33 1.44
CA LYS G 169 -28.15 33.60 2.70
C LYS G 169 -26.77 33.91 3.31
N GLN G 170 -25.71 33.57 2.57
CA GLN G 170 -24.33 33.75 3.03
C GLN G 170 -24.07 35.20 3.43
N ARG G 171 -24.73 36.13 2.75
CA ARG G 171 -24.64 37.55 3.04
C ARG G 171 -25.15 37.89 4.42
N VAL G 172 -26.20 37.19 4.83
CA VAL G 172 -26.81 37.47 6.12
C VAL G 172 -25.94 36.84 7.22
N ALA G 173 -25.44 35.63 6.97
CA ALA G 173 -24.42 35.03 7.82
C ALA G 173 -23.32 36.03 8.15
N ILE G 174 -22.77 36.64 7.10
CA ILE G 174 -21.71 37.64 7.19
C ILE G 174 -22.13 38.79 8.09
N ALA G 175 -23.29 39.34 7.83
CA ALA G 175 -23.77 40.45 8.64
C ALA G 175 -23.91 40.01 10.11
N ARG G 176 -24.32 38.75 10.33
CA ARG G 176 -24.42 38.14 11.65
C ARG G 176 -23.06 38.00 12.32
N ALA G 177 -22.04 37.62 11.54
CA ALA G 177 -20.69 37.56 12.08
C ALA G 177 -20.28 38.94 12.61
N LEU G 178 -20.38 39.92 11.72
CA LEU G 178 -19.85 41.25 11.99
C LEU G 178 -20.61 42.01 13.07
N ALA G 179 -21.88 41.66 13.29
CA ALA G 179 -22.71 42.33 14.28
C ALA G 179 -22.04 42.50 15.64
N SER G 180 -21.37 41.45 16.10
CA SER G 180 -20.62 41.48 17.35
C SER G 180 -19.36 42.35 17.24
N ASN G 181 -19.07 42.84 16.03
CA ASN G 181 -17.87 43.63 15.75
C ASN G 181 -16.59 42.87 16.13
N PRO G 182 -16.28 41.81 15.36
CA PRO G 182 -15.16 40.92 15.62
C PRO G 182 -13.86 41.51 15.11
N LYS G 183 -12.75 41.06 15.67
CA LYS G 183 -11.45 41.42 15.14
C LYS G 183 -11.00 40.41 14.09
N VAL G 184 -11.71 39.28 14.03
CA VAL G 184 -11.38 38.14 13.13
C VAL G 184 -12.61 37.52 12.42
N LEU G 185 -12.40 36.93 11.25
CA LEU G 185 -13.45 36.15 10.57
C LEU G 185 -12.97 34.76 10.14
N LEU G 186 -13.72 33.73 10.52
CA LEU G 186 -13.38 32.35 10.15
C LEU G 186 -14.27 31.85 9.03
N CYS G 187 -13.71 31.26 7.98
CA CYS G 187 -14.55 30.82 6.88
C CYS G 187 -14.30 29.35 6.55
N ASP G 188 -15.35 28.56 6.80
CA ASP G 188 -15.30 27.12 6.56
C ASP G 188 -16.00 26.85 5.23
N GLN G 189 -15.22 26.67 4.18
CA GLN G 189 -15.72 26.40 2.83
C GLN G 189 -16.86 27.33 2.35
N ALA G 190 -16.81 28.59 2.79
CA ALA G 190 -17.94 29.53 2.64
C ALA G 190 -18.59 29.56 1.25
N THR G 191 -17.79 29.48 0.18
CA THR G 191 -18.34 29.50 -1.18
C THR G 191 -18.50 28.09 -1.79
N SER G 192 -18.18 27.06 -1.01
CA SER G 192 -17.91 25.71 -1.54
C SER G 192 -19.01 25.19 -2.49
N ALA G 193 -20.27 25.42 -2.12
CA ALA G 193 -21.33 25.35 -3.10
C ALA G 193 -21.95 26.73 -3.29
N LEU G 194 -21.57 27.38 -4.40
CA LEU G 194 -22.16 28.64 -4.85
C LEU G 194 -21.86 28.78 -6.35
N ASP G 195 -22.71 29.49 -7.11
CA ASP G 195 -22.34 29.69 -8.51
C ASP G 195 -21.24 30.76 -8.68
N PRO G 196 -20.38 30.57 -9.70
CA PRO G 196 -19.19 31.40 -9.87
C PRO G 196 -19.47 32.89 -9.74
N ALA G 197 -20.56 33.34 -10.33
CA ALA G 197 -20.95 34.75 -10.30
C ALA G 197 -21.01 35.33 -8.88
N THR G 198 -21.71 34.63 -7.99
CA THR G 198 -21.92 35.09 -6.62
C THR G 198 -20.72 34.81 -5.72
N THR G 199 -19.98 33.74 -6.01
CA THR G 199 -18.76 33.42 -5.29
C THR G 199 -17.85 34.65 -5.27
N ARG G 200 -17.55 35.14 -6.47
CA ARG G 200 -16.75 36.34 -6.62
C ARG G 200 -17.35 37.49 -5.81
N SER G 201 -18.67 37.62 -5.87
CA SER G 201 -19.34 38.73 -5.21
C SER G 201 -19.10 38.74 -3.69
N ILE G 202 -19.25 37.56 -3.07
CA ILE G 202 -18.93 37.46 -1.65
C ILE G 202 -17.46 37.67 -1.39
N LEU G 203 -16.62 36.98 -2.16
CA LEU G 203 -15.17 37.06 -1.99
C LEU G 203 -14.73 38.50 -2.02
N GLU G 204 -15.04 39.17 -3.11
CA GLU G 204 -14.70 40.58 -3.24
C GLU G 204 -15.23 41.29 -1.99
N LEU G 205 -16.45 40.94 -1.57
CA LEU G 205 -17.07 41.47 -0.34
C LEU G 205 -16.26 41.21 0.95
N LEU G 206 -15.99 39.94 1.20
CA LEU G 206 -15.10 39.48 2.25
C LEU G 206 -13.81 40.27 2.16
N LYS G 207 -13.22 40.32 0.97
CA LYS G 207 -12.01 41.10 0.75
C LYS G 207 -12.26 42.58 1.01
N ASP G 208 -13.33 43.11 0.43
CA ASP G 208 -13.67 44.52 0.53
C ASP G 208 -13.64 45.07 1.94
N ILE G 209 -14.34 44.41 2.85
CA ILE G 209 -14.37 44.89 4.23
C ILE G 209 -13.00 44.66 4.88
N ASN G 210 -12.35 43.57 4.50
CA ASN G 210 -11.01 43.30 5.00
C ASN G 210 -10.12 44.51 4.78
N ARG G 211 -10.08 44.99 3.54
CA ARG G 211 -9.13 46.02 3.13
C ARG G 211 -9.50 47.44 3.61
N ARG G 212 -10.80 47.74 3.66
CA ARG G 212 -11.21 49.03 4.22
C ARG G 212 -11.21 49.05 5.76
N LEU G 213 -11.84 48.04 6.38
CA LEU G 213 -12.00 47.94 7.85
C LEU G 213 -10.81 47.29 8.58
N GLY G 214 -9.93 46.61 7.85
CA GLY G 214 -8.79 45.97 8.47
C GLY G 214 -9.13 44.72 9.26
N LEU G 215 -9.88 43.82 8.65
CA LEU G 215 -10.36 42.63 9.33
C LEU G 215 -9.57 41.39 8.90
N THR G 216 -8.91 40.76 9.87
CA THR G 216 -8.26 39.47 9.64
C THR G 216 -9.25 38.37 9.19
N ILE G 217 -8.85 37.59 8.19
CA ILE G 217 -9.59 36.40 7.77
C ILE G 217 -8.72 35.17 7.62
N LEU G 218 -8.92 34.18 8.48
CA LEU G 218 -8.38 32.86 8.17
C LEU G 218 -9.45 32.04 7.53
N LEU G 219 -9.16 31.46 6.36
CA LEU G 219 -10.18 30.63 5.73
C LEU G 219 -9.65 29.34 5.16
N ILE G 220 -10.58 28.43 4.89
CA ILE G 220 -10.25 27.13 4.35
C ILE G 220 -11.01 26.79 3.10
N THR G 221 -10.51 25.81 2.35
CA THR G 221 -11.16 25.40 1.11
C THR G 221 -10.40 24.37 0.27
N HIS G 222 -11.11 23.75 -0.67
CA HIS G 222 -10.52 22.83 -1.66
C HIS G 222 -10.35 23.52 -3.02
N GLU G 223 -10.68 24.81 -3.10
CA GLU G 223 -10.56 25.54 -4.35
C GLU G 223 -9.34 26.42 -4.36
N MET G 224 -8.43 26.18 -5.30
CA MET G 224 -7.22 26.96 -5.33
C MET G 224 -7.55 28.40 -5.70
N ASP G 225 -8.57 28.56 -6.54
CA ASP G 225 -9.01 29.86 -7.05
C ASP G 225 -9.32 30.86 -5.95
N VAL G 226 -9.78 30.34 -4.82
CA VAL G 226 -10.17 31.18 -3.70
C VAL G 226 -8.96 31.79 -3.00
N VAL G 227 -7.89 31.02 -2.91
CA VAL G 227 -6.71 31.59 -2.33
C VAL G 227 -6.20 32.60 -3.34
N LYS G 228 -6.02 32.09 -4.57
CA LYS G 228 -5.53 32.89 -5.67
C LYS G 228 -6.27 34.22 -5.77
N ARG G 229 -7.58 34.23 -5.59
CA ARG G 229 -8.30 35.49 -5.60
C ARG G 229 -8.05 36.37 -4.37
N ILE G 230 -8.37 35.89 -3.18
CA ILE G 230 -8.42 36.80 -2.04
C ILE G 230 -7.28 36.80 -1.02
N CYS G 231 -6.29 35.91 -1.16
CA CYS G 231 -5.31 35.68 -0.08
C CYS G 231 -3.90 36.34 -0.16
N ASP G 232 -3.36 36.65 1.01
CA ASP G 232 -2.03 37.18 1.10
C ASP G 232 -1.11 36.00 1.32
N CYS G 233 -1.32 35.30 2.42
CA CYS G 233 -0.56 34.10 2.75
C CYS G 233 -1.41 32.84 2.54
N VAL G 234 -0.78 31.73 2.20
CA VAL G 234 -1.53 30.49 2.02
C VAL G 234 -0.78 29.24 2.47
N ALA G 235 -1.41 28.37 3.25
CA ALA G 235 -0.80 27.05 3.45
C ALA G 235 -1.55 25.91 2.73
N VAL G 236 -0.79 25.05 2.05
CA VAL G 236 -1.26 23.72 1.62
C VAL G 236 -1.17 22.65 2.71
N ILE G 237 -2.30 22.01 3.01
CA ILE G 237 -2.39 20.93 4.02
C ILE G 237 -2.70 19.53 3.45
N SER G 238 -1.95 18.53 3.94
CA SER G 238 -2.15 17.15 3.54
C SER G 238 -1.85 16.18 4.70
N ASN G 239 -2.70 15.15 4.85
CA ASN G 239 -2.62 14.18 5.96
C ASN G 239 -2.41 14.86 7.28
N GLY G 240 -3.26 15.83 7.61
CA GLY G 240 -3.14 16.52 8.87
C GLY G 240 -1.88 17.35 8.95
N GLU G 241 -1.07 17.31 7.90
CA GLU G 241 0.18 18.05 7.89
C GLU G 241 0.10 19.29 6.99
N LEU G 242 0.84 20.33 7.40
CA LEU G 242 1.05 21.50 6.57
C LEU G 242 2.37 21.27 5.81
N ILE G 243 2.25 20.98 4.53
CA ILE G 243 3.39 20.63 3.70
C ILE G 243 4.18 21.82 3.10
N GLU G 244 3.45 22.89 2.80
CA GLU G 244 3.98 24.14 2.21
C GLU G 244 3.29 25.33 2.86
N GLN G 245 4.07 26.33 3.24
CA GLN G 245 3.49 27.49 3.93
C GLN G 245 4.20 28.76 3.53
N ASP G 246 3.46 29.76 3.06
CA ASP G 246 4.13 30.93 2.53
C ASP G 246 3.21 32.09 2.24
N THR G 247 3.73 33.08 1.54
CA THR G 247 2.88 34.04 0.85
C THR G 247 2.31 33.39 -0.40
N VAL G 248 1.25 34.02 -0.91
CA VAL G 248 0.54 33.57 -2.09
C VAL G 248 1.44 33.57 -3.30
N SER G 249 2.00 34.75 -3.58
CA SER G 249 2.92 34.93 -4.70
C SER G 249 4.02 33.87 -4.71
N GLU G 250 4.61 33.63 -3.54
CA GLU G 250 5.68 32.66 -3.46
C GLU G 250 5.22 31.25 -3.78
N VAL G 251 4.01 30.88 -3.34
CA VAL G 251 3.51 29.52 -3.58
C VAL G 251 3.19 29.25 -5.04
N PHE G 252 2.60 30.24 -5.72
CA PHE G 252 2.25 30.08 -7.13
C PHE G 252 3.48 30.10 -8.03
N SER G 253 4.27 31.16 -7.86
CA SER G 253 5.48 31.39 -8.62
C SER G 253 6.57 30.39 -8.26
N HIS G 254 6.52 29.96 -6.99
CA HIS G 254 7.56 29.12 -6.41
C HIS G 254 6.99 27.99 -5.54
N PRO G 255 6.29 27.04 -6.18
CA PRO G 255 5.79 25.87 -5.45
C PRO G 255 6.89 24.88 -5.00
N LYS G 256 6.90 24.54 -3.71
CA LYS G 256 7.87 23.59 -3.13
C LYS G 256 7.44 22.13 -3.24
N THR G 257 6.14 21.88 -3.23
CA THR G 257 5.61 20.51 -3.24
C THR G 257 4.82 20.22 -4.50
N PRO G 258 4.98 18.99 -5.04
CA PRO G 258 4.16 18.56 -6.18
C PRO G 258 2.66 18.73 -5.93
N LEU G 259 2.20 18.60 -4.69
CA LEU G 259 0.81 18.86 -4.41
C LEU G 259 0.51 20.30 -4.80
N ALA G 260 1.21 21.25 -4.21
CA ALA G 260 1.02 22.66 -4.58
C ALA G 260 1.04 22.86 -6.10
N GLN G 261 2.03 22.28 -6.79
CA GLN G 261 2.08 22.35 -8.25
C GLN G 261 0.75 21.94 -8.89
N LYS G 262 0.09 20.99 -8.24
CA LYS G 262 -1.18 20.43 -8.69
C LYS G 262 -2.31 21.44 -8.55
N PHE G 263 -2.43 22.07 -7.39
CA PHE G 263 -3.48 23.06 -7.14
C PHE G 263 -3.33 24.30 -8.02
N ILE G 264 -2.08 24.68 -8.27
CA ILE G 264 -1.77 25.73 -9.24
C ILE G 264 -2.03 25.34 -10.67
N GLN G 265 -1.44 24.23 -11.09
CA GLN G 265 -1.61 23.83 -12.46
C GLN G 265 -3.08 23.84 -12.80
N SER G 266 -3.91 23.43 -11.85
CA SER G 266 -5.37 23.39 -12.04
C SER G 266 -5.97 24.77 -12.32
N THR G 267 -5.76 25.72 -11.40
CA THR G 267 -6.34 27.05 -11.55
C THR G 267 -6.00 27.68 -12.90
N LEU G 268 -4.88 27.28 -13.49
CA LEU G 268 -4.45 27.83 -14.76
C LEU G 268 -5.04 27.01 -15.90
N HIS G 269 -5.61 25.87 -15.58
CA HIS G 269 -6.25 25.01 -16.57
C HIS G 269 -5.28 24.45 -17.58
N LEU G 270 -4.10 24.08 -17.11
CA LEU G 270 -3.13 23.51 -18.02
C LEU G 270 -3.43 22.07 -18.35
N ASP G 271 -3.71 21.83 -19.61
CA ASP G 271 -4.37 20.62 -19.99
C ASP G 271 -3.42 19.43 -19.91
N ILE G 272 -2.39 19.42 -20.76
CA ILE G 272 -1.65 18.18 -21.08
C ILE G 272 -2.63 17.11 -21.64
N PRO G 273 -3.16 17.36 -22.84
CA PRO G 273 -4.22 16.56 -23.48
C PRO G 273 -3.87 15.07 -23.51
N GLU G 274 -4.90 14.22 -23.58
CA GLU G 274 -4.73 12.79 -23.36
C GLU G 274 -3.92 12.05 -24.42
N ASP G 275 -4.17 12.31 -25.69
CA ASP G 275 -3.42 11.63 -26.76
C ASP G 275 -1.90 11.82 -26.61
N TYR G 276 -1.51 12.90 -25.95
CA TYR G 276 -0.12 13.15 -25.59
C TYR G 276 0.30 12.33 -24.38
N GLN G 277 -0.36 12.57 -23.25
CA GLN G 277 -0.11 11.85 -22.01
C GLN G 277 0.00 10.34 -22.27
N GLU G 278 -0.85 9.83 -23.15
CA GLU G 278 -0.89 8.41 -23.38
C GLU G 278 0.40 7.91 -24.01
N ARG G 279 0.84 8.58 -25.07
CA ARG G 279 2.05 8.19 -25.81
C ARG G 279 3.32 8.79 -25.21
N LEU G 280 3.20 9.42 -24.04
CA LEU G 280 4.35 9.91 -23.31
C LEU G 280 5.07 8.81 -22.50
N GLN G 281 6.33 8.53 -22.86
CA GLN G 281 7.15 7.58 -22.10
C GLN G 281 8.03 8.29 -21.07
N ALA G 282 8.23 7.64 -19.92
CA ALA G 282 9.06 8.20 -18.83
C ALA G 282 10.58 7.90 -18.94
N GLU G 283 10.96 7.08 -19.91
CA GLU G 283 12.37 6.84 -20.25
C GLU G 283 12.60 7.09 -21.76
N PRO G 284 13.76 7.68 -22.10
CA PRO G 284 14.10 8.15 -23.45
C PRO G 284 14.23 7.04 -24.51
N PHE G 285 13.78 7.31 -25.72
CA PHE G 285 13.86 6.33 -26.80
C PHE G 285 14.50 6.91 -28.08
N THR G 286 14.51 6.13 -29.15
CA THR G 286 15.14 6.54 -30.41
C THR G 286 14.36 7.66 -31.09
N ASP G 287 15.07 8.71 -31.53
CA ASP G 287 14.43 9.79 -32.28
C ASP G 287 13.37 10.51 -31.45
N CYS G 288 13.64 10.65 -30.14
CA CYS G 288 12.63 11.17 -29.22
C CYS G 288 12.86 12.64 -28.88
N VAL G 289 11.77 13.35 -28.63
CA VAL G 289 11.85 14.70 -28.09
C VAL G 289 11.27 14.66 -26.68
N PRO G 290 11.81 15.49 -25.78
CA PRO G 290 11.32 15.58 -24.39
C PRO G 290 10.04 16.41 -24.20
N MET G 291 9.28 16.05 -23.18
CA MET G 291 8.15 16.86 -22.76
C MET G 291 8.70 17.75 -21.66
N LEU G 292 8.56 19.06 -21.81
CA LEU G 292 9.13 19.96 -20.83
C LEU G 292 8.03 20.70 -20.12
N ARG G 293 8.19 20.87 -18.81
CA ARG G 293 7.29 21.72 -18.04
C ARG G 293 8.07 22.89 -17.53
N LEU G 294 7.86 24.06 -18.12
CA LEU G 294 8.67 25.23 -17.79
C LEU G 294 7.91 26.12 -16.83
N GLU G 295 8.57 26.51 -15.74
CA GLU G 295 8.02 27.46 -14.80
C GLU G 295 8.70 28.82 -15.02
N PHE G 296 7.90 29.88 -15.09
CA PHE G 296 8.41 31.22 -15.29
C PHE G 296 8.13 32.16 -14.12
N THR G 297 9.10 32.99 -13.78
CA THR G 297 8.86 33.95 -12.72
C THR G 297 9.30 35.38 -13.02
N GLY G 298 8.45 36.32 -12.61
CA GLY G 298 8.76 37.73 -12.66
C GLY G 298 9.19 38.16 -14.05
N GLN G 299 10.38 38.74 -14.12
CA GLN G 299 10.99 39.14 -15.38
C GLN G 299 10.98 38.02 -16.41
N SER G 300 11.20 36.79 -15.94
CA SER G 300 11.32 35.62 -16.81
C SER G 300 10.06 35.44 -17.68
N VAL G 301 8.95 36.01 -17.22
CA VAL G 301 7.66 35.85 -17.89
C VAL G 301 7.65 36.66 -19.20
N ASP G 302 8.22 37.85 -19.15
CA ASP G 302 8.22 38.79 -20.27
C ASP G 302 9.33 38.53 -21.31
N ALA G 303 10.45 38.00 -20.84
CA ALA G 303 11.61 37.67 -21.68
C ALA G 303 11.28 36.75 -22.84
N PRO G 304 11.83 37.03 -24.04
CA PRO G 304 11.63 36.29 -25.29
C PRO G 304 12.48 35.02 -25.38
N LEU G 305 12.36 34.16 -24.36
CA LEU G 305 13.35 33.13 -24.13
C LEU G 305 13.23 31.95 -25.04
N LEU G 306 12.00 31.68 -25.47
CA LEU G 306 11.76 30.62 -26.45
C LEU G 306 12.06 31.07 -27.86
N SER G 307 11.88 32.35 -28.19
CA SER G 307 12.14 32.73 -29.57
C SER G 307 13.64 32.83 -29.77
N GLU G 308 14.30 33.37 -28.75
CA GLU G 308 15.74 33.40 -28.71
C GLU G 308 16.29 31.97 -28.89
N THR G 309 15.72 31.00 -28.18
CA THR G 309 16.23 29.63 -28.24
C THR G 309 16.17 29.12 -29.67
N ALA G 310 15.08 29.43 -30.36
CA ALA G 310 14.88 29.02 -31.76
C ALA G 310 16.06 29.43 -32.62
N ARG G 311 16.49 30.68 -32.46
CA ARG G 311 17.63 31.22 -33.19
C ARG G 311 18.91 30.62 -32.63
N ARG G 312 19.18 30.92 -31.37
CA ARG G 312 20.41 30.49 -30.72
C ARG G 312 20.78 29.02 -30.92
N PHE G 313 19.90 28.13 -30.46
CA PHE G 313 20.16 26.70 -30.48
C PHE G 313 19.46 25.90 -31.59
N ASN G 314 18.72 26.57 -32.48
CA ASN G 314 18.03 25.85 -33.54
C ASN G 314 17.14 24.70 -33.11
N VAL G 315 16.37 24.95 -32.06
CA VAL G 315 15.35 24.03 -31.61
C VAL G 315 14.02 24.59 -32.03
N ASN G 316 13.06 23.70 -32.27
CA ASN G 316 11.69 24.10 -32.46
C ASN G 316 10.89 23.84 -31.21
N ASN G 317 10.36 24.92 -30.65
CA ASN G 317 9.50 24.83 -29.49
C ASN G 317 8.04 24.69 -29.90
N ASN G 318 7.49 23.52 -29.59
CA ASN G 318 6.09 23.25 -29.84
C ASN G 318 5.29 23.40 -28.56
N ILE G 319 4.37 24.36 -28.55
CA ILE G 319 3.69 24.68 -27.30
C ILE G 319 2.28 24.12 -27.15
N ILE G 320 2.16 23.13 -26.27
CA ILE G 320 0.89 22.46 -26.03
C ILE G 320 -0.03 23.15 -25.05
N SER G 321 0.53 23.65 -23.96
CA SER G 321 -0.31 24.21 -22.94
C SER G 321 0.50 25.31 -22.29
N ALA G 322 -0.08 26.49 -22.10
CA ALA G 322 0.63 27.49 -21.33
C ALA G 322 -0.29 28.59 -20.82
N GLN G 323 0.11 29.22 -19.75
CA GLN G 323 -0.64 30.35 -19.25
C GLN G 323 0.20 31.27 -18.38
N MET G 324 -0.05 32.56 -18.46
CA MET G 324 0.66 33.52 -17.63
C MET G 324 -0.35 34.06 -16.68
N ASP G 325 0.09 34.49 -15.50
CA ASP G 325 -0.88 34.98 -14.53
C ASP G 325 -0.24 35.80 -13.42
N TYR G 326 -1.07 36.18 -12.47
CA TYR G 326 -0.63 36.98 -11.34
C TYR G 326 -1.10 36.34 -10.04
N ALA G 327 -0.26 36.37 -9.02
CA ALA G 327 -0.68 36.03 -7.65
C ALA G 327 0.12 36.89 -6.67
N GLY G 328 -0.56 37.54 -5.75
CA GLY G 328 0.10 38.47 -4.86
C GLY G 328 0.75 39.64 -5.57
N GLY G 329 0.28 39.95 -6.78
CA GLY G 329 0.82 41.07 -7.54
C GLY G 329 2.09 40.79 -8.33
N VAL G 330 2.64 39.58 -8.15
CA VAL G 330 3.74 39.06 -8.97
C VAL G 330 3.25 38.27 -10.18
N LYS G 331 3.94 38.38 -11.31
CA LYS G 331 3.55 37.65 -12.51
C LYS G 331 4.21 36.28 -12.53
N PHE G 332 3.52 35.28 -13.10
CA PHE G 332 4.10 33.95 -13.27
C PHE G 332 3.47 33.20 -14.42
N GLY G 333 4.07 32.10 -14.81
CA GLY G 333 3.46 31.26 -15.82
C GLY G 333 4.06 29.86 -15.92
N ILE G 334 3.27 28.95 -16.46
CA ILE G 334 3.73 27.61 -16.70
C ILE G 334 3.52 27.26 -18.14
N MET G 335 4.32 26.31 -18.60
CA MET G 335 4.19 25.91 -19.98
C MET G 335 4.46 24.46 -20.16
N LEU G 336 3.65 23.84 -21.00
CA LEU G 336 3.88 22.47 -21.41
C LEU G 336 4.37 22.53 -22.84
N THR G 337 5.64 22.25 -23.07
CA THR G 337 6.23 22.30 -24.41
C THR G 337 7.04 21.07 -24.73
N GLU G 338 7.23 20.83 -26.03
CA GLU G 338 8.18 19.83 -26.53
C GLU G 338 9.24 20.48 -27.45
N MET G 339 10.51 20.25 -27.11
CA MET G 339 11.66 20.87 -27.79
C MET G 339 12.19 19.96 -28.93
N HIS G 340 12.02 20.40 -30.17
CA HIS G 340 12.45 19.60 -31.31
C HIS G 340 13.79 20.03 -31.88
N GLY G 341 14.81 19.19 -31.68
CA GLY G 341 16.14 19.44 -32.18
C GLY G 341 17.14 18.37 -31.78
N THR G 342 18.36 18.51 -32.29
CA THR G 342 19.46 17.59 -32.00
C THR G 342 19.73 17.48 -30.49
N GLN G 343 20.22 16.33 -30.07
CA GLN G 343 20.42 16.02 -28.67
C GLN G 343 21.28 17.09 -27.99
N GLN G 344 22.28 17.57 -28.72
CA GLN G 344 23.25 18.53 -28.21
C GLN G 344 22.63 19.92 -28.07
N ASP G 345 21.95 20.38 -29.13
CA ASP G 345 21.22 21.64 -29.13
C ASP G 345 20.22 21.70 -27.97
N THR G 346 19.40 20.65 -27.90
CA THR G 346 18.33 20.51 -26.92
C THR G 346 18.89 20.73 -25.54
N GLN G 347 19.92 19.97 -25.18
CA GLN G 347 20.44 20.05 -23.83
C GLN G 347 20.93 21.47 -23.54
N ALA G 348 21.55 22.09 -24.54
CA ALA G 348 22.03 23.45 -24.38
C ALA G 348 20.88 24.42 -24.14
N ALA G 349 19.88 24.35 -25.02
CA ALA G 349 18.69 25.18 -24.88
C ALA G 349 18.06 25.07 -23.48
N ILE G 350 17.84 23.84 -23.01
CA ILE G 350 17.44 23.66 -21.62
C ILE G 350 18.35 24.44 -20.65
N ALA G 351 19.65 24.19 -20.80
CA ALA G 351 20.65 24.75 -19.92
C ALA G 351 20.60 26.26 -19.99
N TRP G 352 20.35 26.78 -21.19
CA TRP G 352 20.22 28.22 -21.40
C TRP G 352 18.99 28.78 -20.69
N LEU G 353 17.87 28.09 -20.87
CA LEU G 353 16.67 28.42 -20.14
C LEU G 353 16.88 28.55 -18.65
N GLN G 354 17.67 27.64 -18.05
CA GLN G 354 17.86 27.59 -16.58
C GLN G 354 18.82 28.64 -16.05
N GLU G 355 19.76 29.05 -16.90
CA GLU G 355 20.68 30.14 -16.59
C GLU G 355 19.86 31.43 -16.52
N HIS G 356 18.94 31.56 -17.46
CA HIS G 356 17.84 32.53 -17.37
C HIS G 356 16.75 31.98 -16.45
N HIS G 357 15.87 32.81 -15.88
CA HIS G 357 15.20 32.27 -14.70
C HIS G 357 14.00 31.42 -15.03
N VAL G 358 14.27 30.13 -15.20
CA VAL G 358 13.29 29.19 -15.69
C VAL G 358 13.55 27.85 -15.08
N LYS G 359 12.49 27.26 -14.53
CA LYS G 359 12.59 25.94 -13.93
C LYS G 359 12.13 24.95 -15.00
N VAL G 360 12.90 23.89 -15.19
CA VAL G 360 12.63 22.98 -16.29
C VAL G 360 12.61 21.53 -15.83
N GLU G 361 11.43 20.91 -15.95
CA GLU G 361 11.27 19.48 -15.72
C GLU G 361 11.01 18.75 -17.02
N VAL G 362 11.61 17.58 -17.12
CA VAL G 362 11.24 16.68 -18.20
C VAL G 362 10.17 15.72 -17.72
N LEU G 363 9.01 15.83 -18.36
CA LEU G 363 7.84 15.08 -17.95
C LEU G 363 7.83 13.70 -18.57
N GLY G 364 8.71 13.50 -19.55
CA GLY G 364 8.68 12.29 -20.35
C GLY G 364 9.26 12.59 -21.71
N TYR G 365 9.03 11.71 -22.68
CA TYR G 365 9.63 11.82 -24.01
C TYR G 365 8.65 11.34 -25.07
N VAL G 366 8.71 11.86 -26.29
CA VAL G 366 7.84 11.37 -27.36
C VAL G 366 8.51 11.34 -28.73
N HIS H 23 -33.62 9.10 -39.66
CA HIS H 23 -33.91 9.73 -38.36
C HIS H 23 -34.42 8.73 -37.33
N MET H 24 -33.54 8.29 -36.44
CA MET H 24 -33.97 7.33 -35.45
C MET H 24 -34.91 8.02 -34.48
N ILE H 25 -34.61 9.26 -34.08
CA ILE H 25 -35.58 10.03 -33.29
C ILE H 25 -36.13 11.16 -34.14
N LYS H 26 -37.45 11.35 -34.15
CA LYS H 26 -37.98 12.52 -34.84
C LYS H 26 -39.05 13.26 -34.02
N LEU H 27 -38.67 14.45 -33.55
CA LEU H 27 -39.52 15.23 -32.66
C LEU H 27 -39.96 16.52 -33.29
N SER H 28 -41.28 16.66 -33.47
CA SER H 28 -41.85 17.72 -34.27
C SER H 28 -42.75 18.51 -33.41
N ASN H 29 -42.47 19.80 -33.25
CA ASN H 29 -43.45 20.75 -32.68
C ASN H 29 -43.83 20.40 -31.23
N ILE H 30 -42.86 19.89 -30.48
CA ILE H 30 -43.10 19.56 -29.08
C ILE H 30 -43.20 20.82 -28.19
N THR H 31 -44.29 20.88 -27.46
CA THR H 31 -44.49 21.89 -26.44
C THR H 31 -44.98 21.25 -25.14
N LYS H 32 -44.27 21.51 -24.05
CA LYS H 32 -44.68 21.06 -22.73
C LYS H 32 -44.98 22.25 -21.83
N VAL H 33 -46.06 22.14 -21.04
CA VAL H 33 -46.36 23.15 -20.04
C VAL H 33 -46.48 22.51 -18.65
N PHE H 34 -46.02 23.25 -17.65
CA PHE H 34 -46.10 22.83 -16.26
C PHE H 34 -46.72 23.98 -15.49
N HIS H 35 -47.26 23.69 -14.31
CA HIS H 35 -47.89 24.71 -13.50
C HIS H 35 -47.31 24.79 -12.08
N GLN H 36 -46.75 25.94 -11.74
CA GLN H 36 -46.36 26.28 -10.38
C GLN H 36 -47.17 27.47 -9.88
N GLY H 37 -48.12 27.20 -8.98
CA GLY H 37 -49.06 28.23 -8.56
C GLY H 37 -49.86 28.77 -9.73
N THR H 38 -49.95 30.09 -9.83
CA THR H 38 -50.64 30.72 -10.96
C THR H 38 -49.68 31.09 -12.10
N ARG H 39 -48.43 30.66 -12.00
CA ARG H 39 -47.51 30.83 -13.12
C ARG H 39 -47.39 29.56 -14.00
N THR H 40 -47.29 29.76 -15.31
CA THR H 40 -47.16 28.64 -16.23
C THR H 40 -45.96 28.68 -17.23
N ILE H 41 -45.07 27.73 -16.96
CA ILE H 41 -43.76 27.48 -17.57
C ILE H 41 -43.91 26.77 -18.90
N GLN H 42 -43.15 27.13 -19.93
CA GLN H 42 -43.16 26.23 -21.08
C GLN H 42 -41.83 25.52 -21.18
N ALA H 43 -41.76 24.35 -20.56
CA ALA H 43 -40.55 23.57 -20.46
C ALA H 43 -39.97 23.45 -21.85
N LEU H 44 -40.84 23.00 -22.75
CA LEU H 44 -40.53 23.01 -24.15
C LEU H 44 -41.60 23.85 -24.84
N ASN H 45 -41.15 24.59 -25.84
CA ASN H 45 -41.99 25.40 -26.70
C ASN H 45 -41.70 25.09 -28.16
N ASN H 46 -42.64 24.44 -28.84
CA ASN H 46 -42.48 24.15 -30.26
C ASN H 46 -41.08 23.58 -30.61
N VAL H 47 -40.54 22.76 -29.71
CA VAL H 47 -39.25 22.13 -29.94
C VAL H 47 -39.34 21.05 -31.01
N SER H 48 -38.42 21.11 -31.97
CA SER H 48 -38.43 20.24 -33.14
C SER H 48 -37.01 19.69 -33.37
N LEU H 49 -36.89 18.38 -33.42
CA LEU H 49 -35.58 17.75 -33.39
C LEU H 49 -35.45 16.53 -34.30
N HIS H 50 -34.45 16.50 -35.16
CA HIS H 50 -34.34 15.34 -36.05
C HIS H 50 -33.01 14.68 -35.86
N VAL H 51 -33.07 13.42 -35.45
CA VAL H 51 -31.85 12.74 -35.08
C VAL H 51 -31.60 11.57 -36.02
N PRO H 52 -30.54 11.67 -36.82
CA PRO H 52 -30.04 10.61 -37.70
C PRO H 52 -29.57 9.37 -36.96
N ALA H 53 -30.11 8.23 -37.39
CA ALA H 53 -29.75 6.93 -36.85
C ALA H 53 -28.25 6.68 -36.87
N GLY H 54 -27.74 6.07 -35.81
CA GLY H 54 -26.35 5.66 -35.76
C GLY H 54 -25.38 6.80 -35.47
N GLN H 55 -25.90 7.83 -34.81
CA GLN H 55 -25.12 9.03 -34.54
C GLN H 55 -25.20 9.40 -33.06
N ILE H 56 -24.37 10.34 -32.60
CA ILE H 56 -24.42 10.79 -31.20
C ILE H 56 -24.75 12.28 -31.04
N TYR H 57 -25.93 12.53 -30.49
CA TYR H 57 -26.53 13.85 -30.40
C TYR H 57 -26.60 14.39 -28.97
N GLY H 58 -25.88 15.46 -28.68
CA GLY H 58 -26.13 16.20 -27.45
C GLY H 58 -27.06 17.42 -27.56
N VAL H 59 -27.80 17.65 -26.49
CA VAL H 59 -28.50 18.89 -26.27
C VAL H 59 -27.95 19.56 -25.03
N ILE H 60 -27.72 20.85 -25.15
CA ILE H 60 -26.99 21.50 -24.11
C ILE H 60 -27.71 22.76 -23.69
N GLY H 61 -27.56 23.11 -22.43
CA GLY H 61 -28.11 24.35 -21.94
C GLY H 61 -27.99 24.45 -20.44
N ALA H 62 -28.26 25.67 -20.00
CA ALA H 62 -28.32 26.01 -18.60
C ALA H 62 -29.46 25.25 -17.90
N SER H 63 -29.36 25.18 -16.59
CA SER H 63 -30.39 24.56 -15.78
C SER H 63 -31.73 25.27 -16.00
N GLY H 64 -32.77 24.48 -16.25
CA GLY H 64 -34.13 25.00 -16.36
C GLY H 64 -34.55 25.29 -17.79
N ALA H 65 -33.67 24.98 -18.74
CA ALA H 65 -33.96 25.16 -20.15
C ALA H 65 -34.88 24.07 -20.75
N GLY H 66 -35.02 22.93 -20.08
CA GLY H 66 -35.84 21.83 -20.59
C GLY H 66 -35.15 20.57 -21.10
N LYS H 67 -33.83 20.50 -20.91
CA LYS H 67 -33.08 19.26 -21.11
C LYS H 67 -33.77 18.05 -20.48
N SER H 68 -34.18 18.21 -19.23
CA SER H 68 -34.80 17.13 -18.46
C SER H 68 -36.10 16.61 -19.07
N THR H 69 -36.96 17.56 -19.43
CA THR H 69 -38.27 17.29 -20.00
C THR H 69 -38.11 16.62 -21.34
N LEU H 70 -37.34 17.31 -22.20
CA LEU H 70 -37.11 16.97 -23.61
C LEU H 70 -36.78 15.51 -23.81
N ILE H 71 -35.62 15.13 -23.30
CA ILE H 71 -35.17 13.75 -23.38
C ILE H 71 -36.34 12.82 -23.09
N ARG H 72 -37.04 13.17 -22.01
CA ARG H 72 -38.08 12.32 -21.43
C ARG H 72 -39.35 12.21 -22.26
N CYS H 73 -39.43 13.00 -23.33
CA CYS H 73 -40.56 12.91 -24.25
C CYS H 73 -40.35 11.81 -25.30
N VAL H 74 -39.11 11.69 -25.76
CA VAL H 74 -38.72 10.57 -26.61
C VAL H 74 -39.20 9.25 -26.02
N ASN H 75 -39.14 9.16 -24.68
CA ASN H 75 -39.42 7.94 -23.92
C ASN H 75 -40.90 7.85 -23.58
N LEU H 76 -41.55 8.99 -23.74
CA LEU H 76 -42.88 9.26 -23.23
C LEU H 76 -42.97 9.11 -21.72
N LEU H 77 -41.83 9.24 -21.03
CA LEU H 77 -41.83 9.29 -19.54
C LEU H 77 -42.59 10.53 -19.13
N GLU H 78 -42.47 11.53 -20.00
CA GLU H 78 -43.29 12.69 -19.93
C GLU H 78 -44.19 12.67 -21.18
N ARG H 79 -45.35 13.31 -21.06
CA ARG H 79 -46.32 13.41 -22.17
C ARG H 79 -46.37 14.83 -22.69
N PRO H 80 -45.98 15.01 -23.96
CA PRO H 80 -45.86 16.38 -24.48
C PRO H 80 -47.24 17.03 -24.59
N THR H 81 -47.38 18.25 -24.10
CA THR H 81 -48.64 18.97 -24.24
C THR H 81 -49.08 18.96 -25.71
N GLU H 82 -48.14 19.20 -26.62
CA GLU H 82 -48.43 19.35 -28.04
C GLU H 82 -47.35 18.62 -28.85
N GLY H 83 -47.64 18.37 -30.13
CA GLY H 83 -46.65 17.82 -31.05
C GLY H 83 -46.54 16.30 -31.08
N SER H 84 -45.53 15.83 -31.82
CA SER H 84 -45.40 14.41 -32.16
C SER H 84 -44.08 13.82 -31.75
N VAL H 85 -44.10 12.52 -31.49
CA VAL H 85 -42.87 11.78 -31.18
C VAL H 85 -42.77 10.50 -32.02
N LEU H 86 -41.69 10.40 -32.78
CA LEU H 86 -41.52 9.28 -33.70
C LEU H 86 -40.22 8.56 -33.48
N VAL H 87 -40.27 7.34 -32.96
CA VAL H 87 -39.05 6.54 -32.93
C VAL H 87 -39.14 5.42 -33.98
N ASP H 88 -38.09 5.33 -34.79
CA ASP H 88 -38.09 4.41 -35.91
C ASP H 88 -39.39 4.50 -36.72
N GLY H 89 -39.96 5.70 -36.78
CA GLY H 89 -41.06 5.99 -37.68
C GLY H 89 -42.42 5.72 -37.10
N GLN H 90 -42.43 5.20 -35.87
CA GLN H 90 -43.65 4.98 -35.12
C GLN H 90 -43.96 6.12 -34.14
N GLU H 91 -45.16 6.67 -34.28
CA GLU H 91 -45.71 7.69 -33.38
C GLU H 91 -46.02 7.13 -31.99
N LEU H 92 -45.39 7.72 -30.96
CA LEU H 92 -45.52 7.22 -29.58
C LEU H 92 -46.68 7.82 -28.78
N THR H 93 -46.92 9.10 -29.03
CA THR H 93 -48.03 9.87 -28.45
C THR H 93 -49.42 9.19 -28.59
N THR H 94 -49.65 8.59 -29.75
CA THR H 94 -50.82 7.75 -30.04
C THR H 94 -50.93 6.50 -29.17
N LEU H 95 -49.80 5.87 -28.90
CA LEU H 95 -49.79 4.53 -28.29
C LEU H 95 -50.55 4.36 -26.97
N SER H 96 -51.13 3.17 -26.82
CA SER H 96 -51.71 2.73 -25.56
C SER H 96 -50.61 2.28 -24.60
N GLU H 97 -50.90 2.30 -23.30
CA GLU H 97 -49.92 1.89 -22.29
C GLU H 97 -49.36 0.51 -22.59
N SER H 98 -50.13 -0.29 -23.32
CA SER H 98 -49.72 -1.65 -23.66
C SER H 98 -48.71 -1.66 -24.81
N GLU H 99 -49.01 -0.88 -25.85
CA GLU H 99 -48.16 -0.79 -27.02
C GLU H 99 -46.92 0.07 -26.70
N LEU H 100 -47.12 1.10 -25.88
CA LEU H 100 -46.05 1.97 -25.39
C LEU H 100 -45.00 1.15 -24.64
N THR H 101 -45.46 0.09 -24.00
CA THR H 101 -44.56 -0.78 -23.28
C THR H 101 -43.54 -1.39 -24.25
N LYS H 102 -44.03 -2.00 -25.32
CA LYS H 102 -43.19 -2.71 -26.29
C LYS H 102 -42.15 -1.79 -26.90
N ALA H 103 -42.52 -0.55 -27.13
CA ALA H 103 -41.61 0.45 -27.69
C ALA H 103 -40.45 0.78 -26.74
N ARG H 104 -40.72 1.00 -25.46
CA ARG H 104 -39.66 1.30 -24.51
C ARG H 104 -38.66 0.15 -24.38
N ARG H 105 -39.00 -1.00 -24.95
CA ARG H 105 -38.07 -2.12 -25.07
C ARG H 105 -36.92 -1.77 -26.00
N GLN H 106 -37.23 -1.01 -27.06
CA GLN H 106 -36.26 -0.51 -28.03
C GLN H 106 -35.69 0.88 -27.70
N ILE H 107 -36.06 1.46 -26.56
CA ILE H 107 -35.43 2.71 -26.08
C ILE H 107 -34.76 2.57 -24.71
N GLY H 108 -33.43 2.51 -24.67
CA GLY H 108 -32.72 2.40 -23.39
C GLY H 108 -32.37 3.75 -22.78
N MET H 109 -32.32 3.82 -21.45
CA MET H 109 -32.06 5.11 -20.82
C MET H 109 -31.26 5.02 -19.55
N ILE H 110 -30.35 5.98 -19.36
CA ILE H 110 -29.53 5.99 -18.15
C ILE H 110 -29.51 7.40 -17.53
N PHE H 111 -29.25 7.46 -16.23
CA PHE H 111 -29.64 8.61 -15.38
C PHE H 111 -28.49 9.27 -14.63
N GLN H 112 -28.67 10.54 -14.29
CA GLN H 112 -27.66 11.31 -13.54
C GLN H 112 -27.25 10.53 -12.30
N HIS H 113 -28.20 10.31 -11.42
CA HIS H 113 -28.04 9.37 -10.33
C HIS H 113 -28.22 8.07 -11.06
N PHE H 114 -28.08 6.95 -10.40
CA PHE H 114 -27.88 5.80 -11.25
C PHE H 114 -29.09 4.90 -11.37
N ASN H 115 -30.07 5.16 -10.51
CA ASN H 115 -31.32 4.41 -10.51
C ASN H 115 -31.11 2.91 -10.67
N LEU H 116 -30.50 2.32 -9.65
CA LEU H 116 -30.30 0.87 -9.56
C LEU H 116 -30.99 0.33 -8.34
N LEU H 117 -31.21 -0.98 -8.32
CA LEU H 117 -31.88 -1.60 -7.19
C LEU H 117 -30.88 -2.11 -6.15
N SER H 118 -30.83 -1.46 -4.99
CA SER H 118 -30.01 -1.94 -3.88
C SER H 118 -30.41 -3.38 -3.49
N SER H 119 -31.62 -3.76 -3.88
CA SER H 119 -32.12 -5.13 -3.75
C SER H 119 -31.27 -6.18 -4.44
N ARG H 120 -30.83 -5.87 -5.66
CA ARG H 120 -30.32 -6.87 -6.60
C ARG H 120 -28.82 -6.73 -6.87
N THR H 121 -28.22 -7.83 -7.32
CA THR H 121 -26.80 -7.85 -7.68
C THR H 121 -26.55 -7.09 -8.99
N VAL H 122 -25.29 -6.99 -9.38
CA VAL H 122 -24.99 -6.33 -10.64
C VAL H 122 -25.33 -7.25 -11.82
N PHE H 123 -25.51 -8.54 -11.54
CA PHE H 123 -26.18 -9.44 -12.47
C PHE H 123 -27.68 -9.20 -12.48
N GLY H 124 -28.25 -9.18 -11.27
CA GLY H 124 -29.68 -9.07 -11.08
C GLY H 124 -30.28 -7.77 -11.61
N ASN H 125 -29.67 -6.64 -11.28
CA ASN H 125 -30.11 -5.35 -11.84
C ASN H 125 -30.34 -5.45 -13.34
N VAL H 126 -29.38 -6.09 -14.01
CA VAL H 126 -29.27 -6.19 -15.46
C VAL H 126 -30.26 -7.19 -16.07
N ALA H 127 -30.48 -8.30 -15.39
CA ALA H 127 -31.42 -9.29 -15.87
C ALA H 127 -32.87 -8.79 -15.76
N LEU H 128 -33.08 -7.82 -14.89
CA LEU H 128 -34.42 -7.27 -14.65
C LEU H 128 -35.12 -6.96 -15.97
N PRO H 129 -34.48 -6.17 -16.85
CA PRO H 129 -35.11 -5.80 -18.12
C PRO H 129 -35.58 -6.98 -18.96
N LEU H 130 -34.76 -8.03 -19.01
CA LEU H 130 -35.14 -9.25 -19.72
C LEU H 130 -36.32 -9.93 -19.05
N GLU H 131 -36.44 -9.70 -17.74
CA GLU H 131 -37.39 -10.40 -16.88
C GLU H 131 -38.85 -10.03 -17.20
N LEU H 132 -39.06 -8.80 -17.64
CA LEU H 132 -40.41 -8.29 -17.95
C LEU H 132 -41.05 -9.00 -19.14
N ASP H 133 -40.20 -9.60 -19.97
CA ASP H 133 -40.58 -10.06 -21.29
C ASP H 133 -40.92 -11.56 -21.28
N ASN H 134 -40.75 -12.20 -20.13
CA ASN H 134 -40.70 -13.67 -20.07
C ASN H 134 -39.61 -14.21 -20.98
N THR H 135 -38.41 -13.69 -20.79
CA THR H 135 -37.21 -14.24 -21.41
C THR H 135 -36.84 -15.55 -20.72
N PRO H 136 -36.52 -16.59 -21.49
CA PRO H 136 -36.25 -17.88 -20.86
C PRO H 136 -34.87 -18.01 -20.23
N LYS H 137 -34.83 -18.65 -19.07
CA LYS H 137 -33.71 -19.49 -18.65
C LYS H 137 -32.30 -18.92 -18.90
N ASP H 138 -31.49 -19.72 -19.60
CA ASP H 138 -30.06 -19.45 -19.76
C ASP H 138 -29.85 -18.20 -20.64
N GLU H 139 -30.83 -17.92 -21.51
CA GLU H 139 -30.78 -16.71 -22.32
C GLU H 139 -30.46 -15.51 -21.44
N VAL H 140 -31.15 -15.43 -20.31
CA VAL H 140 -30.91 -14.38 -19.35
C VAL H 140 -29.44 -14.39 -18.93
N LYS H 141 -28.91 -15.56 -18.62
CA LYS H 141 -27.50 -15.67 -18.27
C LYS H 141 -26.57 -15.11 -19.35
N ARG H 142 -26.56 -15.76 -20.51
CA ARG H 142 -25.65 -15.42 -21.60
C ARG H 142 -25.66 -13.94 -21.96
N ARG H 143 -26.85 -13.44 -22.29
CA ARG H 143 -27.01 -12.05 -22.72
C ARG H 143 -26.48 -11.10 -21.67
N VAL H 144 -26.75 -11.39 -20.39
CA VAL H 144 -26.26 -10.57 -19.30
C VAL H 144 -24.75 -10.69 -19.16
N THR H 145 -24.24 -11.87 -19.44
CA THR H 145 -22.82 -12.18 -19.30
C THR H 145 -21.97 -11.42 -20.32
N GLU H 146 -22.36 -11.51 -21.58
CA GLU H 146 -21.66 -10.79 -22.64
C GLU H 146 -21.82 -9.29 -22.43
N LEU H 147 -23.03 -8.88 -22.10
CA LEU H 147 -23.33 -7.47 -21.86
C LEU H 147 -22.65 -6.91 -20.61
N LEU H 148 -22.35 -7.78 -19.65
CA LEU H 148 -21.57 -7.38 -18.49
C LEU H 148 -20.09 -7.36 -18.84
N SER H 149 -19.72 -8.22 -19.78
CA SER H 149 -18.36 -8.22 -20.28
C SER H 149 -18.04 -6.83 -20.86
N LEU H 150 -18.82 -6.45 -21.87
CA LEU H 150 -18.58 -5.24 -22.66
C LEU H 150 -18.38 -4.00 -21.82
N VAL H 151 -19.02 -3.97 -20.64
CA VAL H 151 -19.07 -2.74 -19.86
C VAL H 151 -17.89 -2.56 -18.92
N GLY H 152 -16.90 -3.43 -19.06
CA GLY H 152 -15.70 -3.33 -18.25
C GLY H 152 -15.99 -3.71 -16.83
N LEU H 153 -17.06 -4.47 -16.62
CA LEU H 153 -17.19 -5.14 -15.34
C LEU H 153 -16.89 -6.63 -15.49
N GLY H 154 -15.66 -6.99 -15.13
CA GLY H 154 -15.35 -8.32 -14.68
C GLY H 154 -15.04 -8.26 -13.21
N ASP H 155 -14.96 -9.41 -12.56
CA ASP H 155 -14.25 -9.53 -11.30
C ASP H 155 -14.93 -8.73 -10.18
N LYS H 156 -15.92 -7.93 -10.56
CA LYS H 156 -17.18 -7.89 -9.83
C LYS H 156 -18.32 -8.19 -10.81
N HIS H 157 -18.81 -9.43 -10.78
CA HIS H 157 -20.08 -9.83 -11.38
C HIS H 157 -21.23 -9.88 -10.38
N ASP H 158 -20.84 -10.05 -9.12
CA ASP H 158 -21.74 -10.47 -8.06
C ASP H 158 -22.17 -9.37 -7.10
N SER H 159 -21.59 -8.19 -7.22
CA SER H 159 -21.56 -7.26 -6.09
C SER H 159 -22.88 -6.53 -5.85
N TYR H 160 -22.86 -5.65 -4.86
CA TYR H 160 -24.00 -4.80 -4.55
C TYR H 160 -23.61 -3.32 -4.65
N PRO H 161 -24.53 -2.52 -5.20
CA PRO H 161 -24.45 -1.07 -5.45
C PRO H 161 -23.99 -0.28 -4.24
N SER H 162 -24.04 -0.88 -3.06
CA SER H 162 -23.59 -0.17 -1.87
C SER H 162 -22.09 0.11 -1.92
N ASN H 163 -21.34 -0.84 -2.48
CA ASN H 163 -19.88 -0.74 -2.57
C ASN H 163 -19.34 0.09 -3.79
N LEU H 164 -19.94 -0.13 -4.96
CA LEU H 164 -19.53 0.48 -6.23
C LEU H 164 -19.57 2.00 -6.19
N SER H 165 -18.69 2.64 -6.96
CA SER H 165 -18.75 4.09 -7.11
C SER H 165 -19.33 4.46 -8.48
N GLY H 166 -19.50 5.76 -8.71
CA GLY H 166 -20.34 6.25 -9.80
C GLY H 166 -20.09 5.55 -11.12
N GLY H 167 -18.83 5.46 -11.51
CA GLY H 167 -18.48 4.83 -12.77
C GLY H 167 -18.86 3.36 -12.88
N GLN H 168 -18.81 2.66 -11.75
CA GLN H 168 -19.08 1.23 -11.77
C GLN H 168 -20.55 0.98 -12.02
N LYS H 169 -21.40 1.76 -11.35
CA LYS H 169 -22.84 1.54 -11.43
C LYS H 169 -23.49 2.15 -12.68
N GLN H 170 -22.93 3.24 -13.20
CA GLN H 170 -23.40 3.78 -14.48
C GLN H 170 -23.10 2.80 -15.61
N ARG H 171 -22.09 1.96 -15.41
CA ARG H 171 -21.77 0.90 -16.36
C ARG H 171 -22.80 -0.20 -16.28
N VAL H 172 -23.35 -0.36 -15.09
CA VAL H 172 -24.34 -1.39 -14.83
C VAL H 172 -25.63 -0.98 -15.52
N ALA H 173 -26.02 0.27 -15.24
CA ALA H 173 -27.16 0.94 -15.85
C ALA H 173 -27.09 0.78 -17.37
N ILE H 174 -25.89 1.01 -17.92
CA ILE H 174 -25.57 0.88 -19.32
C ILE H 174 -25.80 -0.55 -19.83
N ALA H 175 -25.15 -1.51 -19.20
CA ALA H 175 -25.33 -2.90 -19.57
C ALA H 175 -26.81 -3.28 -19.50
N ARG H 176 -27.49 -2.69 -18.52
CA ARG H 176 -28.93 -2.92 -18.28
C ARG H 176 -29.76 -2.34 -19.42
N ALA H 177 -29.39 -1.13 -19.85
CA ALA H 177 -30.08 -0.46 -20.95
C ALA H 177 -29.98 -1.22 -22.26
N LEU H 178 -28.80 -1.75 -22.55
CA LEU H 178 -28.54 -2.48 -23.79
C LEU H 178 -29.00 -3.94 -23.70
N ALA H 179 -29.51 -4.31 -22.53
CA ALA H 179 -29.94 -5.67 -22.26
C ALA H 179 -31.10 -6.06 -23.17
N SER H 180 -31.90 -5.08 -23.55
CA SER H 180 -32.99 -5.33 -24.48
C SER H 180 -32.56 -5.20 -25.93
N ASN H 181 -31.34 -4.75 -26.18
CA ASN H 181 -30.93 -4.36 -27.52
C ASN H 181 -31.89 -3.34 -28.14
N PRO H 182 -31.83 -2.10 -27.64
CA PRO H 182 -32.65 -0.97 -28.11
C PRO H 182 -32.03 -0.31 -29.36
N LYS H 183 -32.85 0.33 -30.19
CA LYS H 183 -32.31 1.13 -31.29
C LYS H 183 -31.94 2.56 -30.87
N VAL H 184 -32.33 2.92 -29.65
CA VAL H 184 -32.00 4.20 -29.01
C VAL H 184 -31.43 4.04 -27.60
N LEU H 185 -30.45 4.86 -27.26
CA LEU H 185 -30.07 5.08 -25.86
C LEU H 185 -30.28 6.54 -25.44
N LEU H 186 -31.16 6.80 -24.46
CA LEU H 186 -31.22 8.16 -23.90
C LEU H 186 -30.28 8.35 -22.70
N CYS H 187 -29.69 9.54 -22.60
CA CYS H 187 -28.78 9.82 -21.50
C CYS H 187 -29.15 11.09 -20.71
N ASP H 188 -29.56 10.89 -19.44
CA ASP H 188 -29.99 11.99 -18.59
C ASP H 188 -28.87 12.39 -17.66
N GLN H 189 -28.19 13.47 -18.00
CA GLN H 189 -27.06 13.96 -17.21
C GLN H 189 -26.14 12.84 -16.72
N ALA H 190 -25.91 11.84 -17.57
CA ALA H 190 -25.33 10.56 -17.14
C ALA H 190 -24.02 10.69 -16.35
N THR H 191 -23.19 11.66 -16.72
CA THR H 191 -21.89 11.82 -16.04
C THR H 191 -21.82 12.96 -14.98
N SER H 192 -22.94 13.66 -14.80
CA SER H 192 -23.00 14.94 -14.08
C SER H 192 -22.39 14.97 -12.67
N ALA H 193 -22.41 13.84 -11.97
CA ALA H 193 -21.83 13.78 -10.63
C ALA H 193 -20.31 13.58 -10.65
N LEU H 194 -19.90 12.68 -11.53
CA LEU H 194 -18.66 11.94 -11.37
C LEU H 194 -17.39 12.79 -11.39
N ASP H 195 -16.31 12.21 -10.87
CA ASP H 195 -14.97 12.74 -11.09
C ASP H 195 -14.66 12.91 -12.57
N PRO H 196 -14.04 14.04 -12.92
CA PRO H 196 -13.61 14.28 -14.30
C PRO H 196 -12.94 13.04 -14.90
N ALA H 197 -12.13 12.36 -14.12
CA ALA H 197 -11.50 11.12 -14.58
C ALA H 197 -12.55 10.08 -14.96
N THR H 198 -13.54 9.96 -14.09
CA THR H 198 -14.59 8.96 -14.22
C THR H 198 -15.67 9.33 -15.24
N THR H 199 -15.93 10.63 -15.38
CA THR H 199 -16.78 11.11 -16.46
C THR H 199 -16.15 10.70 -17.81
N ARG H 200 -14.91 11.16 -18.02
CA ARG H 200 -14.16 10.91 -19.25
C ARG H 200 -14.14 9.43 -19.64
N SER H 201 -14.12 8.58 -18.64
CA SER H 201 -13.95 7.15 -18.84
C SER H 201 -15.20 6.48 -19.45
N ILE H 202 -16.38 6.91 -18.98
CA ILE H 202 -17.67 6.39 -19.43
C ILE H 202 -18.14 6.87 -20.81
N LEU H 203 -18.00 8.19 -21.03
CA LEU H 203 -18.25 8.78 -22.34
C LEU H 203 -17.56 7.93 -23.37
N GLU H 204 -16.28 7.66 -23.09
CA GLU H 204 -15.50 6.75 -23.90
C GLU H 204 -16.30 5.47 -24.04
N LEU H 205 -16.74 4.93 -22.91
CA LEU H 205 -17.49 3.67 -22.90
C LEU H 205 -18.66 3.75 -23.87
N LEU H 206 -19.29 4.92 -23.92
CA LEU H 206 -20.48 5.12 -24.74
C LEU H 206 -20.18 5.11 -26.22
N LYS H 207 -19.15 5.86 -26.63
CA LYS H 207 -18.84 6.04 -28.04
C LYS H 207 -18.40 4.72 -28.70
N ASP H 208 -17.68 3.90 -27.95
CA ASP H 208 -17.30 2.55 -28.38
C ASP H 208 -18.53 1.84 -28.91
N ILE H 209 -19.65 2.08 -28.22
CA ILE H 209 -20.93 1.44 -28.51
C ILE H 209 -21.61 2.02 -29.77
N ASN H 210 -21.33 3.29 -30.03
CA ASN H 210 -21.81 3.94 -31.25
C ASN H 210 -21.11 3.30 -32.45
N ARG H 211 -19.81 3.06 -32.32
CA ARG H 211 -19.06 2.32 -33.33
C ARG H 211 -19.57 0.88 -33.46
N ARG H 212 -19.52 0.16 -32.35
CA ARG H 212 -19.73 -1.28 -32.36
C ARG H 212 -21.16 -1.69 -32.76
N LEU H 213 -22.15 -1.15 -32.04
CA LEU H 213 -23.56 -1.41 -32.36
C LEU H 213 -24.20 -0.56 -33.47
N GLY H 214 -23.81 0.71 -33.57
CA GLY H 214 -24.48 1.63 -34.47
C GLY H 214 -25.76 2.11 -33.81
N LEU H 215 -25.69 2.19 -32.50
CA LEU H 215 -26.84 2.50 -31.68
C LEU H 215 -26.97 4.01 -31.56
N THR H 216 -28.09 4.52 -32.04
CA THR H 216 -28.41 5.94 -31.98
C THR H 216 -28.37 6.47 -30.54
N ILE H 217 -27.59 7.52 -30.29
CA ILE H 217 -27.52 8.11 -28.95
C ILE H 217 -27.97 9.57 -28.83
N LEU H 218 -28.71 9.84 -27.77
CA LEU H 218 -29.11 11.20 -27.42
C LEU H 218 -28.83 11.44 -25.95
N LEU H 219 -27.98 12.43 -25.69
CA LEU H 219 -27.80 12.89 -24.32
C LEU H 219 -28.14 14.37 -24.09
N ILE H 220 -28.51 14.70 -22.85
CA ILE H 220 -28.59 16.09 -22.40
C ILE H 220 -27.53 16.42 -21.35
N THR H 221 -27.11 17.69 -21.32
CA THR H 221 -26.08 18.08 -20.37
C THR H 221 -25.88 19.59 -20.12
N HIS H 222 -25.26 19.89 -18.98
CA HIS H 222 -24.76 21.21 -18.65
C HIS H 222 -23.45 21.43 -19.38
N GLU H 223 -22.60 20.40 -19.37
CA GLU H 223 -21.21 20.51 -19.81
C GLU H 223 -20.98 20.56 -21.31
N MET H 224 -20.35 21.63 -21.76
CA MET H 224 -20.05 21.74 -23.18
C MET H 224 -18.89 20.77 -23.43
N ASP H 225 -18.08 20.56 -22.39
CA ASP H 225 -16.96 19.63 -22.47
C ASP H 225 -17.38 18.21 -22.92
N VAL H 226 -18.57 17.81 -22.51
CA VAL H 226 -19.04 16.47 -22.84
C VAL H 226 -19.55 16.39 -24.27
N VAL H 227 -20.10 17.50 -24.76
CA VAL H 227 -20.48 17.66 -26.17
C VAL H 227 -19.26 17.44 -27.05
N LYS H 228 -18.21 18.20 -26.75
CA LYS H 228 -16.92 18.11 -27.43
C LYS H 228 -16.55 16.64 -27.69
N ARG H 229 -16.37 15.88 -26.62
CA ARG H 229 -15.77 14.56 -26.76
C ARG H 229 -16.50 13.64 -27.75
N ILE H 230 -17.71 13.17 -27.41
CA ILE H 230 -18.35 12.16 -28.26
C ILE H 230 -19.41 12.57 -29.30
N CYS H 231 -19.92 13.80 -29.24
CA CYS H 231 -21.14 14.09 -30.00
C CYS H 231 -20.91 14.42 -31.46
N ASP H 232 -21.70 13.79 -32.32
CA ASP H 232 -21.70 14.07 -33.74
C ASP H 232 -22.53 15.29 -34.08
N CYS H 233 -23.62 15.53 -33.37
CA CYS H 233 -24.35 16.79 -33.50
C CYS H 233 -24.61 17.44 -32.16
N VAL H 234 -24.89 18.73 -32.18
CA VAL H 234 -25.23 19.45 -30.93
C VAL H 234 -26.35 20.49 -31.08
N ALA H 235 -27.42 20.29 -30.31
CA ALA H 235 -28.48 21.29 -30.22
C ALA H 235 -28.32 22.13 -28.94
N VAL H 236 -28.47 23.44 -29.06
CA VAL H 236 -28.31 24.30 -27.92
C VAL H 236 -29.63 24.94 -27.47
N ILE H 237 -30.15 24.43 -26.34
CA ILE H 237 -31.44 24.85 -25.76
C ILE H 237 -31.36 26.03 -24.79
N SER H 238 -32.28 26.96 -24.96
CA SER H 238 -32.42 28.09 -24.07
C SER H 238 -33.91 28.40 -23.93
N ASN H 239 -34.43 28.45 -22.71
CA ASN H 239 -35.84 28.80 -22.52
C ASN H 239 -36.85 27.96 -23.26
N GLY H 240 -36.66 26.66 -23.25
CA GLY H 240 -37.58 25.77 -23.94
C GLY H 240 -37.59 25.89 -25.46
N GLU H 241 -36.58 26.55 -26.03
CA GLU H 241 -36.47 26.65 -27.47
C GLU H 241 -35.07 26.23 -27.91
N LEU H 242 -34.94 25.66 -29.10
CA LEU H 242 -33.62 25.31 -29.58
C LEU H 242 -33.03 26.49 -30.41
N ILE H 243 -31.97 27.11 -29.91
CA ILE H 243 -31.37 28.25 -30.60
C ILE H 243 -30.42 27.87 -31.73
N GLU H 244 -29.61 26.85 -31.52
CA GLU H 244 -28.62 26.40 -32.50
C GLU H 244 -28.65 24.89 -32.67
N GLN H 245 -28.47 24.46 -33.91
CA GLN H 245 -28.35 23.05 -34.26
C GLN H 245 -27.28 22.99 -35.34
N ASP H 246 -26.27 22.14 -35.14
CA ASP H 246 -25.26 21.84 -36.15
C ASP H 246 -24.39 20.69 -35.71
N THR H 247 -23.45 20.31 -36.57
CA THR H 247 -22.41 19.38 -36.17
C THR H 247 -21.56 20.10 -35.13
N VAL H 248 -20.87 19.32 -34.28
CA VAL H 248 -20.22 19.91 -33.13
C VAL H 248 -19.09 20.87 -33.55
N SER H 249 -18.25 20.38 -34.45
CA SER H 249 -17.20 21.23 -35.01
C SER H 249 -17.77 22.49 -35.66
N GLU H 250 -18.91 22.37 -36.34
CA GLU H 250 -19.49 23.53 -37.02
C GLU H 250 -19.88 24.64 -36.05
N VAL H 251 -20.37 24.26 -34.88
CA VAL H 251 -20.77 25.26 -33.89
C VAL H 251 -19.56 25.82 -33.15
N PHE H 252 -18.54 24.99 -32.93
CA PHE H 252 -17.31 25.50 -32.33
C PHE H 252 -16.61 26.59 -33.14
N SER H 253 -16.36 26.31 -34.40
CA SER H 253 -15.70 27.26 -35.28
C SER H 253 -16.57 28.48 -35.63
N HIS H 254 -17.90 28.26 -35.74
CA HIS H 254 -18.82 29.33 -36.11
C HIS H 254 -20.09 29.35 -35.27
N PRO H 255 -20.00 29.88 -34.04
CA PRO H 255 -21.22 30.10 -33.27
C PRO H 255 -22.08 31.20 -33.89
N LYS H 256 -23.35 30.89 -34.08
CA LYS H 256 -24.30 31.86 -34.60
C LYS H 256 -24.81 32.76 -33.46
N THR H 257 -24.91 32.19 -32.26
CA THR H 257 -25.63 32.86 -31.16
C THR H 257 -24.79 33.09 -29.93
N PRO H 258 -24.98 34.27 -29.31
CA PRO H 258 -24.16 34.68 -28.18
C PRO H 258 -24.01 33.53 -27.21
N LEU H 259 -25.10 32.86 -26.93
CA LEU H 259 -25.07 31.84 -25.90
C LEU H 259 -24.11 30.75 -26.31
N ALA H 260 -24.28 30.19 -27.51
CA ALA H 260 -23.40 29.10 -27.95
C ALA H 260 -21.95 29.51 -27.79
N GLN H 261 -21.65 30.75 -28.10
CA GLN H 261 -20.30 31.25 -27.88
C GLN H 261 -19.97 31.27 -26.39
N LYS H 262 -20.90 31.76 -25.58
CA LYS H 262 -20.72 31.75 -24.12
C LYS H 262 -20.43 30.33 -23.68
N PHE H 263 -21.11 29.36 -24.28
CA PHE H 263 -20.89 27.94 -23.98
C PHE H 263 -19.55 27.46 -24.50
N ILE H 264 -19.17 27.94 -25.68
CA ILE H 264 -17.90 27.55 -26.28
C ILE H 264 -16.73 28.20 -25.52
N GLN H 265 -16.82 29.50 -25.26
CA GLN H 265 -15.76 30.19 -24.52
C GLN H 265 -15.35 29.47 -23.25
N SER H 266 -16.29 28.77 -22.61
CA SER H 266 -16.03 28.15 -21.31
C SER H 266 -15.30 26.82 -21.39
N THR H 267 -15.27 26.20 -22.57
CA THR H 267 -14.41 25.03 -22.74
C THR H 267 -13.02 25.42 -23.17
N LEU H 268 -12.89 26.66 -23.64
CA LEU H 268 -11.61 27.15 -24.10
C LEU H 268 -11.01 28.04 -23.03
N HIS H 269 -9.87 27.60 -22.52
CA HIS H 269 -9.30 28.17 -21.33
C HIS H 269 -8.39 29.35 -21.71
N LEU H 270 -8.44 29.72 -22.99
CA LEU H 270 -7.98 31.04 -23.43
C LEU H 270 -8.84 32.12 -22.78
N ASP H 271 -8.18 33.04 -22.09
CA ASP H 271 -8.84 34.19 -21.50
C ASP H 271 -7.82 35.31 -21.43
N ILE H 272 -8.29 36.54 -21.47
CA ILE H 272 -7.39 37.67 -21.42
C ILE H 272 -7.22 38.09 -19.96
N PRO H 273 -6.08 37.75 -19.36
CA PRO H 273 -5.83 37.89 -17.92
C PRO H 273 -6.12 39.31 -17.42
N GLU H 274 -6.45 39.44 -16.14
CA GLU H 274 -6.97 40.70 -15.58
C GLU H 274 -6.08 41.94 -15.75
N ASP H 275 -4.86 41.90 -15.22
CA ASP H 275 -3.94 43.05 -15.32
C ASP H 275 -3.48 43.26 -16.74
N TYR H 276 -3.64 42.21 -17.55
CA TYR H 276 -3.24 42.25 -18.94
C TYR H 276 -4.28 42.91 -19.82
N GLN H 277 -5.55 42.82 -19.42
CA GLN H 277 -6.64 43.30 -20.26
C GLN H 277 -6.84 44.82 -20.17
N GLU H 278 -6.53 45.39 -19.02
CA GLU H 278 -6.61 46.84 -18.83
C GLU H 278 -5.65 47.58 -19.76
N ARG H 279 -4.67 46.85 -20.29
CA ARG H 279 -3.69 47.41 -21.21
C ARG H 279 -3.95 46.95 -22.64
N LEU H 280 -4.51 47.83 -23.45
CA LEU H 280 -4.72 47.60 -24.87
C LEU H 280 -4.86 48.94 -25.59
N GLN H 281 -4.79 48.91 -26.92
CA GLN H 281 -5.22 50.04 -27.73
C GLN H 281 -5.93 49.52 -28.98
N ALA H 282 -6.74 50.38 -29.60
CA ALA H 282 -7.40 50.03 -30.84
C ALA H 282 -6.44 50.11 -32.03
N GLU H 283 -5.66 51.19 -32.11
CA GLU H 283 -4.66 51.35 -33.16
C GLU H 283 -3.29 51.71 -32.58
N PRO H 284 -2.21 51.39 -33.31
CA PRO H 284 -0.88 51.34 -32.72
C PRO H 284 -0.48 52.58 -31.90
N PHE H 285 0.01 52.35 -30.69
CA PHE H 285 0.63 53.39 -29.87
C PHE H 285 2.13 53.32 -30.17
N THR H 286 2.93 54.21 -29.59
CA THR H 286 4.38 54.15 -29.75
C THR H 286 5.00 53.26 -28.65
N ASP H 287 5.96 52.42 -29.03
CA ASP H 287 6.41 51.34 -28.15
C ASP H 287 5.25 50.37 -27.88
N CYS H 288 4.52 50.05 -28.94
CA CYS H 288 3.42 49.11 -28.88
C CYS H 288 3.81 47.85 -29.64
N VAL H 289 3.21 46.73 -29.24
CA VAL H 289 3.31 45.47 -29.99
C VAL H 289 1.94 44.90 -30.23
N PRO H 290 1.74 44.29 -31.40
CA PRO H 290 0.45 43.70 -31.75
C PRO H 290 0.08 42.63 -30.73
N MET H 291 -1.20 42.47 -30.35
CA MET H 291 -1.62 41.28 -29.60
C MET H 291 -2.41 40.32 -30.47
N LEU H 292 -1.91 39.12 -30.69
CA LEU H 292 -2.57 38.24 -31.66
C LEU H 292 -3.34 37.07 -31.05
N ARG H 293 -4.36 36.61 -31.77
CA ARG H 293 -4.98 35.31 -31.55
C ARG H 293 -4.62 34.40 -32.70
N LEU H 294 -4.05 33.25 -32.37
CA LEU H 294 -3.63 32.30 -33.39
C LEU H 294 -4.48 31.02 -33.32
N GLU H 295 -5.22 30.71 -34.38
CA GLU H 295 -5.98 29.46 -34.48
C GLU H 295 -5.28 28.44 -35.36
N PHE H 296 -4.69 27.42 -34.76
CA PHE H 296 -3.93 26.43 -35.50
C PHE H 296 -4.80 25.26 -35.89
N THR H 297 -5.04 25.09 -37.18
CA THR H 297 -5.94 24.05 -37.64
C THR H 297 -5.36 23.24 -38.80
N GLY H 298 -5.91 22.05 -39.02
CA GLY H 298 -5.39 21.19 -40.07
C GLY H 298 -3.97 20.75 -39.78
N GLN H 299 -3.11 20.79 -40.79
CA GLN H 299 -1.77 20.25 -40.62
C GLN H 299 -0.86 21.27 -39.97
N SER H 300 -1.39 22.46 -39.72
CA SER H 300 -0.61 23.51 -39.05
C SER H 300 -0.59 23.33 -37.54
N VAL H 301 -1.30 22.31 -37.04
CA VAL H 301 -1.49 22.17 -35.60
C VAL H 301 -0.18 21.79 -34.88
N ASP H 302 0.49 20.75 -35.34
CA ASP H 302 1.76 20.34 -34.75
C ASP H 302 2.99 20.99 -35.41
N ALA H 303 2.74 21.89 -36.36
CA ALA H 303 3.81 22.62 -37.06
C ALA H 303 4.54 23.61 -36.15
N PRO H 304 5.88 23.63 -36.24
CA PRO H 304 6.79 24.43 -35.40
C PRO H 304 6.93 25.83 -35.97
N LEU H 305 5.81 26.49 -36.19
CA LEU H 305 5.79 27.73 -36.95
C LEU H 305 6.44 28.87 -36.19
N LEU H 306 5.93 29.15 -34.99
CA LEU H 306 6.43 30.26 -34.19
C LEU H 306 7.92 30.22 -33.88
N SER H 307 8.50 29.02 -33.86
CA SER H 307 9.96 28.92 -33.82
C SER H 307 10.60 29.11 -35.20
N GLU H 308 9.94 28.66 -36.26
CA GLU H 308 10.42 28.95 -37.61
C GLU H 308 10.33 30.45 -37.91
N THR H 309 9.32 31.08 -37.33
CA THR H 309 9.12 32.53 -37.38
C THR H 309 10.14 33.37 -36.63
N ALA H 310 10.76 32.80 -35.59
CA ALA H 310 11.65 33.57 -34.74
C ALA H 310 12.99 33.79 -35.39
N ARG H 311 13.43 32.76 -36.12
CA ARG H 311 14.69 32.85 -36.86
C ARG H 311 14.52 33.59 -38.20
N ARG H 312 13.47 33.25 -38.95
CA ARG H 312 13.27 33.82 -40.28
C ARG H 312 13.07 35.34 -40.26
N PHE H 313 12.05 35.79 -39.56
CA PHE H 313 11.71 37.21 -39.52
C PHE H 313 12.25 37.93 -38.30
N ASN H 314 13.03 37.24 -37.49
CA ASN H 314 13.57 37.83 -36.25
C ASN H 314 12.53 38.46 -35.34
N VAL H 315 11.36 37.83 -35.27
CA VAL H 315 10.34 38.20 -34.30
C VAL H 315 10.58 37.62 -32.90
N ASN H 316 9.96 38.26 -31.92
CA ASN H 316 9.77 37.65 -30.61
C ASN H 316 8.32 37.39 -30.32
N ASN H 317 8.03 36.12 -30.02
CA ASN H 317 6.69 35.66 -29.67
C ASN H 317 6.50 35.53 -28.16
N ASN H 318 5.53 36.23 -27.60
CA ASN H 318 5.26 35.98 -26.21
C ASN H 318 3.94 35.28 -25.97
N ILE H 319 3.99 34.04 -25.49
CA ILE H 319 2.75 33.32 -25.22
C ILE H 319 2.08 33.79 -23.94
N ILE H 320 0.90 34.36 -24.08
CA ILE H 320 0.10 34.66 -22.93
C ILE H 320 -0.80 33.48 -22.55
N SER H 321 -1.25 32.76 -23.56
CA SER H 321 -2.02 31.56 -23.33
C SER H 321 -1.89 30.58 -24.47
N ALA H 322 -1.86 29.29 -24.14
CA ALA H 322 -1.73 28.26 -25.16
C ALA H 322 -2.51 27.00 -24.76
N GLN H 323 -3.29 26.47 -25.69
CA GLN H 323 -3.98 25.21 -25.49
C GLN H 323 -4.12 24.39 -26.78
N MET H 324 -4.00 23.07 -26.65
CA MET H 324 -4.38 22.11 -27.68
C MET H 324 -5.68 21.43 -27.27
N ASP H 325 -6.75 21.57 -28.07
CA ASP H 325 -8.02 20.86 -27.80
C ASP H 325 -8.44 19.94 -28.93
N TYR H 326 -9.24 18.93 -28.60
CA TYR H 326 -10.00 18.21 -29.61
C TYR H 326 -11.47 18.59 -29.46
N ALA H 327 -12.12 18.99 -30.54
CA ALA H 327 -13.56 19.29 -30.50
C ALA H 327 -14.23 18.77 -31.77
N GLY H 328 -15.38 18.16 -31.63
CA GLY H 328 -16.06 17.58 -32.78
C GLY H 328 -15.14 16.68 -33.60
N GLY H 329 -14.25 15.96 -32.93
CA GLY H 329 -13.35 15.03 -33.60
C GLY H 329 -12.21 15.74 -34.33
N VAL H 330 -12.18 17.06 -34.19
CA VAL H 330 -11.12 17.90 -34.75
C VAL H 330 -10.08 18.32 -33.72
N LYS H 331 -8.83 17.97 -33.98
CA LYS H 331 -7.71 18.49 -33.21
C LYS H 331 -7.45 19.91 -33.68
N PHE H 332 -7.45 20.86 -32.76
CA PHE H 332 -6.91 22.18 -33.06
C PHE H 332 -6.02 22.67 -31.91
N GLY H 333 -5.50 23.87 -32.06
CA GLY H 333 -4.86 24.55 -30.96
C GLY H 333 -5.10 26.05 -31.06
N ILE H 334 -5.05 26.72 -29.92
CA ILE H 334 -5.21 28.16 -29.91
C ILE H 334 -4.40 28.83 -28.84
N MET H 335 -3.76 29.93 -29.24
CA MET H 335 -3.03 30.71 -28.28
C MET H 335 -3.23 32.23 -28.44
N LEU H 336 -2.97 32.93 -27.35
CA LEU H 336 -2.83 34.37 -27.30
C LEU H 336 -1.36 34.70 -27.04
N THR H 337 -0.78 35.48 -27.94
CA THR H 337 0.64 35.78 -27.88
C THR H 337 0.88 37.29 -28.00
N GLU H 338 2.14 37.69 -27.95
CA GLU H 338 2.57 39.05 -28.31
C GLU H 338 3.57 38.92 -29.42
N MET H 339 3.57 39.83 -30.39
CA MET H 339 4.64 39.78 -31.37
C MET H 339 5.51 41.05 -31.26
N HIS H 340 6.80 40.82 -31.05
CA HIS H 340 7.77 41.87 -30.86
C HIS H 340 8.69 41.84 -32.06
N GLY H 341 9.00 43.03 -32.62
CA GLY H 341 9.96 43.13 -33.71
C GLY H 341 9.75 44.32 -34.64
N THR H 342 10.64 44.42 -35.62
CA THR H 342 10.59 45.49 -36.61
C THR H 342 9.24 45.57 -37.32
N GLN H 343 8.64 46.75 -37.32
CA GLN H 343 7.26 46.94 -37.78
C GLN H 343 7.04 46.34 -39.18
N GLN H 344 8.11 46.23 -39.95
CA GLN H 344 8.06 45.52 -41.20
C GLN H 344 7.81 44.03 -40.99
N ASP H 345 8.68 43.42 -40.19
CA ASP H 345 8.75 41.96 -40.04
C ASP H 345 7.63 41.33 -39.22
N THR H 346 7.03 42.13 -38.34
CA THR H 346 5.80 41.72 -37.70
C THR H 346 4.75 41.40 -38.73
N GLN H 347 4.54 42.33 -39.66
CA GLN H 347 3.59 42.12 -40.76
C GLN H 347 4.10 41.05 -41.71
N ALA H 348 5.42 40.93 -41.80
CA ALA H 348 6.05 39.99 -42.71
C ALA H 348 5.80 38.56 -42.28
N ALA H 349 5.90 38.36 -40.96
CA ALA H 349 5.75 37.05 -40.34
C ALA H 349 4.29 36.60 -40.22
N ILE H 350 3.42 37.49 -39.73
CA ILE H 350 1.98 37.24 -39.60
C ILE H 350 1.40 36.69 -40.91
N ALA H 351 1.87 37.26 -42.02
CA ALA H 351 1.47 36.83 -43.35
C ALA H 351 2.05 35.44 -43.69
N TRP H 352 3.30 35.20 -43.30
CA TRP H 352 3.91 33.88 -43.48
C TRP H 352 3.13 32.79 -42.75
N LEU H 353 2.69 33.10 -41.53
CA LEU H 353 1.87 32.16 -40.75
C LEU H 353 0.61 31.78 -41.54
N GLN H 354 -0.15 32.80 -41.95
CA GLN H 354 -1.37 32.59 -42.72
C GLN H 354 -1.12 31.59 -43.85
N GLU H 355 0.00 31.75 -44.54
CA GLU H 355 0.36 30.86 -45.65
C GLU H 355 0.27 29.42 -45.19
N HIS H 356 0.69 29.19 -43.96
CA HIS H 356 0.76 27.86 -43.38
C HIS H 356 -0.55 27.51 -42.67
N HIS H 357 -1.56 28.35 -42.92
CA HIS H 357 -2.93 28.13 -42.45
C HIS H 357 -3.15 28.30 -40.95
N VAL H 358 -2.51 29.32 -40.38
CA VAL H 358 -2.89 29.80 -39.07
C VAL H 358 -3.83 31.00 -39.22
N LYS H 359 -4.85 31.03 -38.38
CA LYS H 359 -5.82 32.09 -38.42
C LYS H 359 -5.40 33.16 -37.42
N VAL H 360 -4.93 34.29 -37.92
CA VAL H 360 -4.44 35.33 -37.03
C VAL H 360 -5.51 36.39 -36.86
N GLU H 361 -5.55 36.99 -35.67
CA GLU H 361 -6.41 38.14 -35.48
C GLU H 361 -5.73 39.08 -34.53
N VAL H 362 -5.70 40.37 -34.88
CA VAL H 362 -5.05 41.31 -33.98
C VAL H 362 -6.04 41.86 -32.96
N LEU H 363 -5.82 41.50 -31.71
CA LEU H 363 -6.76 41.82 -30.68
C LEU H 363 -6.65 43.30 -30.34
N GLY H 364 -5.45 43.83 -30.40
CA GLY H 364 -5.19 45.17 -29.88
C GLY H 364 -3.72 45.48 -29.96
N TYR H 365 -3.28 46.41 -29.18
CA TYR H 365 -1.89 46.72 -29.23
C TYR H 365 -1.42 47.02 -27.85
N VAL H 366 -0.22 46.58 -27.54
CA VAL H 366 0.30 46.73 -26.20
C VAL H 366 1.78 46.49 -26.22
PB ADP I . 24.22 -8.91 18.20
O1B ADP I . 24.75 -10.31 18.02
O2B ADP I . 23.89 -8.22 16.90
O3B ADP I . 23.12 -8.78 19.21
PA ADP I . 26.21 -6.86 18.11
O1A ADP I . 27.48 -6.54 18.87
O2A ADP I . 26.30 -7.11 16.61
O3A ADP I . 25.47 -8.11 18.83
O5' ADP I . 25.15 -5.67 18.34
C5' ADP I . 25.49 -4.31 18.66
C4' ADP I . 24.78 -3.30 17.74
O4' ADP I . 25.51 -2.08 17.71
C3' ADP I . 24.67 -3.79 16.29
O3' ADP I . 23.30 -4.09 15.96
C2' ADP I . 25.18 -2.65 15.42
O2' ADP I . 24.10 -1.93 14.82
C1' ADP I . 25.94 -1.76 16.38
N9 ADP I . 27.39 -2.07 16.25
C8 ADP I . 27.99 -3.18 16.74
N7 ADP I . 29.32 -3.18 16.46
C5 ADP I . 29.59 -2.05 15.77
C6 ADP I . 30.81 -1.43 15.18
N6 ADP I . 32.03 -2.04 15.25
N1 ADP I . 30.64 -0.24 14.56
C2 ADP I . 29.44 0.38 14.47
N3 ADP I . 28.29 -0.12 14.98
C4 ADP I . 28.31 -1.31 15.64
PB ADP J . 17.71 -30.07 -7.26
O1B ADP J . 16.95 -28.85 -7.74
O2B ADP J . 19.17 -29.76 -6.94
O3B ADP J . 17.00 -30.88 -6.21
PA ADP J . 18.73 -30.92 -9.78
O1A ADP J . 17.92 -30.67 -11.03
O2A ADP J . 19.86 -29.97 -9.43
O3A ADP J . 17.74 -31.06 -8.52
O5' ADP J . 19.33 -32.43 -9.85
C5' ADP J . 20.16 -32.87 -10.93
C4' ADP J . 21.46 -33.46 -10.40
O4' ADP J . 22.44 -33.47 -11.47
C3' ADP J . 22.03 -32.61 -9.28
O3' ADP J . 22.41 -33.44 -8.17
C2' ADP J . 23.24 -31.88 -9.87
O2' ADP J . 24.40 -32.04 -9.05
C1' ADP J . 23.45 -32.47 -11.26
N9 ADP J . 23.34 -31.41 -12.29
C8 ADP J . 22.35 -30.49 -12.39
N7 ADP J . 22.55 -29.67 -13.45
C5 ADP J . 23.69 -30.06 -14.07
C6 ADP J . 24.48 -29.63 -15.25
N6 ADP J . 24.09 -28.58 -16.03
N1 ADP J . 25.60 -30.31 -15.53
C2 ADP J . 26.01 -31.35 -14.78
N3 ADP J . 25.34 -31.80 -13.70
C4 ADP J . 24.20 -31.20 -13.30
PB ADP K . -11.39 18.70 6.01
O1B ADP K . -12.11 19.91 6.55
O2B ADP K . -12.20 17.85 5.07
O3B ADP K . -10.01 19.02 5.49
PA ADP K . -11.66 17.86 8.78
O1A ADP K . -10.98 18.93 9.61
O2A ADP K . -13.17 17.85 8.66
O3A ADP K . -11.00 17.80 7.29
O5' ADP K . -11.30 16.39 9.38
C5' ADP K . -10.05 15.71 9.22
C4' ADP K . -10.27 14.21 9.47
O4' ADP K . -10.78 14.00 10.79
C3' ADP K . -11.27 13.59 8.50
O3' ADP K . -10.64 12.54 7.75
C2' ADP K . -12.43 13.07 9.34
O2' ADP K . -12.79 11.72 9.02
C1' ADP K . -11.96 13.17 10.78
N9 ADP K . -13.02 13.77 11.65
C8 ADP K . -13.65 14.95 11.44
N7 ADP K . -14.55 15.21 12.43
C5 ADP K . -14.51 14.16 13.29
C6 ADP K . -15.20 13.78 14.54
N6 ADP K . -16.15 14.58 15.09
N1 ADP K . -14.86 12.60 15.12
C2 ADP K . -13.92 11.79 14.58
N3 ADP K . -13.25 12.07 13.45
C4 ADP K . -13.50 13.22 12.77
PB ADP L . -33.39 21.31 -17.41
O1B ADP L . -32.93 19.87 -17.65
O2B ADP L . -33.33 21.71 -15.95
O3B ADP L . -32.84 22.37 -18.36
PA ADP L . -36.24 20.72 -17.00
O1A ADP L . -37.15 20.11 -18.04
O2A ADP L . -35.76 19.91 -15.83
O3A ADP L . -34.97 21.36 -17.77
O5' ADP L . -36.94 22.06 -16.42
C5' ADP L . -37.33 23.09 -17.31
C4' ADP L . -38.41 23.93 -16.63
O4' ADP L . -39.44 23.03 -16.25
C3' ADP L . -38.00 24.63 -15.33
O3' ADP L . -38.33 26.02 -15.47
C2' ADP L . -38.85 24.11 -14.20
O2' ADP L . -39.46 25.30 -13.66
C1' ADP L . -39.92 23.29 -14.91
N9 ADP L . -40.46 21.97 -14.39
C8 ADP L . -39.96 20.72 -14.60
N7 ADP L . -40.75 19.73 -14.08
C5 ADP L . -41.81 20.36 -13.53
C6 ADP L . -43.03 19.93 -12.82
N6 ADP L . -43.23 18.60 -12.60
N1 ADP L . -43.91 20.89 -12.40
C2 ADP L . -43.69 22.21 -12.64
N3 ADP L . -42.60 22.68 -13.29
C4 ADP L . -41.63 21.82 -13.76
#